data_2DH7
#
_entry.id   2DH7
#
_entity_poly.entity_id   1
_entity_poly.type   'polypeptide(L)'
_entity_poly.pdbx_seq_one_letter_code
;GSSGSSGQKKDTSNHFHVFVGDLSPEITTEDIKSAFAPFGKISDARVVKDMATGKSKGYGFVSFYNKLDAENAIVHMGGQ
WLGGRQIRTNWATRKPPAPSGPSSG
;
_entity_poly.pdbx_strand_id   A
#
# COMPACT_ATOMS: atom_id res chain seq x y z
N GLY A 1 8.77 -13.26 9.30
CA GLY A 1 8.26 -11.91 9.50
C GLY A 1 7.41 -11.80 10.75
N SER A 2 8.03 -11.43 11.86
CA SER A 2 7.33 -11.29 13.13
C SER A 2 6.57 -9.96 13.18
N SER A 3 5.50 -9.94 13.97
CA SER A 3 4.69 -8.74 14.11
C SER A 3 5.06 -7.97 15.38
N GLY A 4 4.47 -6.79 15.54
CA GLY A 4 4.75 -5.97 16.70
C GLY A 4 3.60 -5.04 17.05
N SER A 5 3.91 -4.01 17.83
CA SER A 5 2.89 -3.05 18.24
C SER A 5 2.66 -2.00 17.15
N SER A 6 1.45 -1.45 17.11
CA SER A 6 1.09 -0.45 16.12
C SER A 6 1.84 0.85 16.37
N GLY A 7 2.95 1.04 15.66
CA GLY A 7 3.74 2.24 15.82
C GLY A 7 3.55 3.22 14.68
N GLN A 8 2.30 3.42 14.29
CA GLN A 8 1.98 4.34 13.20
C GLN A 8 2.22 5.79 13.61
N LYS A 9 2.19 6.70 12.64
CA LYS A 9 2.40 8.11 12.91
C LYS A 9 1.06 8.83 13.15
N LYS A 10 0.15 8.69 12.21
CA LYS A 10 -1.16 9.33 12.32
C LYS A 10 -2.28 8.31 12.08
N ASP A 11 -3.28 8.32 12.95
CA ASP A 11 -4.41 7.41 12.83
C ASP A 11 -5.14 7.63 11.51
N THR A 12 -5.01 6.67 10.60
CA THR A 12 -5.67 6.76 9.30
C THR A 12 -7.18 6.92 9.45
N SER A 13 -7.73 7.89 8.75
CA SER A 13 -9.17 8.16 8.80
C SER A 13 -9.93 7.22 7.87
N ASN A 14 -10.02 5.95 8.27
CA ASN A 14 -10.73 4.95 7.47
C ASN A 14 -10.11 4.83 6.08
N HIS A 15 -8.78 4.82 6.03
CA HIS A 15 -8.06 4.71 4.77
C HIS A 15 -7.95 3.25 4.33
N PHE A 16 -7.50 3.04 3.11
CA PHE A 16 -7.35 1.69 2.57
C PHE A 16 -5.87 1.31 2.47
N HIS A 17 -5.50 0.23 3.14
CA HIS A 17 -4.12 -0.25 3.14
C HIS A 17 -3.86 -1.12 1.91
N VAL A 18 -2.85 -0.74 1.14
CA VAL A 18 -2.49 -1.48 -0.07
C VAL A 18 -1.13 -2.15 0.08
N PHE A 19 -1.10 -3.47 -0.08
CA PHE A 19 0.13 -4.22 0.04
C PHE A 19 0.93 -4.19 -1.26
N VAL A 20 2.25 -4.08 -1.14
CA VAL A 20 3.12 -4.04 -2.31
C VAL A 20 4.34 -4.94 -2.13
N GLY A 21 4.38 -6.03 -2.89
CA GLY A 21 5.49 -6.96 -2.79
C GLY A 21 6.51 -6.76 -3.90
N ASP A 22 7.49 -7.64 -3.96
CA ASP A 22 8.53 -7.56 -4.98
C ASP A 22 9.05 -6.13 -5.11
N LEU A 23 9.45 -5.54 -3.99
CA LEU A 23 9.96 -4.17 -3.98
C LEU A 23 11.48 -4.17 -4.15
N SER A 24 11.94 -3.89 -5.37
CA SER A 24 13.36 -3.84 -5.66
C SER A 24 14.14 -3.27 -4.49
N PRO A 25 15.41 -3.66 -4.37
CA PRO A 25 16.29 -3.20 -3.30
C PRO A 25 16.66 -1.72 -3.45
N GLU A 26 16.65 -1.23 -4.68
CA GLU A 26 16.98 0.17 -4.96
C GLU A 26 15.81 1.08 -4.57
N ILE A 27 14.65 0.48 -4.32
CA ILE A 27 13.47 1.24 -3.94
C ILE A 27 13.69 1.97 -2.61
N THR A 28 12.91 3.02 -2.39
CA THR A 28 13.00 3.80 -1.17
C THR A 28 11.65 4.33 -0.74
N THR A 29 11.42 4.37 0.56
CA THR A 29 10.15 4.86 1.10
C THR A 29 9.70 6.14 0.40
N GLU A 30 10.66 7.00 0.08
CA GLU A 30 10.37 8.26 -0.58
C GLU A 30 9.96 8.01 -2.04
N ASP A 31 10.57 7.02 -2.66
CA ASP A 31 10.27 6.68 -4.05
C ASP A 31 8.83 6.21 -4.19
N ILE A 32 8.45 5.24 -3.37
CA ILE A 32 7.10 4.69 -3.41
C ILE A 32 6.06 5.80 -3.20
N LYS A 33 6.29 6.65 -2.21
CA LYS A 33 5.40 7.75 -1.90
C LYS A 33 5.19 8.63 -3.12
N SER A 34 6.24 8.78 -3.93
CA SER A 34 6.17 9.61 -5.12
C SER A 34 5.81 8.77 -6.35
N ALA A 35 5.99 7.45 -6.23
CA ALA A 35 5.68 6.53 -7.32
C ALA A 35 4.21 6.14 -7.31
N PHE A 36 3.52 6.45 -6.22
CA PHE A 36 2.11 6.12 -6.07
C PHE A 36 1.28 7.40 -5.96
N ALA A 37 1.95 8.54 -5.87
CA ALA A 37 1.27 9.82 -5.76
C ALA A 37 0.33 10.05 -6.94
N PRO A 38 0.84 9.77 -8.16
CA PRO A 38 0.06 9.95 -9.39
C PRO A 38 -1.33 9.32 -9.29
N PHE A 39 -1.51 8.44 -8.31
CA PHE A 39 -2.79 7.77 -8.11
C PHE A 39 -3.68 8.57 -7.17
N GLY A 40 -3.11 8.98 -6.04
CA GLY A 40 -3.86 9.75 -5.06
C GLY A 40 -3.00 10.19 -3.88
N LYS A 41 -3.60 10.98 -2.99
CA LYS A 41 -2.89 11.48 -1.82
C LYS A 41 -2.46 10.32 -0.92
N ILE A 42 -1.21 10.37 -0.46
CA ILE A 42 -0.67 9.33 0.41
C ILE A 42 -0.67 9.79 1.87
N SER A 43 -1.14 8.92 2.75
CA SER A 43 -1.20 9.23 4.18
C SER A 43 -0.13 8.45 4.94
N ASP A 44 0.05 7.19 4.57
CA ASP A 44 1.03 6.33 5.22
C ASP A 44 1.70 5.40 4.21
N ALA A 45 3.02 5.48 4.11
CA ALA A 45 3.77 4.64 3.19
C ALA A 45 5.17 4.35 3.72
N ARG A 46 5.57 3.08 3.67
CA ARG A 46 6.88 2.67 4.15
C ARG A 46 7.33 1.38 3.45
N VAL A 47 8.65 1.21 3.36
CA VAL A 47 9.20 0.02 2.72
C VAL A 47 9.98 -0.82 3.72
N VAL A 48 9.35 -1.89 4.21
CA VAL A 48 9.97 -2.78 5.17
C VAL A 48 11.36 -3.21 4.70
N LYS A 49 12.39 -2.80 5.44
CA LYS A 49 13.77 -3.13 5.10
C LYS A 49 14.41 -3.95 6.22
N ASP A 50 15.43 -4.73 5.86
CA ASP A 50 16.13 -5.56 6.82
C ASP A 50 16.92 -4.70 7.81
N MET A 51 17.08 -5.19 9.03
CA MET A 51 17.81 -4.46 10.06
C MET A 51 19.29 -4.87 10.06
N ALA A 52 19.61 -5.90 9.29
CA ALA A 52 20.98 -6.38 9.21
C ALA A 52 21.70 -5.80 7.99
N THR A 53 21.14 -6.06 6.82
CA THR A 53 21.72 -5.56 5.57
C THR A 53 21.20 -4.16 5.24
N GLY A 54 19.93 -3.93 5.50
CA GLY A 54 19.32 -2.64 5.23
C GLY A 54 18.86 -2.51 3.80
N LYS A 55 18.37 -3.62 3.23
CA LYS A 55 17.88 -3.63 1.86
C LYS A 55 16.40 -3.99 1.81
N SER A 56 15.66 -3.30 0.96
CA SER A 56 14.22 -3.55 0.82
C SER A 56 13.93 -5.05 0.85
N LYS A 57 13.41 -5.52 1.97
CA LYS A 57 13.09 -6.93 2.14
C LYS A 57 12.35 -7.46 0.90
N GLY A 58 11.50 -6.61 0.31
CA GLY A 58 10.75 -7.01 -0.86
C GLY A 58 9.25 -6.89 -0.67
N TYR A 59 8.85 -6.02 0.26
CA TYR A 59 7.43 -5.82 0.55
C TYR A 59 7.23 -4.55 1.37
N GLY A 60 6.15 -3.83 1.09
CA GLY A 60 5.86 -2.61 1.81
C GLY A 60 4.37 -2.35 1.93
N PHE A 61 4.02 -1.18 2.46
CA PHE A 61 2.62 -0.81 2.63
C PHE A 61 2.37 0.61 2.14
N VAL A 62 1.23 0.82 1.50
CA VAL A 62 0.86 2.13 0.97
C VAL A 62 -0.63 2.40 1.15
N SER A 63 -0.96 3.27 2.09
CA SER A 63 -2.36 3.60 2.35
C SER A 63 -2.82 4.74 1.44
N PHE A 64 -4.12 4.80 1.19
CA PHE A 64 -4.70 5.83 0.33
C PHE A 64 -5.90 6.49 1.01
N TYR A 65 -6.09 7.78 0.74
CA TYR A 65 -7.19 8.52 1.32
C TYR A 65 -8.54 7.93 0.90
N ASN A 66 -8.63 7.53 -0.36
CA ASN A 66 -9.85 6.93 -0.90
C ASN A 66 -9.58 5.55 -1.48
N LYS A 67 -10.64 4.89 -1.92
CA LYS A 67 -10.53 3.55 -2.50
C LYS A 67 -10.15 3.62 -3.97
N LEU A 68 -10.95 4.35 -4.74
CA LEU A 68 -10.69 4.50 -6.17
C LEU A 68 -9.21 4.75 -6.43
N ASP A 69 -8.66 5.75 -5.78
CA ASP A 69 -7.25 6.09 -5.94
C ASP A 69 -6.36 4.87 -5.74
N ALA A 70 -6.65 4.10 -4.69
CA ALA A 70 -5.88 2.90 -4.39
C ALA A 70 -5.98 1.89 -5.53
N GLU A 71 -7.20 1.59 -5.95
CA GLU A 71 -7.44 0.64 -7.03
C GLU A 71 -6.57 0.98 -8.24
N ASN A 72 -6.49 2.27 -8.56
CA ASN A 72 -5.70 2.72 -9.70
C ASN A 72 -4.28 2.18 -9.63
N ALA A 73 -3.65 2.33 -8.46
CA ALA A 73 -2.29 1.85 -8.25
C ALA A 73 -2.23 0.32 -8.28
N ILE A 74 -3.08 -0.30 -7.47
CA ILE A 74 -3.12 -1.76 -7.39
C ILE A 74 -3.08 -2.38 -8.79
N VAL A 75 -3.76 -1.75 -9.73
CA VAL A 75 -3.80 -2.24 -11.11
C VAL A 75 -2.61 -1.72 -11.91
N HIS A 76 -2.45 -0.40 -11.91
CA HIS A 76 -1.34 0.22 -12.65
C HIS A 76 0.01 -0.28 -12.14
N MET A 77 0.31 0.01 -10.88
CA MET A 77 1.56 -0.42 -10.27
C MET A 77 1.71 -1.94 -10.34
N GLY A 78 0.60 -2.65 -10.12
CA GLY A 78 0.63 -4.09 -10.16
C GLY A 78 1.53 -4.63 -11.27
N GLY A 79 2.78 -4.91 -10.93
CA GLY A 79 3.71 -5.43 -11.91
C GLY A 79 4.54 -4.33 -12.55
N GLN A 80 3.97 -3.13 -12.64
CA GLN A 80 4.66 -2.00 -13.23
C GLN A 80 6.14 -2.00 -12.85
N TRP A 81 6.98 -1.50 -13.74
CA TRP A 81 8.41 -1.45 -13.50
C TRP A 81 8.81 -0.13 -12.85
N LEU A 82 8.84 -0.12 -11.51
CA LEU A 82 9.20 1.09 -10.77
C LEU A 82 10.70 1.16 -10.55
N GLY A 83 11.22 0.27 -9.71
CA GLY A 83 12.64 0.25 -9.43
C GLY A 83 13.30 -1.06 -9.82
N GLY A 84 14.22 -1.00 -10.77
CA GLY A 84 14.91 -2.19 -11.22
C GLY A 84 13.95 -3.29 -11.63
N ARG A 85 13.60 -4.15 -10.67
CA ARG A 85 12.68 -5.25 -10.93
C ARG A 85 11.23 -4.79 -10.84
N GLN A 86 10.31 -5.69 -11.15
CA GLN A 86 8.88 -5.37 -11.11
C GLN A 86 8.37 -5.35 -9.67
N ILE A 87 7.10 -5.02 -9.52
CA ILE A 87 6.48 -4.97 -8.19
C ILE A 87 5.09 -5.59 -8.20
N ARG A 88 4.58 -5.93 -7.02
CA ARG A 88 3.26 -6.53 -6.89
C ARG A 88 2.34 -5.64 -6.06
N THR A 89 1.04 -5.92 -6.13
CA THR A 89 0.06 -5.15 -5.38
C THR A 89 -1.15 -6.01 -5.01
N ASN A 90 -1.67 -5.81 -3.81
CA ASN A 90 -2.82 -6.57 -3.33
C ASN A 90 -3.51 -5.84 -2.19
N TRP A 91 -4.74 -6.26 -1.88
CA TRP A 91 -5.51 -5.65 -0.80
C TRP A 91 -5.13 -6.25 0.54
N ALA A 92 -4.07 -5.73 1.15
CA ALA A 92 -3.60 -6.20 2.44
C ALA A 92 -4.78 -6.48 3.38
N THR A 93 -5.79 -5.62 3.31
CA THR A 93 -6.97 -5.76 4.16
C THR A 93 -7.73 -7.05 3.84
N ARG A 94 -8.16 -7.75 4.87
CA ARG A 94 -8.89 -9.00 4.69
C ARG A 94 -10.27 -8.91 5.35
N LYS A 95 -11.29 -9.39 4.64
CA LYS A 95 -12.65 -9.37 5.14
C LYS A 95 -13.21 -10.79 5.28
N PRO A 96 -13.98 -11.03 6.35
CA PRO A 96 -14.57 -12.34 6.61
C PRO A 96 -15.68 -12.68 5.61
N PRO A 97 -15.77 -13.97 5.25
CA PRO A 97 -16.78 -14.46 4.30
C PRO A 97 -18.18 -14.43 4.89
N ALA A 98 -19.16 -14.08 4.06
CA ALA A 98 -20.55 -14.02 4.50
C ALA A 98 -21.13 -15.42 4.65
N PRO A 99 -22.00 -15.60 5.66
CA PRO A 99 -22.65 -16.89 5.94
C PRO A 99 -23.66 -17.26 4.87
N SER A 100 -24.29 -18.42 5.04
CA SER A 100 -25.28 -18.90 4.09
C SER A 100 -26.57 -19.30 4.80
N GLY A 101 -27.58 -19.68 4.02
CA GLY A 101 -28.85 -20.08 4.59
C GLY A 101 -29.45 -21.27 3.88
N PRO A 102 -28.85 -22.45 4.07
CA PRO A 102 -29.32 -23.70 3.45
C PRO A 102 -30.64 -24.17 4.04
N SER A 103 -31.21 -25.22 3.44
CA SER A 103 -32.47 -25.76 3.90
C SER A 103 -32.78 -27.08 3.19
N SER A 104 -33.13 -28.10 3.97
CA SER A 104 -33.45 -29.41 3.42
C SER A 104 -34.36 -30.19 4.36
N GLY A 105 -34.89 -31.31 3.88
CA GLY A 105 -35.77 -32.12 4.68
C GLY A 105 -37.15 -32.27 4.06
N GLY A 1 -16.43 3.55 11.27
CA GLY A 1 -17.05 4.57 12.09
C GLY A 1 -18.08 5.39 11.32
N SER A 2 -17.97 6.71 11.43
CA SER A 2 -18.90 7.60 10.75
C SER A 2 -18.16 8.61 9.88
N SER A 3 -18.91 9.44 9.17
CA SER A 3 -18.32 10.45 8.30
C SER A 3 -18.64 11.86 8.79
N GLY A 4 -18.11 12.86 8.09
CA GLY A 4 -18.34 14.23 8.48
C GLY A 4 -17.36 14.71 9.53
N SER A 5 -16.11 14.93 9.12
CA SER A 5 -15.08 15.39 10.03
C SER A 5 -14.62 16.81 9.67
N SER A 6 -14.58 17.68 10.67
CA SER A 6 -14.17 19.06 10.44
C SER A 6 -12.67 19.15 10.22
N GLY A 7 -11.90 18.71 11.20
CA GLY A 7 -10.45 18.75 11.09
C GLY A 7 -9.85 17.38 10.82
N GLN A 8 -8.64 17.36 10.28
CA GLN A 8 -7.97 16.10 9.98
C GLN A 8 -7.09 15.65 11.15
N LYS A 9 -6.78 14.36 11.20
CA LYS A 9 -5.96 13.81 12.26
C LYS A 9 -4.59 13.38 11.73
N LYS A 10 -3.67 13.12 12.64
CA LYS A 10 -2.33 12.69 12.25
C LYS A 10 -2.22 11.16 12.25
N ASP A 11 -3.26 10.51 11.76
CA ASP A 11 -3.28 9.05 11.69
C ASP A 11 -4.39 8.57 10.76
N THR A 12 -4.11 7.51 10.00
CA THR A 12 -5.08 6.95 9.08
C THR A 12 -6.33 6.48 9.81
N SER A 13 -7.49 6.99 9.41
CA SER A 13 -8.75 6.62 10.03
C SER A 13 -9.68 5.94 9.02
N ASN A 14 -10.02 6.66 7.97
CA ASN A 14 -10.90 6.13 6.93
C ASN A 14 -10.14 5.91 5.63
N HIS A 15 -8.92 5.37 5.74
CA HIS A 15 -8.09 5.11 4.57
C HIS A 15 -7.93 3.61 4.35
N PHE A 16 -7.65 3.23 3.10
CA PHE A 16 -7.47 1.83 2.75
C PHE A 16 -6.00 1.48 2.60
N HIS A 17 -5.57 0.42 3.28
CA HIS A 17 -4.18 -0.01 3.24
C HIS A 17 -3.94 -0.89 2.01
N VAL A 18 -2.88 -0.60 1.28
CA VAL A 18 -2.53 -1.37 0.08
C VAL A 18 -1.17 -2.02 0.22
N PHE A 19 -1.13 -3.34 0.07
CA PHE A 19 0.11 -4.09 0.17
C PHE A 19 0.86 -4.11 -1.16
N VAL A 20 2.18 -3.96 -1.09
CA VAL A 20 3.01 -3.95 -2.30
C VAL A 20 4.22 -4.86 -2.12
N GLY A 21 4.24 -5.96 -2.87
CA GLY A 21 5.36 -6.89 -2.79
C GLY A 21 6.31 -6.77 -3.96
N ASP A 22 7.30 -7.66 -4.01
CA ASP A 22 8.27 -7.65 -5.09
C ASP A 22 8.83 -6.23 -5.30
N LEU A 23 9.11 -5.55 -4.19
CA LEU A 23 9.65 -4.20 -4.26
C LEU A 23 11.17 -4.22 -4.39
N SER A 24 11.67 -3.87 -5.56
CA SER A 24 13.10 -3.85 -5.82
C SER A 24 13.87 -3.40 -4.59
N PRO A 25 15.12 -3.86 -4.46
CA PRO A 25 15.98 -3.51 -3.33
C PRO A 25 16.42 -2.05 -3.37
N GLU A 26 16.33 -1.44 -4.54
CA GLU A 26 16.72 -0.04 -4.71
C GLU A 26 15.56 0.89 -4.40
N ILE A 27 14.42 0.30 -4.02
CA ILE A 27 13.24 1.08 -3.69
C ILE A 27 13.38 1.75 -2.32
N THR A 28 12.79 2.94 -2.20
CA THR A 28 12.85 3.68 -0.94
C THR A 28 11.51 4.35 -0.65
N THR A 29 11.17 4.43 0.64
CA THR A 29 9.92 5.05 1.07
C THR A 29 9.60 6.27 0.23
N GLU A 30 10.63 7.02 -0.15
CA GLU A 30 10.47 8.22 -0.95
C GLU A 30 9.97 7.87 -2.35
N ASP A 31 10.64 6.91 -2.99
CA ASP A 31 10.26 6.48 -4.33
C ASP A 31 8.80 6.08 -4.39
N ILE A 32 8.39 5.20 -3.49
CA ILE A 32 7.01 4.73 -3.44
C ILE A 32 6.05 5.90 -3.27
N LYS A 33 6.40 6.83 -2.40
CA LYS A 33 5.57 8.01 -2.16
C LYS A 33 5.44 8.87 -3.41
N SER A 34 6.53 8.96 -4.17
CA SER A 34 6.54 9.75 -5.39
C SER A 34 6.19 8.88 -6.60
N ALA A 35 6.13 7.57 -6.39
CA ALA A 35 5.80 6.63 -7.45
C ALA A 35 4.32 6.27 -7.42
N PHE A 36 3.70 6.40 -6.26
CA PHE A 36 2.29 6.08 -6.09
C PHE A 36 1.45 7.35 -6.00
N ALA A 37 2.12 8.49 -5.84
CA ALA A 37 1.43 9.77 -5.75
C ALA A 37 0.48 9.98 -6.92
N PRO A 38 0.96 9.68 -8.14
CA PRO A 38 0.17 9.82 -9.36
C PRO A 38 -1.22 9.19 -9.23
N PHE A 39 -1.38 8.34 -8.22
CA PHE A 39 -2.67 7.68 -7.99
C PHE A 39 -3.54 8.50 -7.04
N GLY A 40 -2.96 8.88 -5.90
CA GLY A 40 -3.71 9.67 -4.94
C GLY A 40 -2.87 10.05 -3.72
N LYS A 41 -3.28 11.09 -3.02
CA LYS A 41 -2.57 11.54 -1.84
C LYS A 41 -2.27 10.38 -0.90
N ILE A 42 -1.00 10.26 -0.50
CA ILE A 42 -0.58 9.20 0.39
C ILE A 42 -0.54 9.67 1.84
N SER A 43 -1.02 8.83 2.75
CA SER A 43 -1.04 9.16 4.17
C SER A 43 -0.09 8.27 4.95
N ASP A 44 -0.05 6.99 4.59
CA ASP A 44 0.82 6.03 5.25
C ASP A 44 1.55 5.16 4.24
N ALA A 45 2.82 5.46 4.02
CA ALA A 45 3.63 4.70 3.07
C ALA A 45 5.01 4.40 3.64
N ARG A 46 5.43 3.15 3.55
CA ARG A 46 6.73 2.73 4.05
C ARG A 46 7.22 1.48 3.34
N VAL A 47 8.54 1.28 3.34
CA VAL A 47 9.14 0.13 2.68
C VAL A 47 9.88 -0.74 3.68
N VAL A 48 9.25 -1.83 4.10
CA VAL A 48 9.85 -2.75 5.06
C VAL A 48 11.24 -3.19 4.60
N LYS A 49 12.24 -2.95 5.45
CA LYS A 49 13.60 -3.32 5.14
C LYS A 49 14.15 -4.31 6.16
N ASP A 50 15.14 -5.10 5.74
CA ASP A 50 15.75 -6.09 6.63
C ASP A 50 16.48 -5.41 7.78
N MET A 51 16.51 -6.09 8.92
CA MET A 51 17.17 -5.55 10.10
C MET A 51 18.60 -6.09 10.22
N ALA A 52 18.92 -7.06 9.38
CA ALA A 52 20.26 -7.67 9.38
C ALA A 52 21.18 -6.94 8.41
N THR A 53 20.74 -6.81 7.16
CA THR A 53 21.53 -6.14 6.14
C THR A 53 21.05 -4.71 5.92
N GLY A 54 19.74 -4.52 5.93
CA GLY A 54 19.17 -3.20 5.73
C GLY A 54 18.67 -3.00 4.31
N LYS A 55 18.30 -4.08 3.65
CA LYS A 55 17.80 -4.02 2.28
C LYS A 55 16.31 -4.32 2.24
N SER A 56 15.62 -3.72 1.27
CA SER A 56 14.19 -3.92 1.12
C SER A 56 13.83 -5.40 1.28
N LYS A 57 13.07 -5.70 2.33
CA LYS A 57 12.66 -7.07 2.61
C LYS A 57 11.97 -7.68 1.40
N GLY A 58 11.15 -6.88 0.71
CA GLY A 58 10.45 -7.37 -0.46
C GLY A 58 8.96 -7.11 -0.39
N TYR A 59 8.56 -6.18 0.46
CA TYR A 59 7.15 -5.84 0.64
C TYR A 59 6.98 -4.55 1.44
N GLY A 60 5.91 -3.82 1.15
CA GLY A 60 5.66 -2.57 1.86
C GLY A 60 4.18 -2.31 2.03
N PHE A 61 3.86 -1.10 2.50
CA PHE A 61 2.47 -0.71 2.72
C PHE A 61 2.21 0.70 2.22
N VAL A 62 1.09 0.89 1.54
CA VAL A 62 0.73 2.21 1.01
C VAL A 62 -0.77 2.47 1.17
N SER A 63 -1.12 3.37 2.09
CA SER A 63 -2.51 3.71 2.34
C SER A 63 -2.94 4.92 1.51
N PHE A 64 -4.16 4.89 1.00
CA PHE A 64 -4.69 5.98 0.19
C PHE A 64 -5.89 6.63 0.87
N TYR A 65 -6.04 7.93 0.67
CA TYR A 65 -7.14 8.68 1.26
C TYR A 65 -8.49 8.08 0.83
N ASN A 66 -8.57 7.66 -0.42
CA ASN A 66 -9.79 7.08 -0.95
C ASN A 66 -9.53 5.69 -1.53
N LYS A 67 -10.57 4.87 -1.58
CA LYS A 67 -10.45 3.51 -2.12
C LYS A 67 -10.03 3.55 -3.58
N LEU A 68 -10.86 4.17 -4.41
CA LEU A 68 -10.57 4.28 -5.84
C LEU A 68 -9.09 4.55 -6.09
N ASP A 69 -8.55 5.55 -5.39
CA ASP A 69 -7.15 5.91 -5.52
C ASP A 69 -6.26 4.67 -5.40
N ALA A 70 -6.60 3.78 -4.47
CA ALA A 70 -5.84 2.57 -4.25
C ALA A 70 -5.99 1.60 -5.42
N GLU A 71 -7.23 1.37 -5.83
CA GLU A 71 -7.52 0.48 -6.94
C GLU A 71 -6.70 0.85 -8.17
N ASN A 72 -6.56 2.15 -8.41
CA ASN A 72 -5.81 2.65 -9.55
C ASN A 72 -4.37 2.10 -9.53
N ALA A 73 -3.68 2.30 -8.42
CA ALA A 73 -2.30 1.83 -8.29
C ALA A 73 -2.24 0.31 -8.39
N ILE A 74 -2.91 -0.38 -7.48
CA ILE A 74 -2.93 -1.83 -7.47
C ILE A 74 -3.00 -2.39 -8.89
N VAL A 75 -3.81 -1.74 -9.73
CA VAL A 75 -3.97 -2.16 -11.11
C VAL A 75 -2.70 -1.89 -11.92
N HIS A 76 -2.36 -0.61 -12.07
CA HIS A 76 -1.18 -0.22 -12.82
C HIS A 76 0.09 -0.75 -12.15
N MET A 77 0.33 -0.31 -10.91
CA MET A 77 1.50 -0.74 -10.16
C MET A 77 1.73 -2.23 -10.31
N GLY A 78 0.66 -3.02 -10.12
CA GLY A 78 0.77 -4.45 -10.24
C GLY A 78 1.66 -4.88 -11.39
N GLY A 79 2.95 -5.08 -11.09
CA GLY A 79 3.89 -5.49 -12.12
C GLY A 79 4.67 -4.32 -12.68
N GLN A 80 4.06 -3.14 -12.68
CA GLN A 80 4.71 -1.94 -13.20
C GLN A 80 6.20 -1.95 -12.86
N TRP A 81 6.98 -1.23 -13.66
CA TRP A 81 8.42 -1.15 -13.44
C TRP A 81 8.81 0.17 -12.77
N LEU A 82 8.84 0.16 -11.44
CA LEU A 82 9.19 1.35 -10.68
C LEU A 82 10.70 1.51 -10.56
N GLY A 83 11.31 0.63 -9.76
CA GLY A 83 12.75 0.68 -9.58
C GLY A 83 13.42 -0.65 -9.88
N GLY A 84 14.33 -0.64 -10.85
CA GLY A 84 15.03 -1.86 -11.21
C GLY A 84 14.08 -2.96 -11.63
N ARG A 85 13.74 -3.83 -10.69
CA ARG A 85 12.84 -4.94 -10.96
C ARG A 85 11.38 -4.49 -10.93
N GLN A 86 10.46 -5.42 -11.19
CA GLN A 86 9.04 -5.11 -11.18
C GLN A 86 8.51 -5.05 -9.76
N ILE A 87 7.20 -4.81 -9.64
CA ILE A 87 6.56 -4.73 -8.32
C ILE A 87 5.23 -5.47 -8.32
N ARG A 88 4.73 -5.79 -7.14
CA ARG A 88 3.46 -6.49 -6.99
C ARG A 88 2.52 -5.74 -6.06
N THR A 89 1.23 -5.78 -6.39
CA THR A 89 0.22 -5.11 -5.58
C THR A 89 -0.83 -6.08 -5.07
N ASN A 90 -1.44 -5.74 -3.94
CA ASN A 90 -2.46 -6.60 -3.33
C ASN A 90 -3.19 -5.86 -2.21
N TRP A 91 -4.38 -6.34 -1.87
CA TRP A 91 -5.17 -5.73 -0.80
C TRP A 91 -4.84 -6.35 0.54
N ALA A 92 -4.56 -5.51 1.53
CA ALA A 92 -4.23 -5.97 2.87
C ALA A 92 -5.46 -6.00 3.77
N THR A 93 -6.27 -4.95 3.68
CA THR A 93 -7.48 -4.86 4.49
C THR A 93 -8.35 -6.10 4.31
N ARG A 94 -8.33 -6.99 5.30
CA ARG A 94 -9.12 -8.21 5.25
C ARG A 94 -9.83 -8.45 6.58
N LYS A 95 -11.01 -9.06 6.51
CA LYS A 95 -11.79 -9.35 7.71
C LYS A 95 -12.24 -8.06 8.39
N PRO A 96 -12.87 -7.16 7.62
CA PRO A 96 -13.36 -5.88 8.14
C PRO A 96 -14.54 -6.05 9.09
N PRO A 97 -14.66 -5.13 10.06
CA PRO A 97 -15.74 -5.16 11.04
C PRO A 97 -17.09 -4.82 10.43
N ALA A 98 -18.10 -5.64 10.70
CA ALA A 98 -19.43 -5.43 10.18
C ALA A 98 -20.44 -6.36 10.85
N PRO A 99 -21.67 -5.85 11.05
CA PRO A 99 -22.75 -6.61 11.69
C PRO A 99 -23.25 -7.75 10.79
N SER A 100 -23.52 -8.90 11.41
CA SER A 100 -24.01 -10.06 10.68
C SER A 100 -25.52 -10.01 10.53
N GLY A 101 -25.98 -9.41 9.42
CA GLY A 101 -27.40 -9.31 9.18
C GLY A 101 -28.10 -8.39 10.16
N PRO A 102 -28.02 -7.08 9.91
CA PRO A 102 -28.64 -6.07 10.78
C PRO A 102 -30.16 -6.09 10.69
N SER A 103 -30.81 -5.99 11.85
CA SER A 103 -32.27 -6.01 11.91
C SER A 103 -32.82 -4.61 12.19
N SER A 104 -33.25 -3.93 11.13
CA SER A 104 -33.80 -2.58 11.26
C SER A 104 -35.00 -2.57 12.20
N GLY A 105 -35.11 -1.52 13.01
CA GLY A 105 -36.22 -1.41 13.93
C GLY A 105 -36.11 -0.18 14.83
N GLY A 1 -11.87 22.97 5.79
CA GLY A 1 -10.84 23.71 6.49
C GLY A 1 -10.71 25.14 5.99
N SER A 2 -10.50 26.07 6.92
CA SER A 2 -10.36 27.48 6.57
C SER A 2 -9.02 28.04 7.03
N SER A 3 -8.74 27.86 8.32
CA SER A 3 -7.48 28.34 8.89
C SER A 3 -6.29 27.64 8.26
N GLY A 4 -5.10 28.15 8.55
CA GLY A 4 -3.88 27.55 8.00
C GLY A 4 -3.36 26.43 8.85
N SER A 5 -3.46 25.20 8.34
CA SER A 5 -3.00 24.02 9.07
C SER A 5 -1.96 23.26 8.26
N SER A 6 -0.78 23.07 8.86
CA SER A 6 0.31 22.35 8.20
C SER A 6 -0.03 20.87 8.03
N GLY A 7 -0.11 20.44 6.78
CA GLY A 7 -0.43 19.04 6.50
C GLY A 7 -1.79 18.65 7.01
N GLN A 8 -2.76 18.58 6.12
CA GLN A 8 -4.13 18.21 6.48
C GLN A 8 -4.27 16.70 6.60
N LYS A 9 -4.28 16.20 7.83
CA LYS A 9 -4.41 14.77 8.07
C LYS A 9 -5.77 14.44 8.69
N LYS A 10 -6.51 13.53 8.05
CA LYS A 10 -7.82 13.13 8.55
C LYS A 10 -7.72 11.89 9.43
N ASP A 11 -6.57 11.72 10.08
CA ASP A 11 -6.35 10.58 10.94
C ASP A 11 -6.64 9.27 10.21
N THR A 12 -6.04 9.12 9.03
CA THR A 12 -6.24 7.92 8.24
C THR A 12 -7.66 7.37 8.40
N SER A 13 -8.65 8.23 8.20
CA SER A 13 -10.04 7.82 8.32
C SER A 13 -10.29 6.48 7.65
N ASN A 14 -10.18 5.41 8.42
CA ASN A 14 -10.39 4.06 7.90
C ASN A 14 -9.90 3.95 6.45
N HIS A 15 -8.81 4.65 6.15
CA HIS A 15 -8.24 4.63 4.81
C HIS A 15 -8.06 3.20 4.32
N PHE A 16 -7.65 3.07 3.06
CA PHE A 16 -7.43 1.76 2.47
C PHE A 16 -5.95 1.44 2.36
N HIS A 17 -5.53 0.34 2.98
CA HIS A 17 -4.13 -0.06 2.95
C HIS A 17 -3.86 -0.98 1.76
N VAL A 18 -2.76 -0.71 1.06
CA VAL A 18 -2.38 -1.50 -0.10
C VAL A 18 -1.04 -2.19 0.11
N PHE A 19 -1.04 -3.51 0.01
CA PHE A 19 0.19 -4.29 0.19
C PHE A 19 0.99 -4.36 -1.11
N VAL A 20 2.31 -4.28 -0.99
CA VAL A 20 3.19 -4.34 -2.16
C VAL A 20 4.24 -5.43 -2.00
N GLY A 21 4.56 -6.10 -3.10
CA GLY A 21 5.55 -7.16 -3.06
C GLY A 21 6.59 -7.02 -4.16
N ASP A 22 7.73 -7.66 -3.97
CA ASP A 22 8.81 -7.61 -4.95
C ASP A 22 9.41 -6.20 -5.03
N LEU A 23 9.44 -5.51 -3.89
CA LEU A 23 9.98 -4.16 -3.84
C LEU A 23 11.49 -4.17 -4.00
N SER A 24 11.96 -3.89 -5.22
CA SER A 24 13.38 -3.87 -5.51
C SER A 24 14.17 -3.33 -4.32
N PRO A 25 15.43 -3.75 -4.21
CA PRO A 25 16.32 -3.32 -3.12
C PRO A 25 16.72 -1.86 -3.24
N GLU A 26 16.57 -1.30 -4.44
CA GLU A 26 16.90 0.10 -4.68
C GLU A 26 15.72 1.01 -4.37
N ILE A 27 14.60 0.41 -4.01
CA ILE A 27 13.40 1.17 -3.68
C ILE A 27 13.57 1.93 -2.38
N THR A 28 12.98 3.12 -2.32
CA THR A 28 13.07 3.95 -1.13
C THR A 28 11.71 4.54 -0.76
N THR A 29 11.49 4.74 0.54
CA THR A 29 10.22 5.29 1.02
C THR A 29 9.86 6.56 0.27
N GLU A 30 10.87 7.30 -0.17
CA GLU A 30 10.65 8.55 -0.90
C GLU A 30 10.28 8.25 -2.35
N ASP A 31 10.66 7.08 -2.83
CA ASP A 31 10.37 6.68 -4.21
C ASP A 31 8.93 6.21 -4.34
N ILE A 32 8.53 5.31 -3.44
CA ILE A 32 7.17 4.78 -3.46
C ILE A 32 6.14 5.89 -3.35
N LYS A 33 6.39 6.85 -2.47
CA LYS A 33 5.49 7.98 -2.27
C LYS A 33 5.28 8.75 -3.57
N SER A 34 6.37 8.98 -4.29
CA SER A 34 6.30 9.71 -5.56
C SER A 34 5.89 8.78 -6.70
N ALA A 35 6.00 7.48 -6.46
CA ALA A 35 5.63 6.48 -7.46
C ALA A 35 4.16 6.10 -7.35
N PHE A 36 3.58 6.36 -6.17
CA PHE A 36 2.17 6.03 -5.93
C PHE A 36 1.33 7.31 -5.87
N ALA A 37 2.00 8.45 -5.82
CA ALA A 37 1.31 9.74 -5.76
C ALA A 37 0.38 9.92 -6.95
N PRO A 38 0.89 9.59 -8.16
CA PRO A 38 0.13 9.71 -9.40
C PRO A 38 -1.26 9.10 -9.28
N PHE A 39 -1.46 8.26 -8.27
CA PHE A 39 -2.74 7.61 -8.04
C PHE A 39 -3.60 8.42 -7.08
N GLY A 40 -2.95 9.09 -6.14
CA GLY A 40 -3.67 9.89 -5.17
C GLY A 40 -2.83 10.22 -3.94
N LYS A 41 -3.41 10.97 -3.02
CA LYS A 41 -2.71 11.36 -1.80
C LYS A 41 -2.34 10.13 -0.97
N ILE A 42 -1.17 10.18 -0.33
CA ILE A 42 -0.71 9.08 0.49
C ILE A 42 -0.65 9.48 1.96
N SER A 43 -1.31 8.70 2.81
CA SER A 43 -1.33 8.97 4.25
C SER A 43 -0.22 8.21 4.97
N ASP A 44 0.03 6.98 4.51
CA ASP A 44 1.06 6.14 5.12
C ASP A 44 1.72 5.27 4.06
N ALA A 45 3.02 5.47 3.87
CA ALA A 45 3.78 4.69 2.89
C ALA A 45 5.21 4.46 3.35
N ARG A 46 5.58 3.20 3.52
CA ARG A 46 6.92 2.85 3.96
C ARG A 46 7.36 1.51 3.37
N VAL A 47 8.66 1.25 3.41
CA VAL A 47 9.21 0.01 2.87
C VAL A 47 9.83 -0.84 3.98
N VAL A 48 9.13 -1.89 4.37
CA VAL A 48 9.62 -2.79 5.42
C VAL A 48 10.97 -3.38 5.05
N LYS A 49 11.95 -3.19 5.94
CA LYS A 49 13.29 -3.71 5.70
C LYS A 49 13.72 -4.63 6.85
N ASP A 50 14.69 -5.50 6.56
CA ASP A 50 15.18 -6.44 7.55
C ASP A 50 15.86 -5.70 8.70
N MET A 51 15.95 -6.37 9.85
CA MET A 51 16.59 -5.77 11.02
C MET A 51 18.00 -6.32 11.22
N ALA A 52 18.32 -7.39 10.50
CA ALA A 52 19.64 -8.00 10.59
C ALA A 52 20.60 -7.39 9.57
N THR A 53 20.14 -7.28 8.33
CA THR A 53 20.96 -6.72 7.26
C THR A 53 20.55 -5.29 6.95
N GLY A 54 19.24 -5.03 6.97
CA GLY A 54 18.75 -3.70 6.69
C GLY A 54 18.44 -3.49 5.22
N LYS A 55 18.01 -4.56 4.55
CA LYS A 55 17.69 -4.48 3.13
C LYS A 55 16.19 -4.66 2.91
N SER A 56 15.69 -4.14 1.79
CA SER A 56 14.28 -4.23 1.46
C SER A 56 13.82 -5.69 1.46
N LYS A 57 13.13 -6.08 2.53
CA LYS A 57 12.63 -7.44 2.66
C LYS A 57 11.98 -7.91 1.36
N GLY A 58 11.26 -7.00 0.70
CA GLY A 58 10.61 -7.34 -0.54
C GLY A 58 9.12 -7.06 -0.51
N TYR A 59 8.69 -6.25 0.45
CA TYR A 59 7.28 -5.90 0.58
C TYR A 59 7.12 -4.63 1.42
N GLY A 60 6.11 -3.83 1.06
CA GLY A 60 5.86 -2.60 1.79
C GLY A 60 4.38 -2.32 1.96
N PHE A 61 4.06 -1.17 2.55
CA PHE A 61 2.67 -0.80 2.78
C PHE A 61 2.40 0.61 2.27
N VAL A 62 1.22 0.81 1.70
CA VAL A 62 0.83 2.12 1.17
C VAL A 62 -0.68 2.32 1.27
N SER A 63 -1.09 3.18 2.21
CA SER A 63 -2.50 3.47 2.41
C SER A 63 -2.93 4.68 1.60
N PHE A 64 -4.14 4.62 1.06
CA PHE A 64 -4.67 5.72 0.25
C PHE A 64 -5.85 6.39 0.95
N TYR A 65 -5.95 7.71 0.79
CA TYR A 65 -7.02 8.47 1.41
C TYR A 65 -8.39 7.92 1.00
N ASN A 66 -8.49 7.48 -0.24
CA ASN A 66 -9.74 6.94 -0.75
C ASN A 66 -9.52 5.54 -1.36
N LYS A 67 -10.60 4.95 -1.86
CA LYS A 67 -10.54 3.62 -2.46
C LYS A 67 -10.17 3.72 -3.94
N LEU A 68 -10.76 4.70 -4.62
CA LEU A 68 -10.50 4.90 -6.04
C LEU A 68 -9.01 4.99 -6.32
N ASP A 69 -8.38 6.03 -5.79
CA ASP A 69 -6.95 6.23 -5.98
C ASP A 69 -6.18 4.92 -5.80
N ALA A 70 -6.41 4.27 -4.66
CA ALA A 70 -5.74 3.02 -4.35
C ALA A 70 -5.98 2.00 -5.46
N GLU A 71 -7.25 1.71 -5.73
CA GLU A 71 -7.60 0.75 -6.77
C GLU A 71 -6.80 0.99 -8.05
N ASN A 72 -6.75 2.25 -8.47
CA ASN A 72 -6.01 2.63 -9.67
C ASN A 72 -4.60 2.04 -9.65
N ALA A 73 -3.86 2.32 -8.59
CA ALA A 73 -2.50 1.82 -8.45
C ALA A 73 -2.46 0.30 -8.52
N ILE A 74 -3.15 -0.35 -7.58
CA ILE A 74 -3.20 -1.80 -7.54
C ILE A 74 -3.30 -2.39 -8.94
N VAL A 75 -4.06 -1.73 -9.81
CA VAL A 75 -4.23 -2.17 -11.18
C VAL A 75 -3.00 -1.83 -12.03
N HIS A 76 -2.56 -0.59 -11.94
CA HIS A 76 -1.40 -0.13 -12.70
C HIS A 76 -0.11 -0.65 -12.08
N MET A 77 0.16 -0.25 -10.85
CA MET A 77 1.37 -0.67 -10.14
C MET A 77 1.58 -2.17 -10.31
N GLY A 78 0.52 -2.95 -10.10
CA GLY A 78 0.62 -4.39 -10.23
C GLY A 78 1.49 -4.81 -11.40
N GLY A 79 2.77 -5.07 -11.12
CA GLY A 79 3.69 -5.48 -12.17
C GLY A 79 4.50 -4.31 -12.71
N GLN A 80 3.91 -3.13 -12.70
CA GLN A 80 4.58 -1.93 -13.19
C GLN A 80 6.06 -1.95 -12.83
N TRP A 81 6.86 -1.20 -13.58
CA TRP A 81 8.29 -1.12 -13.34
C TRP A 81 8.66 0.17 -12.62
N LEU A 82 8.75 0.10 -11.29
CA LEU A 82 9.09 1.28 -10.49
C LEU A 82 10.60 1.37 -10.28
N GLY A 83 11.14 0.45 -9.48
CA GLY A 83 12.56 0.45 -9.22
C GLY A 83 13.23 -0.82 -9.69
N GLY A 84 14.15 -0.68 -10.64
CA GLY A 84 14.85 -1.85 -11.16
C GLY A 84 13.90 -2.94 -11.62
N ARG A 85 13.58 -3.86 -10.72
CA ARG A 85 12.69 -4.96 -11.05
C ARG A 85 11.23 -4.51 -10.96
N GLN A 86 10.31 -5.44 -11.27
CA GLN A 86 8.89 -5.14 -11.22
C GLN A 86 8.37 -5.22 -9.79
N ILE A 87 7.08 -4.92 -9.61
CA ILE A 87 6.46 -4.96 -8.29
C ILE A 87 5.08 -5.61 -8.35
N ARG A 88 4.50 -5.88 -7.19
CA ARG A 88 3.19 -6.50 -7.11
C ARG A 88 2.29 -5.74 -6.13
N THR A 89 0.98 -5.76 -6.41
CA THR A 89 0.02 -5.08 -5.56
C THR A 89 -1.08 -6.03 -5.11
N ASN A 90 -1.65 -5.75 -3.93
CA ASN A 90 -2.72 -6.59 -3.40
C ASN A 90 -3.38 -5.91 -2.19
N TRP A 91 -4.63 -6.26 -1.94
CA TRP A 91 -5.37 -5.68 -0.82
C TRP A 91 -5.01 -6.40 0.48
N ALA A 92 -4.37 -5.67 1.39
CA ALA A 92 -3.97 -6.23 2.68
C ALA A 92 -5.15 -6.87 3.39
N THR A 93 -6.24 -6.12 3.51
CA THR A 93 -7.44 -6.61 4.17
C THR A 93 -8.49 -7.04 3.16
N ARG A 94 -9.34 -7.99 3.55
CA ARG A 94 -10.39 -8.48 2.67
C ARG A 94 -11.77 -8.17 3.24
N LYS A 95 -12.73 -7.92 2.36
CA LYS A 95 -14.09 -7.61 2.77
C LYS A 95 -15.03 -8.76 2.46
N PRO A 96 -16.04 -8.95 3.32
CA PRO A 96 -17.03 -10.02 3.17
C PRO A 96 -17.96 -9.79 1.98
N PRO A 97 -18.57 -10.87 1.49
CA PRO A 97 -19.50 -10.81 0.35
C PRO A 97 -20.80 -10.10 0.70
N ALA A 98 -20.91 -8.83 0.30
CA ALA A 98 -22.10 -8.05 0.58
C ALA A 98 -23.36 -8.75 0.07
N PRO A 99 -24.49 -8.49 0.72
CA PRO A 99 -25.78 -9.09 0.36
C PRO A 99 -26.31 -8.57 -0.98
N SER A 100 -26.22 -7.26 -1.17
CA SER A 100 -26.70 -6.63 -2.40
C SER A 100 -25.96 -7.19 -3.61
N GLY A 101 -26.37 -6.76 -4.80
CA GLY A 101 -25.74 -7.24 -6.01
C GLY A 101 -26.65 -7.13 -7.22
N PRO A 102 -26.82 -5.91 -7.74
CA PRO A 102 -27.66 -5.64 -8.91
C PRO A 102 -27.08 -6.21 -10.19
N SER A 103 -27.96 -6.62 -11.10
CA SER A 103 -27.54 -7.19 -12.37
C SER A 103 -28.51 -6.82 -13.49
N SER A 104 -28.00 -6.14 -14.51
CA SER A 104 -28.82 -5.71 -15.64
C SER A 104 -27.95 -5.22 -16.78
N GLY A 105 -28.47 -5.35 -18.01
CA GLY A 105 -27.73 -4.90 -19.17
C GLY A 105 -28.58 -4.88 -20.43
N GLY A 1 -0.92 21.90 25.80
CA GLY A 1 -2.20 21.81 25.13
C GLY A 1 -2.14 20.94 23.89
N SER A 2 -2.30 21.56 22.73
CA SER A 2 -2.26 20.84 21.46
C SER A 2 -1.84 21.76 20.32
N SER A 3 -1.35 21.16 19.23
CA SER A 3 -0.90 21.93 18.08
C SER A 3 -1.70 21.55 16.83
N GLY A 4 -2.24 22.56 16.15
CA GLY A 4 -3.02 22.30 14.96
C GLY A 4 -4.35 21.64 15.25
N SER A 5 -5.18 21.51 14.23
CA SER A 5 -6.50 20.89 14.39
C SER A 5 -6.55 19.52 13.74
N SER A 6 -6.25 19.48 12.45
CA SER A 6 -6.25 18.22 11.70
C SER A 6 -5.32 17.20 12.35
N GLY A 7 -4.09 17.62 12.65
CA GLY A 7 -3.14 16.72 13.27
C GLY A 7 -1.94 16.45 12.37
N GLN A 8 -0.84 16.01 12.99
CA GLN A 8 0.37 15.71 12.24
C GLN A 8 0.49 14.22 11.98
N LYS A 9 0.46 13.43 13.05
CA LYS A 9 0.57 11.98 12.95
C LYS A 9 -0.81 11.33 12.92
N LYS A 10 -1.70 11.88 12.11
CA LYS A 10 -3.05 11.36 11.98
C LYS A 10 -3.03 9.86 11.67
N ASP A 11 -3.37 9.05 12.67
CA ASP A 11 -3.38 7.60 12.50
C ASP A 11 -4.50 7.18 11.55
N THR A 12 -4.12 6.55 10.44
CA THR A 12 -5.09 6.10 9.45
C THR A 12 -6.38 5.63 10.12
N SER A 13 -7.50 6.20 9.69
CA SER A 13 -8.80 5.85 10.25
C SER A 13 -9.78 5.48 9.13
N ASN A 14 -9.88 6.36 8.14
CA ASN A 14 -10.79 6.13 7.02
C ASN A 14 -10.02 6.01 5.71
N HIS A 15 -8.92 5.27 5.74
CA HIS A 15 -8.09 5.07 4.57
C HIS A 15 -7.94 3.58 4.25
N PHE A 16 -7.71 3.27 2.98
CA PHE A 16 -7.55 1.88 2.55
C PHE A 16 -6.07 1.50 2.52
N HIS A 17 -5.75 0.36 3.14
CA HIS A 17 -4.37 -0.12 3.18
C HIS A 17 -4.07 -0.99 1.96
N VAL A 18 -2.98 -0.66 1.27
CA VAL A 18 -2.57 -1.42 0.09
C VAL A 18 -1.23 -2.09 0.30
N PHE A 19 -1.19 -3.41 0.11
CA PHE A 19 0.03 -4.17 0.28
C PHE A 19 0.82 -4.24 -1.02
N VAL A 20 2.14 -4.16 -0.92
CA VAL A 20 3.01 -4.21 -2.09
C VAL A 20 4.15 -5.20 -1.88
N GLY A 21 4.41 -6.02 -2.91
CA GLY A 21 5.47 -7.01 -2.82
C GLY A 21 6.44 -6.91 -3.98
N ASP A 22 7.49 -7.73 -3.94
CA ASP A 22 8.49 -7.74 -5.00
C ASP A 22 9.04 -6.33 -5.23
N LEU A 23 9.19 -5.57 -4.15
CA LEU A 23 9.71 -4.22 -4.23
C LEU A 23 11.24 -4.23 -4.30
N SER A 24 11.77 -3.86 -5.46
CA SER A 24 13.21 -3.83 -5.66
C SER A 24 13.92 -3.23 -4.44
N PRO A 25 15.17 -3.63 -4.24
CA PRO A 25 15.98 -3.16 -3.11
C PRO A 25 16.37 -1.69 -3.25
N GLU A 26 16.37 -1.20 -4.49
CA GLU A 26 16.72 0.20 -4.77
C GLU A 26 15.57 1.12 -4.38
N ILE A 27 14.38 0.56 -4.26
CA ILE A 27 13.19 1.34 -3.91
C ILE A 27 13.30 1.88 -2.49
N THR A 28 13.00 3.17 -2.33
CA THR A 28 13.06 3.81 -1.03
C THR A 28 11.70 4.39 -0.63
N THR A 29 11.45 4.47 0.68
CA THR A 29 10.20 5.00 1.17
C THR A 29 9.79 6.26 0.43
N GLU A 30 10.79 7.05 0.04
CA GLU A 30 10.54 8.30 -0.67
C GLU A 30 10.06 8.02 -2.10
N ASP A 31 10.72 7.07 -2.75
CA ASP A 31 10.35 6.71 -4.12
C ASP A 31 8.90 6.25 -4.20
N ILE A 32 8.56 5.27 -3.36
CA ILE A 32 7.20 4.73 -3.34
C ILE A 32 6.18 5.83 -3.08
N LYS A 33 6.54 6.77 -2.21
CA LYS A 33 5.66 7.88 -1.87
C LYS A 33 5.41 8.76 -3.09
N SER A 34 6.44 8.97 -3.89
CA SER A 34 6.32 9.79 -5.09
C SER A 34 6.01 8.94 -6.31
N ALA A 35 6.14 7.61 -6.16
CA ALA A 35 5.86 6.69 -7.24
C ALA A 35 4.41 6.25 -7.22
N PHE A 36 3.76 6.38 -6.08
CA PHE A 36 2.36 6.00 -5.94
C PHE A 36 1.46 7.23 -5.85
N ALA A 37 2.08 8.40 -5.72
CA ALA A 37 1.34 9.65 -5.63
C ALA A 37 0.44 9.85 -6.83
N PRO A 38 0.98 9.60 -8.03
CA PRO A 38 0.24 9.74 -9.29
C PRO A 38 -1.12 9.07 -9.23
N PHE A 39 -1.31 8.19 -8.27
CA PHE A 39 -2.57 7.47 -8.11
C PHE A 39 -3.51 8.22 -7.18
N GLY A 40 -2.94 8.81 -6.12
CA GLY A 40 -3.75 9.56 -5.17
C GLY A 40 -2.97 9.97 -3.94
N LYS A 41 -3.54 10.87 -3.15
CA LYS A 41 -2.89 11.35 -1.94
C LYS A 41 -2.50 10.18 -1.03
N ILE A 42 -1.24 10.13 -0.64
CA ILE A 42 -0.73 9.06 0.22
C ILE A 42 -0.74 9.49 1.68
N SER A 43 -1.25 8.64 2.55
CA SER A 43 -1.32 8.93 3.98
C SER A 43 -0.19 8.24 4.73
N ASP A 44 0.04 6.97 4.41
CA ASP A 44 1.09 6.19 5.05
C ASP A 44 1.78 5.28 4.03
N ALA A 45 3.09 5.47 3.88
CA ALA A 45 3.87 4.66 2.94
C ALA A 45 5.25 4.36 3.50
N ARG A 46 5.63 3.09 3.51
CA ARG A 46 6.93 2.68 4.01
C ARG A 46 7.35 1.34 3.41
N VAL A 47 8.66 1.13 3.30
CA VAL A 47 9.18 -0.11 2.73
C VAL A 47 9.83 -0.98 3.82
N VAL A 48 9.08 -1.98 4.27
CA VAL A 48 9.57 -2.89 5.31
C VAL A 48 10.97 -3.40 4.96
N LYS A 49 11.88 -3.31 5.93
CA LYS A 49 13.25 -3.77 5.73
C LYS A 49 13.64 -4.77 6.82
N ASP A 50 14.76 -5.45 6.61
CA ASP A 50 15.26 -6.43 7.57
C ASP A 50 15.72 -5.75 8.85
N MET A 51 15.75 -6.50 9.94
CA MET A 51 16.17 -5.97 11.23
C MET A 51 17.66 -6.25 11.47
N ALA A 52 18.23 -7.11 10.65
CA ALA A 52 19.64 -7.46 10.77
C ALA A 52 20.48 -6.73 9.73
N THR A 53 20.22 -6.99 8.46
CA THR A 53 20.94 -6.36 7.37
C THR A 53 20.40 -4.97 7.08
N GLY A 54 19.11 -4.77 7.36
CA GLY A 54 18.50 -3.49 7.12
C GLY A 54 18.22 -3.23 5.66
N LYS A 55 17.91 -4.29 4.92
CA LYS A 55 17.63 -4.18 3.49
C LYS A 55 16.13 -4.33 3.22
N SER A 56 15.70 -3.82 2.07
CA SER A 56 14.29 -3.90 1.70
C SER A 56 13.86 -5.35 1.47
N LYS A 57 13.19 -5.93 2.47
CA LYS A 57 12.73 -7.30 2.38
C LYS A 57 12.10 -7.58 1.02
N GLY A 58 11.40 -6.59 0.47
CA GLY A 58 10.77 -6.75 -0.82
C GLY A 58 9.27 -6.54 -0.76
N TYR A 59 8.81 -5.90 0.31
CA TYR A 59 7.37 -5.65 0.48
C TYR A 59 7.14 -4.45 1.40
N GLY A 60 6.13 -3.65 1.08
CA GLY A 60 5.83 -2.50 1.90
C GLY A 60 4.32 -2.26 2.03
N PHE A 61 3.96 -1.11 2.58
CA PHE A 61 2.56 -0.77 2.77
C PHE A 61 2.27 0.67 2.31
N VAL A 62 1.11 0.87 1.71
CA VAL A 62 0.72 2.19 1.22
C VAL A 62 -0.78 2.41 1.38
N SER A 63 -1.14 3.30 2.30
CA SER A 63 -2.55 3.60 2.55
C SER A 63 -3.03 4.74 1.65
N PHE A 64 -4.28 4.66 1.23
CA PHE A 64 -4.87 5.68 0.35
C PHE A 64 -6.11 6.30 1.00
N TYR A 65 -6.34 7.57 0.70
CA TYR A 65 -7.49 8.29 1.26
C TYR A 65 -8.79 7.58 0.88
N ASN A 66 -8.92 7.23 -0.39
CA ASN A 66 -10.12 6.56 -0.88
C ASN A 66 -9.76 5.28 -1.65
N LYS A 67 -10.75 4.44 -1.88
CA LYS A 67 -10.53 3.19 -2.60
C LYS A 67 -10.07 3.46 -4.02
N LEU A 68 -10.91 4.13 -4.80
CA LEU A 68 -10.59 4.46 -6.19
C LEU A 68 -9.12 4.83 -6.32
N ASP A 69 -8.66 5.75 -5.48
CA ASP A 69 -7.27 6.19 -5.50
C ASP A 69 -6.32 5.01 -5.35
N ALA A 70 -6.69 4.06 -4.48
CA ALA A 70 -5.87 2.89 -4.25
C ALA A 70 -5.83 1.99 -5.47
N GLU A 71 -7.00 1.67 -6.01
CA GLU A 71 -7.09 0.82 -7.20
C GLU A 71 -6.16 1.31 -8.30
N ASN A 72 -6.22 2.62 -8.56
CA ASN A 72 -5.39 3.23 -9.60
C ASN A 72 -3.97 2.67 -9.55
N ALA A 73 -3.49 2.41 -8.34
CA ALA A 73 -2.14 1.87 -8.16
C ALA A 73 -2.14 0.35 -8.25
N ILE A 74 -2.98 -0.30 -7.45
CA ILE A 74 -3.08 -1.75 -7.45
C ILE A 74 -3.19 -2.30 -8.87
N VAL A 75 -3.85 -1.54 -9.73
CA VAL A 75 -4.03 -1.95 -11.12
C VAL A 75 -2.80 -1.61 -11.95
N HIS A 76 -2.29 -0.40 -11.79
CA HIS A 76 -1.12 0.05 -12.52
C HIS A 76 0.15 -0.58 -11.96
N MET A 77 0.48 -0.24 -10.72
CA MET A 77 1.66 -0.78 -10.05
C MET A 77 1.80 -2.27 -10.33
N GLY A 78 0.72 -3.01 -10.14
CA GLY A 78 0.75 -4.44 -10.39
C GLY A 78 1.64 -4.82 -11.54
N GLY A 79 2.83 -5.33 -11.24
CA GLY A 79 3.76 -5.72 -12.28
C GLY A 79 4.55 -4.55 -12.82
N GLN A 80 3.93 -3.38 -12.84
CA GLN A 80 4.58 -2.16 -13.35
C GLN A 80 6.06 -2.17 -13.02
N TRP A 81 6.85 -1.55 -13.88
CA TRP A 81 8.30 -1.48 -13.69
C TRP A 81 8.71 -0.14 -13.09
N LEU A 82 8.79 -0.10 -11.76
CA LEU A 82 9.17 1.13 -11.07
C LEU A 82 10.69 1.24 -10.93
N GLY A 83 11.26 0.39 -10.07
CA GLY A 83 12.69 0.40 -9.88
C GLY A 83 13.33 -0.93 -10.20
N GLY A 84 14.22 -0.93 -11.19
CA GLY A 84 14.89 -2.15 -11.59
C GLY A 84 13.92 -3.27 -11.94
N ARG A 85 13.59 -4.10 -10.94
CA ARG A 85 12.66 -5.21 -11.14
C ARG A 85 11.22 -4.72 -11.06
N GLN A 86 10.29 -5.64 -11.29
CA GLN A 86 8.87 -5.31 -11.24
C GLN A 86 8.38 -5.19 -9.81
N ILE A 87 7.09 -4.90 -9.65
CA ILE A 87 6.50 -4.75 -8.32
C ILE A 87 5.14 -5.44 -8.25
N ARG A 88 4.66 -5.66 -7.03
CA ARG A 88 3.38 -6.29 -6.82
C ARG A 88 2.48 -5.45 -5.91
N THR A 89 1.17 -5.58 -6.09
CA THR A 89 0.21 -4.82 -5.30
C THR A 89 -0.92 -5.72 -4.80
N ASN A 90 -1.58 -5.28 -3.73
CA ASN A 90 -2.68 -6.05 -3.14
C ASN A 90 -3.39 -5.24 -2.07
N TRP A 91 -4.50 -5.78 -1.57
CA TRP A 91 -5.28 -5.11 -0.53
C TRP A 91 -4.88 -5.60 0.86
N ALA A 92 -4.16 -4.76 1.59
CA ALA A 92 -3.72 -5.11 2.94
C ALA A 92 -4.89 -5.56 3.80
N THR A 93 -5.88 -4.68 3.94
CA THR A 93 -7.06 -4.98 4.75
C THR A 93 -8.11 -5.75 3.93
N ARG A 94 -8.79 -6.67 4.59
CA ARG A 94 -9.82 -7.48 3.93
C ARG A 94 -11.05 -7.63 4.81
N LYS A 95 -12.18 -7.11 4.35
CA LYS A 95 -13.42 -7.19 5.10
C LYS A 95 -14.15 -8.50 4.80
N PRO A 96 -14.82 -9.05 5.82
CA PRO A 96 -15.57 -10.30 5.70
C PRO A 96 -16.82 -10.15 4.85
N PRO A 97 -17.19 -11.21 4.13
CA PRO A 97 -18.37 -11.21 3.25
C PRO A 97 -19.66 -11.18 4.05
N ALA A 98 -20.71 -10.61 3.46
CA ALA A 98 -22.01 -10.52 4.10
C ALA A 98 -23.13 -10.92 3.14
N PRO A 99 -24.15 -11.61 3.68
CA PRO A 99 -25.30 -12.06 2.89
C PRO A 99 -26.19 -10.90 2.44
N SER A 100 -26.74 -11.01 1.23
CA SER A 100 -27.60 -9.98 0.70
C SER A 100 -29.01 -10.08 1.28
N GLY A 101 -29.84 -9.09 0.98
CA GLY A 101 -31.21 -9.09 1.47
C GLY A 101 -32.22 -8.79 0.40
N PRO A 102 -33.45 -9.29 0.58
CA PRO A 102 -34.54 -9.09 -0.38
C PRO A 102 -35.04 -7.65 -0.41
N SER A 103 -35.76 -7.30 -1.45
CA SER A 103 -36.29 -5.95 -1.60
C SER A 103 -37.44 -5.70 -0.61
N SER A 104 -38.46 -6.54 -0.67
CA SER A 104 -39.61 -6.41 0.21
C SER A 104 -39.39 -7.20 1.49
N GLY A 105 -39.72 -6.58 2.62
CA GLY A 105 -39.56 -7.23 3.91
C GLY A 105 -38.13 -7.65 4.17
N GLY A 1 -18.89 27.58 -5.18
CA GLY A 1 -18.46 26.60 -6.16
C GLY A 1 -17.20 25.87 -5.74
N SER A 2 -17.25 25.21 -4.59
CA SER A 2 -16.10 24.47 -4.07
C SER A 2 -16.55 23.20 -3.37
N SER A 3 -15.74 22.15 -3.50
CA SER A 3 -16.05 20.86 -2.88
C SER A 3 -14.78 20.05 -2.64
N GLY A 4 -14.72 19.40 -1.48
CA GLY A 4 -13.55 18.60 -1.15
C GLY A 4 -12.39 19.44 -0.66
N SER A 5 -12.66 20.31 0.31
CA SER A 5 -11.64 21.19 0.87
C SER A 5 -10.97 20.54 2.08
N SER A 6 -9.65 20.56 2.11
CA SER A 6 -8.88 19.97 3.21
C SER A 6 -7.46 20.53 3.23
N GLY A 7 -7.04 20.98 4.41
CA GLY A 7 -5.69 21.53 4.55
C GLY A 7 -4.69 20.47 5.00
N GLN A 8 -4.16 20.65 6.21
CA GLN A 8 -3.18 19.72 6.75
C GLN A 8 -3.81 18.84 7.83
N LYS A 9 -4.33 17.69 7.41
CA LYS A 9 -4.96 16.76 8.33
C LYS A 9 -4.41 15.34 8.14
N LYS A 10 -3.49 14.95 9.02
CA LYS A 10 -2.89 13.62 8.94
C LYS A 10 -3.69 12.61 9.75
N ASP A 11 -5.01 12.66 9.60
CA ASP A 11 -5.90 11.75 10.31
C ASP A 11 -6.44 10.67 9.36
N THR A 12 -5.93 9.45 9.52
CA THR A 12 -6.37 8.34 8.68
C THR A 12 -7.44 7.52 9.38
N SER A 13 -8.68 7.66 8.93
CA SER A 13 -9.80 6.93 9.51
C SER A 13 -10.55 6.13 8.44
N ASN A 14 -11.05 6.83 7.43
CA ASN A 14 -11.78 6.18 6.34
C ASN A 14 -10.88 5.98 5.13
N HIS A 15 -9.66 5.53 5.38
CA HIS A 15 -8.70 5.29 4.30
C HIS A 15 -8.52 3.80 4.05
N PHE A 16 -7.94 3.46 2.91
CA PHE A 16 -7.71 2.06 2.55
C PHE A 16 -6.23 1.75 2.51
N HIS A 17 -5.85 0.63 3.10
CA HIS A 17 -4.44 0.21 3.13
C HIS A 17 -4.12 -0.69 1.94
N VAL A 18 -3.06 -0.34 1.21
CA VAL A 18 -2.64 -1.11 0.05
C VAL A 18 -1.32 -1.81 0.31
N PHE A 19 -1.24 -3.09 -0.08
CA PHE A 19 -0.03 -3.87 0.10
C PHE A 19 0.78 -3.95 -1.19
N VAL A 20 2.09 -3.85 -1.07
CA VAL A 20 2.97 -3.91 -2.23
C VAL A 20 4.13 -4.87 -2.00
N GLY A 21 4.15 -5.95 -2.77
CA GLY A 21 5.21 -6.93 -2.64
C GLY A 21 6.20 -6.88 -3.77
N ASP A 22 7.28 -7.64 -3.65
CA ASP A 22 8.32 -7.68 -4.68
C ASP A 22 8.91 -6.30 -4.90
N LEU A 23 9.06 -5.54 -3.81
CA LEU A 23 9.61 -4.19 -3.88
C LEU A 23 11.11 -4.23 -4.18
N SER A 24 11.47 -3.98 -5.44
CA SER A 24 12.87 -4.00 -5.86
C SER A 24 13.76 -3.42 -4.75
N PRO A 25 15.04 -3.82 -4.77
CA PRO A 25 16.02 -3.36 -3.78
C PRO A 25 16.38 -1.89 -3.97
N GLU A 26 15.99 -1.33 -5.11
CA GLU A 26 16.27 0.07 -5.42
C GLU A 26 15.14 0.97 -4.92
N ILE A 27 14.00 0.37 -4.64
CA ILE A 27 12.83 1.12 -4.15
C ILE A 27 13.09 1.69 -2.76
N THR A 28 12.56 2.89 -2.52
CA THR A 28 12.73 3.54 -1.23
C THR A 28 11.47 4.29 -0.82
N THR A 29 11.19 4.32 0.48
CA THR A 29 10.01 5.00 1.00
C THR A 29 9.76 6.30 0.26
N GLU A 30 10.84 7.01 -0.08
CA GLU A 30 10.74 8.27 -0.80
C GLU A 30 10.21 8.06 -2.21
N ASP A 31 10.77 7.06 -2.90
CA ASP A 31 10.37 6.75 -4.27
C ASP A 31 8.92 6.29 -4.31
N ILE A 32 8.58 5.33 -3.46
CA ILE A 32 7.22 4.81 -3.41
C ILE A 32 6.21 5.93 -3.21
N LYS A 33 6.50 6.83 -2.29
CA LYS A 33 5.62 7.96 -2.01
C LYS A 33 5.44 8.84 -3.24
N SER A 34 6.51 8.97 -4.03
CA SER A 34 6.47 9.78 -5.23
C SER A 34 6.09 8.94 -6.44
N ALA A 35 6.13 7.62 -6.28
CA ALA A 35 5.79 6.71 -7.36
C ALA A 35 4.33 6.26 -7.25
N PHE A 36 3.74 6.45 -6.08
CA PHE A 36 2.35 6.07 -5.86
C PHE A 36 1.46 7.31 -5.75
N ALA A 37 2.08 8.48 -5.65
CA ALA A 37 1.34 9.73 -5.54
C ALA A 37 0.44 9.93 -6.75
N PRO A 38 0.98 9.68 -7.95
CA PRO A 38 0.25 9.83 -9.20
C PRO A 38 -1.14 9.18 -9.16
N PHE A 39 -1.32 8.30 -8.17
CA PHE A 39 -2.59 7.60 -8.01
C PHE A 39 -3.49 8.33 -7.01
N GLY A 40 -2.90 8.81 -5.93
CA GLY A 40 -3.66 9.52 -4.92
C GLY A 40 -2.82 9.87 -3.70
N LYS A 41 -3.14 10.99 -3.07
CA LYS A 41 -2.42 11.44 -1.89
C LYS A 41 -2.17 10.28 -0.93
N ILE A 42 -0.91 10.08 -0.55
CA ILE A 42 -0.55 9.01 0.37
C ILE A 42 -0.57 9.49 1.81
N SER A 43 -1.17 8.68 2.69
CA SER A 43 -1.26 9.02 4.11
C SER A 43 -0.20 8.28 4.91
N ASP A 44 -0.02 7.00 4.61
CA ASP A 44 0.96 6.18 5.30
C ASP A 44 1.59 5.17 4.35
N ALA A 45 2.85 5.40 3.99
CA ALA A 45 3.56 4.50 3.08
C ALA A 45 4.99 4.27 3.56
N ARG A 46 5.42 3.01 3.53
CA ARG A 46 6.77 2.66 3.96
C ARG A 46 7.20 1.34 3.34
N VAL A 47 8.50 1.04 3.42
CA VAL A 47 9.04 -0.18 2.86
C VAL A 47 9.77 -0.99 3.93
N VAL A 48 9.09 -2.02 4.46
CA VAL A 48 9.68 -2.87 5.48
C VAL A 48 11.03 -3.43 5.04
N LYS A 49 12.04 -3.25 5.89
CA LYS A 49 13.38 -3.73 5.58
C LYS A 49 13.86 -4.71 6.64
N ASP A 50 14.99 -5.36 6.38
CA ASP A 50 15.56 -6.31 7.33
C ASP A 50 16.22 -5.60 8.49
N MET A 51 16.39 -6.32 9.60
CA MET A 51 17.02 -5.75 10.79
C MET A 51 18.46 -6.21 10.91
N ALA A 52 18.97 -6.85 9.87
CA ALA A 52 20.34 -7.34 9.87
C ALA A 52 21.12 -6.76 8.69
N THR A 53 20.50 -6.74 7.52
CA THR A 53 21.14 -6.22 6.32
C THR A 53 20.69 -4.79 6.04
N GLY A 54 19.45 -4.48 6.41
CA GLY A 54 18.92 -3.15 6.19
C GLY A 54 18.52 -2.92 4.75
N LYS A 55 18.10 -3.98 4.07
CA LYS A 55 17.69 -3.89 2.68
C LYS A 55 16.19 -4.19 2.54
N SER A 56 15.59 -3.67 1.49
CA SER A 56 14.17 -3.88 1.23
C SER A 56 13.82 -5.36 1.31
N LYS A 57 13.07 -5.74 2.34
CA LYS A 57 12.66 -7.12 2.53
C LYS A 57 11.99 -7.67 1.28
N GLY A 58 11.24 -6.80 0.59
CA GLY A 58 10.55 -7.22 -0.62
C GLY A 58 9.07 -6.95 -0.55
N TYR A 59 8.64 -6.19 0.45
CA TYR A 59 7.23 -5.87 0.62
C TYR A 59 7.06 -4.56 1.40
N GLY A 60 5.90 -3.94 1.26
CA GLY A 60 5.63 -2.70 1.96
C GLY A 60 4.15 -2.40 2.07
N PHE A 61 3.82 -1.18 2.46
CA PHE A 61 2.43 -0.77 2.62
C PHE A 61 2.23 0.66 2.14
N VAL A 62 1.01 0.96 1.69
CA VAL A 62 0.68 2.31 1.21
C VAL A 62 -0.81 2.59 1.36
N SER A 63 -1.14 3.48 2.29
CA SER A 63 -2.53 3.85 2.53
C SER A 63 -2.97 4.95 1.57
N PHE A 64 -4.27 4.97 1.27
CA PHE A 64 -4.83 5.96 0.36
C PHE A 64 -6.06 6.62 0.97
N TYR A 65 -6.28 7.88 0.63
CA TYR A 65 -7.43 8.62 1.14
C TYR A 65 -8.74 7.99 0.68
N ASN A 66 -8.79 7.62 -0.59
CA ASN A 66 -9.99 7.01 -1.16
C ASN A 66 -9.68 5.61 -1.70
N LYS A 67 -10.71 4.78 -1.81
CA LYS A 67 -10.56 3.42 -2.32
C LYS A 67 -10.11 3.43 -3.78
N LEU A 68 -10.82 4.20 -4.60
CA LEU A 68 -10.50 4.28 -6.03
C LEU A 68 -9.01 4.52 -6.23
N ASP A 69 -8.49 5.58 -5.61
CA ASP A 69 -7.08 5.92 -5.73
C ASP A 69 -6.21 4.68 -5.53
N ALA A 70 -6.60 3.83 -4.59
CA ALA A 70 -5.86 2.60 -4.31
C ALA A 70 -5.95 1.62 -5.46
N GLU A 71 -7.17 1.38 -5.93
CA GLU A 71 -7.40 0.46 -7.04
C GLU A 71 -6.49 0.80 -8.22
N ASN A 72 -6.44 2.08 -8.56
CA ASN A 72 -5.61 2.54 -9.67
C ASN A 72 -4.17 2.05 -9.53
N ALA A 73 -3.61 2.23 -8.34
CA ALA A 73 -2.25 1.80 -8.07
C ALA A 73 -2.12 0.29 -8.16
N ILE A 74 -2.92 -0.43 -7.39
CA ILE A 74 -2.89 -1.88 -7.41
C ILE A 74 -2.96 -2.43 -8.83
N VAL A 75 -3.70 -1.74 -9.69
CA VAL A 75 -3.84 -2.15 -11.08
C VAL A 75 -2.62 -1.75 -11.90
N HIS A 76 -2.22 -0.49 -11.78
CA HIS A 76 -1.07 0.02 -12.50
C HIS A 76 0.23 -0.52 -11.91
N MET A 77 0.54 -0.12 -10.69
CA MET A 77 1.75 -0.56 -10.01
C MET A 77 1.94 -2.07 -10.18
N GLY A 78 0.87 -2.83 -9.95
CA GLY A 78 0.94 -4.27 -10.09
C GLY A 78 1.83 -4.70 -11.24
N GLY A 79 3.06 -5.12 -10.91
CA GLY A 79 4.00 -5.55 -11.93
C GLY A 79 4.75 -4.39 -12.55
N GLN A 80 4.10 -3.24 -12.63
CA GLN A 80 4.72 -2.06 -13.20
C GLN A 80 6.21 -2.01 -12.90
N TRP A 81 6.98 -1.38 -13.78
CA TRP A 81 8.42 -1.27 -13.61
C TRP A 81 8.79 0.07 -12.99
N LEU A 82 8.85 0.10 -11.67
CA LEU A 82 9.20 1.33 -10.95
C LEU A 82 10.71 1.48 -10.83
N GLY A 83 11.33 0.63 -10.02
CA GLY A 83 12.77 0.68 -9.84
C GLY A 83 13.45 -0.63 -10.18
N GLY A 84 14.32 -0.60 -11.18
CA GLY A 84 15.02 -1.81 -11.58
C GLY A 84 14.08 -2.94 -11.93
N ARG A 85 13.79 -3.79 -10.95
CA ARG A 85 12.90 -4.93 -11.15
C ARG A 85 11.44 -4.48 -11.09
N GLN A 86 10.53 -5.45 -11.25
CA GLN A 86 9.10 -5.16 -11.20
C GLN A 86 8.60 -5.15 -9.77
N ILE A 87 7.32 -4.81 -9.61
CA ILE A 87 6.72 -4.77 -8.28
C ILE A 87 5.38 -5.51 -8.26
N ARG A 88 4.86 -5.74 -7.06
CA ARG A 88 3.60 -6.45 -6.90
C ARG A 88 2.67 -5.69 -5.95
N THR A 89 1.37 -5.81 -6.19
CA THR A 89 0.37 -5.14 -5.36
C THR A 89 -0.66 -6.12 -4.82
N ASN A 90 -1.37 -5.71 -3.78
CA ASN A 90 -2.39 -6.56 -3.18
C ASN A 90 -3.19 -5.79 -2.12
N TRP A 91 -4.39 -6.26 -1.84
CA TRP A 91 -5.25 -5.61 -0.85
C TRP A 91 -4.97 -6.15 0.55
N ALA A 92 -4.55 -5.27 1.44
CA ALA A 92 -4.25 -5.66 2.81
C ALA A 92 -5.49 -5.60 3.69
N THR A 93 -6.62 -6.09 3.16
CA THR A 93 -7.87 -6.09 3.89
C THR A 93 -8.35 -7.51 4.17
N ARG A 94 -8.93 -7.72 5.34
CA ARG A 94 -9.42 -9.03 5.73
C ARG A 94 -10.90 -8.96 6.12
N LYS A 95 -11.65 -10.01 5.78
CA LYS A 95 -13.06 -10.07 6.09
C LYS A 95 -13.75 -8.75 5.78
N PRO A 96 -13.60 -8.28 4.54
CA PRO A 96 -14.20 -7.01 4.09
C PRO A 96 -15.71 -7.10 3.97
N PRO A 97 -16.37 -5.93 3.98
CA PRO A 97 -17.83 -5.85 3.88
C PRO A 97 -18.34 -6.24 2.50
N ALA A 98 -19.61 -6.63 2.42
CA ALA A 98 -20.22 -7.03 1.15
C ALA A 98 -21.73 -6.92 1.22
N PRO A 99 -22.36 -6.70 0.07
CA PRO A 99 -23.82 -6.58 -0.04
C PRO A 99 -24.53 -7.90 0.19
N SER A 100 -25.85 -7.85 0.31
CA SER A 100 -26.66 -9.05 0.54
C SER A 100 -27.61 -9.30 -0.62
N GLY A 101 -27.29 -10.29 -1.45
CA GLY A 101 -28.13 -10.60 -2.59
C GLY A 101 -27.79 -9.77 -3.81
N PRO A 102 -28.51 -10.03 -4.92
CA PRO A 102 -28.30 -9.31 -6.18
C PRO A 102 -28.74 -7.86 -6.10
N SER A 103 -27.86 -6.95 -6.49
CA SER A 103 -28.15 -5.52 -6.46
C SER A 103 -27.78 -4.86 -7.78
N SER A 104 -28.76 -4.24 -8.43
CA SER A 104 -28.52 -3.56 -9.71
C SER A 104 -29.30 -2.26 -9.78
N GLY A 105 -28.60 -1.18 -10.17
CA GLY A 105 -29.23 0.12 -10.27
C GLY A 105 -28.24 1.26 -10.15
N GLY A 1 -17.22 -17.05 19.08
CA GLY A 1 -16.35 -16.78 17.94
C GLY A 1 -15.82 -15.38 17.93
N SER A 2 -14.62 -15.19 18.49
CA SER A 2 -14.01 -13.87 18.55
C SER A 2 -13.54 -13.43 17.17
N SER A 3 -13.81 -12.18 16.83
CA SER A 3 -13.42 -11.63 15.53
C SER A 3 -12.87 -10.22 15.67
N GLY A 4 -11.93 -9.86 14.80
CA GLY A 4 -11.35 -8.54 14.85
C GLY A 4 -9.84 -8.56 14.65
N SER A 5 -9.13 -7.70 15.39
CA SER A 5 -7.68 -7.62 15.28
C SER A 5 -7.04 -7.58 16.67
N SER A 6 -5.86 -8.18 16.78
CA SER A 6 -5.15 -8.22 18.06
C SER A 6 -4.48 -6.87 18.34
N GLY A 7 -5.14 -6.05 19.15
CA GLY A 7 -4.60 -4.75 19.49
C GLY A 7 -4.19 -3.96 18.27
N GLN A 8 -5.10 -3.13 17.77
CA GLN A 8 -4.83 -2.32 16.58
C GLN A 8 -4.00 -1.09 16.96
N LYS A 9 -2.78 -1.02 16.43
CA LYS A 9 -1.89 0.10 16.70
C LYS A 9 -1.94 1.13 15.57
N LYS A 10 -2.01 0.63 14.34
CA LYS A 10 -2.06 1.50 13.17
C LYS A 10 -3.09 2.60 13.35
N ASP A 11 -2.62 3.83 13.48
CA ASP A 11 -3.51 4.98 13.67
C ASP A 11 -4.57 5.03 12.56
N THR A 12 -4.11 5.15 11.32
CA THR A 12 -5.01 5.21 10.18
C THR A 12 -6.08 4.11 10.26
N SER A 13 -7.33 4.50 10.04
CA SER A 13 -8.43 3.55 10.10
C SER A 13 -9.32 3.67 8.86
N ASN A 14 -9.81 4.88 8.61
CA ASN A 14 -10.66 5.13 7.45
C ASN A 14 -9.93 4.84 6.15
N HIS A 15 -8.83 5.56 5.93
CA HIS A 15 -8.02 5.37 4.73
C HIS A 15 -7.87 3.89 4.40
N PHE A 16 -7.67 3.59 3.12
CA PHE A 16 -7.51 2.22 2.68
C PHE A 16 -6.05 1.80 2.71
N HIS A 17 -5.81 0.50 2.84
CA HIS A 17 -4.45 -0.03 2.89
C HIS A 17 -4.14 -0.85 1.65
N VAL A 18 -2.96 -0.64 1.08
CA VAL A 18 -2.54 -1.37 -0.11
C VAL A 18 -1.19 -2.04 0.09
N PHE A 19 -1.16 -3.36 -0.06
CA PHE A 19 0.07 -4.13 0.12
C PHE A 19 0.87 -4.17 -1.19
N VAL A 20 2.18 -4.03 -1.07
CA VAL A 20 3.06 -4.06 -2.23
C VAL A 20 4.22 -5.02 -2.03
N GLY A 21 4.31 -6.02 -2.90
CA GLY A 21 5.38 -7.00 -2.80
C GLY A 21 6.38 -6.89 -3.94
N ASP A 22 7.33 -7.81 -3.97
CA ASP A 22 8.35 -7.81 -5.02
C ASP A 22 8.92 -6.42 -5.22
N LEU A 23 9.20 -5.72 -4.12
CA LEU A 23 9.74 -4.38 -4.18
C LEU A 23 11.27 -4.40 -4.32
N SER A 24 11.75 -4.02 -5.49
CA SER A 24 13.19 -4.01 -5.75
C SER A 24 13.96 -3.52 -4.54
N PRO A 25 15.22 -3.96 -4.42
CA PRO A 25 16.10 -3.58 -3.31
C PRO A 25 16.51 -2.11 -3.36
N GLU A 26 16.40 -1.52 -4.55
CA GLU A 26 16.76 -0.12 -4.74
C GLU A 26 15.61 0.80 -4.33
N ILE A 27 14.40 0.25 -4.29
CA ILE A 27 13.23 1.02 -3.91
C ILE A 27 13.47 1.78 -2.61
N THR A 28 12.78 2.91 -2.46
CA THR A 28 12.91 3.74 -1.27
C THR A 28 11.56 4.28 -0.82
N THR A 29 11.41 4.45 0.49
CA THR A 29 10.16 4.96 1.05
C THR A 29 9.71 6.22 0.31
N GLU A 30 10.67 7.06 -0.06
CA GLU A 30 10.36 8.30 -0.78
C GLU A 30 9.93 8.01 -2.21
N ASP A 31 10.49 6.96 -2.79
CA ASP A 31 10.17 6.57 -4.16
C ASP A 31 8.71 6.13 -4.27
N ILE A 32 8.32 5.18 -3.43
CA ILE A 32 6.95 4.67 -3.43
C ILE A 32 5.95 5.81 -3.24
N LYS A 33 6.20 6.65 -2.24
CA LYS A 33 5.32 7.78 -1.95
C LYS A 33 5.15 8.67 -3.18
N SER A 34 6.24 8.87 -3.92
CA SER A 34 6.22 9.69 -5.12
C SER A 34 5.93 8.85 -6.35
N ALA A 35 5.95 7.53 -6.18
CA ALA A 35 5.70 6.62 -7.28
C ALA A 35 4.23 6.21 -7.33
N PHE A 36 3.51 6.49 -6.25
CA PHE A 36 2.09 6.16 -6.17
C PHE A 36 1.23 7.42 -6.09
N ALA A 37 1.89 8.55 -5.86
CA ALA A 37 1.19 9.83 -5.75
C ALA A 37 0.25 10.03 -6.93
N PRO A 38 0.74 9.77 -8.14
CA PRO A 38 -0.04 9.92 -9.37
C PRO A 38 -1.42 9.28 -9.27
N PHE A 39 -1.57 8.39 -8.29
CA PHE A 39 -2.84 7.69 -8.08
C PHE A 39 -3.72 8.45 -7.09
N GLY A 40 -3.08 9.11 -6.12
CA GLY A 40 -3.82 9.86 -5.13
C GLY A 40 -2.99 10.17 -3.90
N LYS A 41 -3.39 11.20 -3.16
CA LYS A 41 -2.68 11.59 -1.96
C LYS A 41 -2.43 10.38 -1.05
N ILE A 42 -1.29 10.39 -0.36
CA ILE A 42 -0.93 9.30 0.53
C ILE A 42 -0.85 9.78 1.98
N SER A 43 -1.29 8.92 2.90
CA SER A 43 -1.27 9.26 4.32
C SER A 43 -0.19 8.48 5.06
N ASP A 44 0.05 7.25 4.60
CA ASP A 44 1.07 6.39 5.22
C ASP A 44 1.73 5.50 4.17
N ALA A 45 3.04 5.38 4.25
CA ALA A 45 3.80 4.56 3.31
C ALA A 45 5.21 4.29 3.82
N ARG A 46 5.60 3.02 3.84
CA ARG A 46 6.93 2.64 4.30
C ARG A 46 7.41 1.38 3.59
N VAL A 47 8.73 1.21 3.50
CA VAL A 47 9.31 0.05 2.85
C VAL A 47 10.04 -0.83 3.86
N VAL A 48 9.38 -1.91 4.27
CA VAL A 48 9.96 -2.84 5.23
C VAL A 48 11.35 -3.29 4.78
N LYS A 49 12.37 -2.91 5.55
CA LYS A 49 13.75 -3.28 5.24
C LYS A 49 14.27 -4.30 6.23
N ASP A 50 15.36 -4.97 5.86
CA ASP A 50 15.97 -5.98 6.72
C ASP A 50 16.37 -5.38 8.07
N MET A 51 16.51 -6.24 9.07
CA MET A 51 16.89 -5.79 10.41
C MET A 51 18.37 -5.99 10.65
N ALA A 52 19.03 -6.68 9.72
CA ALA A 52 20.46 -6.95 9.84
C ALA A 52 21.25 -6.11 8.83
N THR A 53 20.82 -6.14 7.58
CA THR A 53 21.49 -5.40 6.51
C THR A 53 20.79 -4.06 6.27
N GLY A 54 19.51 -3.98 6.62
CA GLY A 54 18.77 -2.75 6.42
C GLY A 54 18.39 -2.52 4.97
N LYS A 55 18.40 -3.59 4.19
CA LYS A 55 18.05 -3.51 2.77
C LYS A 55 16.59 -3.87 2.55
N SER A 56 15.95 -3.18 1.61
CA SER A 56 14.55 -3.43 1.30
C SER A 56 14.29 -4.93 1.14
N LYS A 57 13.61 -5.52 2.12
CA LYS A 57 13.30 -6.94 2.09
C LYS A 57 12.65 -7.32 0.77
N GLY A 58 11.69 -6.51 0.32
CA GLY A 58 11.02 -6.78 -0.94
C GLY A 58 9.51 -6.64 -0.81
N TYR A 59 9.07 -5.77 0.09
CA TYR A 59 7.64 -5.55 0.30
C TYR A 59 7.40 -4.36 1.23
N GLY A 60 6.33 -3.62 0.96
CA GLY A 60 6.02 -2.47 1.79
C GLY A 60 4.52 -2.25 1.93
N PHE A 61 4.14 -1.13 2.53
CA PHE A 61 2.72 -0.81 2.73
C PHE A 61 2.42 0.62 2.28
N VAL A 62 1.27 0.80 1.65
CA VAL A 62 0.86 2.12 1.17
C VAL A 62 -0.63 2.34 1.39
N SER A 63 -0.96 3.39 2.13
CA SER A 63 -2.36 3.73 2.41
C SER A 63 -2.84 4.86 1.52
N PHE A 64 -4.13 4.83 1.18
CA PHE A 64 -4.71 5.85 0.33
C PHE A 64 -5.93 6.49 1.00
N TYR A 65 -6.16 7.76 0.72
CA TYR A 65 -7.30 8.48 1.29
C TYR A 65 -8.62 7.88 0.82
N ASN A 66 -8.65 7.44 -0.44
CA ASN A 66 -9.85 6.85 -1.01
C ASN A 66 -9.53 5.52 -1.69
N LYS A 67 -10.53 4.66 -1.78
CA LYS A 67 -10.36 3.35 -2.42
C LYS A 67 -9.93 3.50 -3.87
N LEU A 68 -10.83 4.04 -4.69
CA LEU A 68 -10.55 4.24 -6.10
C LEU A 68 -9.09 4.61 -6.32
N ASP A 69 -8.67 5.71 -5.72
CA ASP A 69 -7.29 6.18 -5.84
C ASP A 69 -6.31 5.03 -5.61
N ALA A 70 -6.60 4.21 -4.61
CA ALA A 70 -5.74 3.07 -4.28
C ALA A 70 -5.85 1.98 -5.34
N GLU A 71 -7.07 1.54 -5.62
CA GLU A 71 -7.30 0.50 -6.61
C GLU A 71 -6.55 0.80 -7.90
N ASN A 72 -6.52 2.07 -8.28
CA ASN A 72 -5.83 2.49 -9.50
C ASN A 72 -4.39 1.98 -9.51
N ALA A 73 -3.70 2.14 -8.40
CA ALA A 73 -2.32 1.69 -8.27
C ALA A 73 -2.22 0.18 -8.36
N ILE A 74 -3.00 -0.51 -7.52
CA ILE A 74 -3.00 -1.96 -7.50
C ILE A 74 -2.96 -2.54 -8.91
N VAL A 75 -3.63 -1.85 -9.84
CA VAL A 75 -3.66 -2.29 -11.24
C VAL A 75 -2.51 -1.69 -12.02
N HIS A 76 -2.37 -0.38 -11.97
CA HIS A 76 -1.31 0.32 -12.68
C HIS A 76 0.06 -0.17 -12.22
N MET A 77 0.36 0.05 -10.94
CA MET A 77 1.63 -0.38 -10.37
C MET A 77 1.77 -1.89 -10.41
N GLY A 78 0.66 -2.59 -10.19
CA GLY A 78 0.68 -4.04 -10.21
C GLY A 78 1.58 -4.60 -11.29
N GLY A 79 2.84 -4.85 -10.95
CA GLY A 79 3.77 -5.39 -11.92
C GLY A 79 4.61 -4.30 -12.57
N GLN A 80 4.05 -3.10 -12.67
CA GLN A 80 4.76 -1.98 -13.27
C GLN A 80 6.23 -2.00 -12.90
N TRP A 81 7.06 -1.39 -13.75
CA TRP A 81 8.49 -1.33 -13.51
C TRP A 81 8.88 -0.03 -12.82
N LEU A 82 8.89 -0.04 -11.50
CA LEU A 82 9.25 1.15 -10.72
C LEU A 82 10.75 1.23 -10.51
N GLY A 83 11.28 0.32 -9.68
CA GLY A 83 12.70 0.30 -9.41
C GLY A 83 13.36 -1.00 -9.82
N GLY A 84 14.28 -0.92 -10.78
CA GLY A 84 14.97 -2.11 -11.25
C GLY A 84 14.00 -3.20 -11.67
N ARG A 85 13.67 -4.09 -10.73
CA ARG A 85 12.76 -5.18 -11.01
C ARG A 85 11.31 -4.73 -10.92
N GLN A 86 10.38 -5.64 -11.19
CA GLN A 86 8.96 -5.33 -11.14
C GLN A 86 8.46 -5.30 -9.70
N ILE A 87 7.19 -4.94 -9.52
CA ILE A 87 6.60 -4.87 -8.20
C ILE A 87 5.23 -5.57 -8.18
N ARG A 88 4.70 -5.77 -6.97
CA ARG A 88 3.40 -6.42 -6.82
C ARG A 88 2.47 -5.56 -5.97
N THR A 89 1.17 -5.83 -6.07
CA THR A 89 0.17 -5.08 -5.32
C THR A 89 -1.00 -5.97 -4.94
N ASN A 90 -1.60 -5.70 -3.79
CA ASN A 90 -2.75 -6.47 -3.31
C ASN A 90 -3.53 -5.70 -2.26
N TRP A 91 -4.76 -6.14 -1.99
CA TRP A 91 -5.60 -5.49 -1.00
C TRP A 91 -5.20 -5.90 0.42
N ALA A 92 -4.20 -5.23 0.96
CA ALA A 92 -3.72 -5.52 2.31
C ALA A 92 -4.89 -5.82 3.25
N THR A 93 -5.98 -5.09 3.07
CA THR A 93 -7.16 -5.26 3.90
C THR A 93 -8.41 -5.48 3.06
N ARG A 94 -8.92 -6.70 3.06
CA ARG A 94 -10.11 -7.04 2.29
C ARG A 94 -11.38 -6.64 3.04
N LYS A 95 -11.40 -6.90 4.33
CA LYS A 95 -12.55 -6.56 5.17
C LYS A 95 -13.86 -6.86 4.44
N PRO A 96 -13.99 -8.10 3.95
CA PRO A 96 -15.19 -8.54 3.23
C PRO A 96 -16.41 -8.66 4.13
N PRO A 97 -17.61 -8.72 3.52
CA PRO A 97 -18.87 -8.84 4.26
C PRO A 97 -19.02 -10.20 4.94
N ALA A 98 -19.63 -10.20 6.11
CA ALA A 98 -19.85 -11.43 6.86
C ALA A 98 -21.33 -11.66 7.14
N PRO A 99 -21.76 -12.93 7.13
CA PRO A 99 -23.15 -13.31 7.37
C PRO A 99 -23.56 -13.08 8.82
N SER A 100 -22.58 -12.87 9.68
CA SER A 100 -22.84 -12.64 11.10
C SER A 100 -24.11 -11.83 11.29
N GLY A 101 -25.08 -12.41 12.01
CA GLY A 101 -26.33 -11.71 12.25
C GLY A 101 -27.39 -12.06 11.22
N PRO A 102 -27.94 -13.28 11.31
CA PRO A 102 -28.97 -13.75 10.39
C PRO A 102 -30.30 -13.05 10.59
N SER A 103 -30.46 -12.42 11.76
CA SER A 103 -31.69 -11.70 12.07
C SER A 103 -31.81 -10.43 11.23
N SER A 104 -33.03 -10.17 10.75
CA SER A 104 -33.27 -8.99 9.92
C SER A 104 -33.26 -7.73 10.77
N GLY A 105 -33.92 -7.78 11.92
CA GLY A 105 -33.97 -6.62 12.80
C GLY A 105 -35.26 -5.84 12.67
N GLY A 1 5.39 -16.94 21.10
CA GLY A 1 4.42 -15.91 21.40
C GLY A 1 3.96 -15.16 20.16
N SER A 2 4.58 -14.01 19.91
CA SER A 2 4.24 -13.20 18.74
C SER A 2 5.41 -13.09 17.78
N SER A 3 5.12 -12.71 16.54
CA SER A 3 6.16 -12.58 15.51
C SER A 3 6.78 -11.19 15.56
N GLY A 4 6.49 -10.45 16.61
CA GLY A 4 7.04 -9.10 16.75
C GLY A 4 6.67 -8.46 18.08
N SER A 5 5.48 -7.86 18.12
CA SER A 5 5.00 -7.20 19.34
C SER A 5 3.48 -7.12 19.35
N SER A 6 2.91 -6.97 20.54
CA SER A 6 1.46 -6.87 20.68
C SER A 6 1.01 -5.41 20.72
N GLY A 7 0.17 -5.03 19.76
CA GLY A 7 -0.33 -3.67 19.70
C GLY A 7 -1.71 -3.58 19.10
N GLN A 8 -2.67 -3.13 19.89
CA GLN A 8 -4.05 -2.99 19.43
C GLN A 8 -4.41 -1.53 19.18
N LYS A 9 -3.97 -1.01 18.05
CA LYS A 9 -4.24 0.39 17.69
C LYS A 9 -3.87 0.66 16.24
N LYS A 10 -4.64 1.53 15.60
CA LYS A 10 -4.40 1.87 14.19
C LYS A 10 -4.94 3.26 13.89
N ASP A 11 -4.04 4.21 13.65
CA ASP A 11 -4.41 5.58 13.34
C ASP A 11 -5.32 5.62 12.11
N THR A 12 -4.74 5.33 10.95
CA THR A 12 -5.49 5.34 9.70
C THR A 12 -6.49 4.18 9.65
N SER A 13 -7.78 4.53 9.69
CA SER A 13 -8.84 3.52 9.66
C SER A 13 -9.62 3.60 8.35
N ASN A 14 -10.32 4.70 8.15
CA ASN A 14 -11.11 4.91 6.94
C ASN A 14 -10.28 4.64 5.69
N HIS A 15 -9.03 5.11 5.72
CA HIS A 15 -8.13 4.93 4.59
C HIS A 15 -7.95 3.44 4.27
N PHE A 16 -7.67 3.13 3.00
CA PHE A 16 -7.48 1.76 2.58
C PHE A 16 -5.99 1.40 2.54
N HIS A 17 -5.64 0.29 3.18
CA HIS A 17 -4.26 -0.17 3.22
C HIS A 17 -3.94 -1.04 2.01
N VAL A 18 -2.97 -0.60 1.21
CA VAL A 18 -2.57 -1.35 0.02
C VAL A 18 -1.18 -1.96 0.20
N PHE A 19 -1.12 -3.28 0.11
CA PHE A 19 0.15 -3.99 0.26
C PHE A 19 0.91 -4.03 -1.06
N VAL A 20 2.24 -3.97 -0.97
CA VAL A 20 3.08 -3.99 -2.16
C VAL A 20 4.24 -4.98 -1.99
N GLY A 21 4.56 -5.69 -3.06
CA GLY A 21 5.64 -6.65 -3.02
C GLY A 21 6.63 -6.49 -4.16
N ASP A 22 7.51 -7.46 -4.32
CA ASP A 22 8.51 -7.42 -5.38
C ASP A 22 9.14 -6.03 -5.47
N LEU A 23 9.35 -5.40 -4.33
CA LEU A 23 9.94 -4.07 -4.28
C LEU A 23 11.45 -4.15 -4.45
N SER A 24 11.94 -3.75 -5.63
CA SER A 24 13.37 -3.78 -5.91
C SER A 24 14.17 -3.31 -4.70
N PRO A 25 15.43 -3.78 -4.60
CA PRO A 25 16.32 -3.42 -3.51
C PRO A 25 16.77 -1.97 -3.57
N GLU A 26 16.82 -1.43 -4.78
CA GLU A 26 17.23 -0.04 -4.97
C GLU A 26 16.10 0.92 -4.60
N ILE A 27 14.93 0.37 -4.33
CA ILE A 27 13.77 1.17 -3.96
C ILE A 27 13.96 1.81 -2.59
N THR A 28 13.16 2.84 -2.31
CA THR A 28 13.25 3.56 -1.04
C THR A 28 11.87 3.97 -0.55
N THR A 29 11.80 4.49 0.67
CA THR A 29 10.54 4.92 1.25
C THR A 29 10.02 6.17 0.55
N GLU A 30 10.93 7.07 0.21
CA GLU A 30 10.56 8.32 -0.46
C GLU A 30 10.21 8.06 -1.92
N ASP A 31 10.64 6.90 -2.43
CA ASP A 31 10.37 6.53 -3.82
C ASP A 31 8.91 6.10 -3.99
N ILE A 32 8.48 5.14 -3.19
CA ILE A 32 7.12 4.64 -3.25
C ILE A 32 6.11 5.78 -3.12
N LYS A 33 6.32 6.64 -2.13
CA LYS A 33 5.43 7.77 -1.90
C LYS A 33 5.29 8.62 -3.16
N SER A 34 6.41 8.84 -3.85
CA SER A 34 6.42 9.63 -5.06
C SER A 34 6.11 8.76 -6.28
N ALA A 35 6.22 7.45 -6.11
CA ALA A 35 5.94 6.51 -7.19
C ALA A 35 4.48 6.10 -7.20
N PHE A 36 3.78 6.38 -6.11
CA PHE A 36 2.36 6.03 -5.99
C PHE A 36 1.50 7.28 -5.91
N ALA A 37 2.15 8.44 -5.76
CA ALA A 37 1.44 9.70 -5.67
C ALA A 37 0.50 9.90 -6.84
N PRO A 38 1.00 9.62 -8.06
CA PRO A 38 0.22 9.75 -9.29
C PRO A 38 -1.16 9.10 -9.18
N PHE A 39 -1.31 8.24 -8.18
CA PHE A 39 -2.58 7.55 -7.96
C PHE A 39 -3.48 8.34 -7.03
N GLY A 40 -2.87 9.05 -6.09
CA GLY A 40 -3.64 9.85 -5.14
C GLY A 40 -2.84 10.20 -3.90
N LYS A 41 -3.39 11.07 -3.07
CA LYS A 41 -2.73 11.49 -1.84
C LYS A 41 -2.39 10.28 -0.97
N ILE A 42 -1.15 10.25 -0.49
CA ILE A 42 -0.70 9.15 0.36
C ILE A 42 -0.67 9.56 1.83
N SER A 43 -1.38 8.81 2.67
CA SER A 43 -1.45 9.09 4.09
C SER A 43 -0.28 8.46 4.83
N ASP A 44 -0.05 7.16 4.57
CA ASP A 44 1.03 6.44 5.21
C ASP A 44 1.64 5.42 4.24
N ALA A 45 2.92 5.60 3.93
CA ALA A 45 3.62 4.71 3.02
C ALA A 45 5.05 4.47 3.48
N ARG A 46 5.48 3.21 3.46
CA ARG A 46 6.82 2.85 3.88
C ARG A 46 7.22 1.49 3.30
N VAL A 47 8.53 1.20 3.34
CA VAL A 47 9.04 -0.05 2.82
C VAL A 47 9.58 -0.94 3.94
N VAL A 48 8.78 -1.91 4.36
CA VAL A 48 9.18 -2.82 5.43
C VAL A 48 10.57 -3.40 5.16
N LYS A 49 11.46 -3.26 6.15
CA LYS A 49 12.81 -3.77 6.03
C LYS A 49 13.13 -4.77 7.14
N ASP A 50 14.27 -5.43 7.03
CA ASP A 50 14.68 -6.41 8.03
C ASP A 50 15.20 -5.72 9.29
N MET A 51 15.16 -6.44 10.41
CA MET A 51 15.61 -5.89 11.68
C MET A 51 17.06 -6.29 11.95
N ALA A 52 17.58 -7.21 11.15
CA ALA A 52 18.96 -7.68 11.30
C ALA A 52 19.86 -7.01 10.28
N THR A 53 19.61 -7.26 9.00
CA THR A 53 20.41 -6.69 7.93
C THR A 53 19.95 -5.27 7.60
N GLY A 54 18.66 -5.01 7.79
CA GLY A 54 18.12 -3.70 7.51
C GLY A 54 17.95 -3.44 6.02
N LYS A 55 17.73 -4.51 5.26
CA LYS A 55 17.56 -4.40 3.82
C LYS A 55 16.10 -4.61 3.43
N SER A 56 15.69 -4.00 2.32
CA SER A 56 14.32 -4.12 1.85
C SER A 56 13.85 -5.57 1.90
N LYS A 57 12.93 -5.86 2.81
CA LYS A 57 12.40 -7.20 2.97
C LYS A 57 11.85 -7.72 1.65
N GLY A 58 11.25 -6.83 0.86
CA GLY A 58 10.69 -7.22 -0.42
C GLY A 58 9.22 -6.87 -0.54
N TYR A 59 8.73 -6.05 0.38
CA TYR A 59 7.33 -5.64 0.37
C TYR A 59 7.12 -4.41 1.24
N GLY A 60 6.18 -3.56 0.83
CA GLY A 60 5.89 -2.35 1.58
C GLY A 60 4.41 -2.14 1.78
N PHE A 61 4.04 -0.95 2.26
CA PHE A 61 2.65 -0.61 2.50
C PHE A 61 2.34 0.81 2.03
N VAL A 62 1.15 0.98 1.46
CA VAL A 62 0.73 2.28 0.96
C VAL A 62 -0.76 2.49 1.16
N SER A 63 -1.12 3.37 2.10
CA SER A 63 -2.52 3.66 2.39
C SER A 63 -3.04 4.78 1.50
N PHE A 64 -4.33 4.75 1.21
CA PHE A 64 -4.96 5.77 0.38
C PHE A 64 -6.17 6.38 1.06
N TYR A 65 -6.46 7.64 0.73
CA TYR A 65 -7.60 8.33 1.32
C TYR A 65 -8.92 7.75 0.83
N ASN A 66 -8.98 7.46 -0.46
CA ASN A 66 -10.19 6.89 -1.06
C ASN A 66 -9.92 5.49 -1.59
N LYS A 67 -10.96 4.86 -2.13
CA LYS A 67 -10.84 3.51 -2.67
C LYS A 67 -10.38 3.54 -4.13
N LEU A 68 -10.93 4.47 -4.89
CA LEU A 68 -10.57 4.62 -6.30
C LEU A 68 -9.06 4.74 -6.47
N ASP A 69 -8.51 5.84 -5.96
CA ASP A 69 -7.08 6.08 -6.05
C ASP A 69 -6.28 4.80 -5.79
N ALA A 70 -6.56 4.17 -4.66
CA ALA A 70 -5.89 2.93 -4.28
C ALA A 70 -6.00 1.89 -5.39
N GLU A 71 -7.22 1.65 -5.85
CA GLU A 71 -7.47 0.68 -6.91
C GLU A 71 -6.59 0.97 -8.13
N ASN A 72 -6.52 2.23 -8.51
CA ASN A 72 -5.72 2.65 -9.66
C ASN A 72 -4.30 2.07 -9.56
N ALA A 73 -3.68 2.24 -8.40
CA ALA A 73 -2.33 1.74 -8.18
C ALA A 73 -2.30 0.22 -8.18
N ILE A 74 -3.04 -0.38 -7.26
CA ILE A 74 -3.09 -1.84 -7.16
C ILE A 74 -3.09 -2.49 -8.54
N VAL A 75 -3.84 -1.90 -9.46
CA VAL A 75 -3.93 -2.41 -10.83
C VAL A 75 -2.72 -2.00 -11.65
N HIS A 76 -2.51 -0.68 -11.76
CA HIS A 76 -1.38 -0.15 -12.52
C HIS A 76 -0.06 -0.69 -11.98
N MET A 77 0.27 -0.32 -10.75
CA MET A 77 1.50 -0.77 -10.12
C MET A 77 1.70 -2.26 -10.31
N GLY A 78 0.64 -3.03 -10.08
CA GLY A 78 0.73 -4.47 -10.23
C GLY A 78 1.54 -4.88 -11.45
N GLY A 79 2.84 -5.10 -11.23
CA GLY A 79 3.71 -5.48 -12.32
C GLY A 79 4.51 -4.32 -12.88
N GLN A 80 3.91 -3.12 -12.84
CA GLN A 80 4.58 -1.93 -13.34
C GLN A 80 6.06 -1.94 -12.99
N TRP A 81 6.87 -1.32 -13.85
CA TRP A 81 8.31 -1.26 -13.62
C TRP A 81 8.70 0.05 -12.95
N LEU A 82 8.74 0.03 -11.62
CA LEU A 82 9.10 1.22 -10.85
C LEU A 82 10.61 1.32 -10.67
N GLY A 83 11.16 0.43 -9.84
CA GLY A 83 12.58 0.44 -9.59
C GLY A 83 13.24 -0.88 -9.97
N GLY A 84 14.18 -0.82 -10.91
CA GLY A 84 14.86 -2.02 -11.35
C GLY A 84 13.90 -3.12 -11.78
N ARG A 85 13.55 -3.98 -10.84
CA ARG A 85 12.63 -5.09 -11.13
C ARG A 85 11.18 -4.63 -10.99
N GLN A 86 10.26 -5.48 -11.43
CA GLN A 86 8.84 -5.16 -11.36
C GLN A 86 8.35 -5.16 -9.92
N ILE A 87 7.08 -4.82 -9.73
CA ILE A 87 6.49 -4.78 -8.40
C ILE A 87 5.12 -5.43 -8.37
N ARG A 88 4.58 -5.64 -7.18
CA ARG A 88 3.27 -6.26 -7.02
C ARG A 88 2.45 -5.53 -5.96
N THR A 89 1.14 -5.77 -5.96
CA THR A 89 0.25 -5.14 -5.01
C THR A 89 -0.82 -6.12 -4.51
N ASN A 90 -1.47 -5.77 -3.41
CA ASN A 90 -2.50 -6.62 -2.84
C ASN A 90 -3.37 -5.83 -1.85
N TRP A 91 -4.58 -6.32 -1.62
CA TRP A 91 -5.50 -5.66 -0.71
C TRP A 91 -5.30 -6.17 0.73
N ALA A 92 -4.55 -5.42 1.51
CA ALA A 92 -4.28 -5.79 2.90
C ALA A 92 -5.37 -5.28 3.82
N THR A 93 -6.61 -5.33 3.34
CA THR A 93 -7.76 -4.87 4.12
C THR A 93 -8.85 -5.92 4.17
N ARG A 94 -9.51 -6.04 5.32
CA ARG A 94 -10.58 -7.01 5.50
C ARG A 94 -11.91 -6.32 5.78
N LYS A 95 -12.93 -6.65 4.99
CA LYS A 95 -14.25 -6.06 5.16
C LYS A 95 -15.31 -7.14 5.35
N PRO A 96 -16.31 -6.84 6.19
CA PRO A 96 -17.40 -7.78 6.48
C PRO A 96 -18.34 -7.97 5.28
N PRO A 97 -18.89 -9.18 5.16
CA PRO A 97 -19.80 -9.52 4.06
C PRO A 97 -21.14 -8.81 4.18
N ALA A 98 -21.73 -8.45 3.04
CA ALA A 98 -23.02 -7.77 3.03
C ALA A 98 -23.91 -8.31 1.92
N PRO A 99 -25.22 -8.36 2.18
CA PRO A 99 -26.20 -8.86 1.22
C PRO A 99 -26.39 -7.91 0.04
N SER A 100 -27.23 -8.31 -0.92
CA SER A 100 -27.48 -7.49 -2.10
C SER A 100 -28.75 -6.65 -1.91
N GLY A 101 -29.80 -7.27 -1.39
CA GLY A 101 -31.04 -6.56 -1.17
C GLY A 101 -32.18 -7.10 -2.00
N PRO A 102 -33.42 -6.70 -1.66
CA PRO A 102 -34.62 -7.15 -2.37
C PRO A 102 -34.70 -6.56 -3.78
N SER A 103 -35.60 -7.12 -4.59
CA SER A 103 -35.78 -6.65 -5.96
C SER A 103 -37.26 -6.42 -6.27
N SER A 104 -37.70 -5.17 -6.12
CA SER A 104 -39.09 -4.82 -6.37
C SER A 104 -39.43 -4.97 -7.85
N GLY A 105 -40.68 -5.32 -8.13
CA GLY A 105 -41.11 -5.49 -9.50
C GLY A 105 -41.20 -6.96 -9.91
N GLY A 1 -16.73 31.99 2.96
CA GLY A 1 -16.49 31.26 4.19
C GLY A 1 -15.15 30.54 4.17
N SER A 2 -15.00 29.60 3.25
CA SER A 2 -13.76 28.83 3.14
C SER A 2 -12.58 29.74 2.81
N SER A 3 -11.38 29.29 3.17
CA SER A 3 -10.17 30.06 2.93
C SER A 3 -9.25 29.34 1.95
N GLY A 4 -9.09 28.04 2.17
CA GLY A 4 -8.23 27.24 1.31
C GLY A 4 -6.89 26.94 1.95
N SER A 5 -6.92 26.14 3.02
CA SER A 5 -5.70 25.78 3.72
C SER A 5 -5.19 24.40 3.28
N SER A 6 -3.88 24.22 3.30
CA SER A 6 -3.27 22.96 2.89
C SER A 6 -1.90 22.78 3.53
N GLY A 7 -1.48 21.53 3.67
CA GLY A 7 -0.18 21.25 4.27
C GLY A 7 -0.30 20.84 5.73
N GLN A 8 -1.27 20.01 6.03
CA GLN A 8 -1.49 19.55 7.41
C GLN A 8 -1.52 18.03 7.47
N LYS A 9 -1.15 17.48 8.63
CA LYS A 9 -1.13 16.05 8.83
C LYS A 9 -2.29 15.61 9.72
N LYS A 10 -2.86 14.44 9.41
CA LYS A 10 -3.97 13.90 10.18
C LYS A 10 -3.98 12.38 10.14
N ASP A 11 -4.35 11.76 11.26
CA ASP A 11 -4.40 10.31 11.35
C ASP A 11 -5.17 9.72 10.17
N THR A 12 -5.19 8.40 10.09
CA THR A 12 -5.89 7.71 9.00
C THR A 12 -7.37 7.56 9.31
N SER A 13 -8.20 8.04 8.39
CA SER A 13 -9.66 7.96 8.57
C SER A 13 -10.25 6.83 7.74
N ASN A 14 -10.27 5.63 8.32
CA ASN A 14 -10.82 4.47 7.63
C ASN A 14 -10.28 4.38 6.21
N HIS A 15 -8.98 4.61 6.06
CA HIS A 15 -8.34 4.56 4.74
C HIS A 15 -8.11 3.11 4.32
N PHE A 16 -7.89 2.91 3.02
CA PHE A 16 -7.65 1.58 2.49
C PHE A 16 -6.16 1.23 2.51
N HIS A 17 -5.85 0.04 3.01
CA HIS A 17 -4.47 -0.42 3.10
C HIS A 17 -4.08 -1.23 1.87
N VAL A 18 -3.01 -0.81 1.20
CA VAL A 18 -2.55 -1.50 0.00
C VAL A 18 -1.21 -2.19 0.27
N PHE A 19 -1.12 -3.47 -0.12
CA PHE A 19 0.10 -4.23 0.07
C PHE A 19 0.91 -4.30 -1.22
N VAL A 20 2.23 -4.20 -1.09
CA VAL A 20 3.11 -4.24 -2.24
C VAL A 20 4.25 -5.24 -2.02
N GLY A 21 4.52 -6.04 -3.05
CA GLY A 21 5.58 -7.03 -2.95
C GLY A 21 6.62 -6.88 -4.05
N ASP A 22 7.70 -7.65 -3.96
CA ASP A 22 8.76 -7.60 -4.94
C ASP A 22 9.34 -6.19 -5.05
N LEU A 23 9.50 -5.54 -3.90
CA LEU A 23 10.05 -4.19 -3.86
C LEU A 23 11.57 -4.20 -4.03
N SER A 24 12.01 -3.96 -5.26
CA SER A 24 13.44 -3.95 -5.57
C SER A 24 14.24 -3.39 -4.40
N PRO A 25 15.51 -3.82 -4.28
CA PRO A 25 16.40 -3.39 -3.21
C PRO A 25 16.82 -1.93 -3.37
N GLU A 26 16.56 -1.37 -4.55
CA GLU A 26 16.91 0.02 -4.83
C GLU A 26 15.74 0.94 -4.54
N ILE A 27 14.64 0.36 -4.08
CA ILE A 27 13.44 1.13 -3.77
C ILE A 27 13.60 1.88 -2.45
N THR A 28 12.98 3.06 -2.37
CA THR A 28 13.05 3.87 -1.16
C THR A 28 11.68 4.42 -0.79
N THR A 29 11.52 4.80 0.47
CA THR A 29 10.25 5.33 0.96
C THR A 29 9.83 6.55 0.16
N GLU A 30 10.81 7.33 -0.29
CA GLU A 30 10.54 8.53 -1.06
C GLU A 30 10.16 8.17 -2.50
N ASP A 31 10.49 6.95 -2.90
CA ASP A 31 10.17 6.48 -4.25
C ASP A 31 8.73 6.01 -4.34
N ILE A 32 8.32 5.19 -3.39
CA ILE A 32 6.96 4.66 -3.36
C ILE A 32 5.94 5.79 -3.17
N LYS A 33 6.27 6.74 -2.31
CA LYS A 33 5.40 7.87 -2.03
C LYS A 33 5.19 8.72 -3.28
N SER A 34 6.28 8.96 -4.01
CA SER A 34 6.21 9.75 -5.23
C SER A 34 5.84 8.89 -6.43
N ALA A 35 5.97 7.57 -6.27
CA ALA A 35 5.65 6.64 -7.34
C ALA A 35 4.17 6.30 -7.34
N PHE A 36 3.56 6.33 -6.16
CA PHE A 36 2.13 6.03 -6.02
C PHE A 36 1.31 7.31 -5.93
N ALA A 37 1.99 8.45 -5.81
CA ALA A 37 1.32 9.73 -5.72
C ALA A 37 0.37 9.95 -6.88
N PRO A 38 0.85 9.66 -8.11
CA PRO A 38 0.06 9.81 -9.33
C PRO A 38 -1.33 9.19 -9.20
N PHE A 39 -1.50 8.33 -8.20
CA PHE A 39 -2.78 7.66 -7.97
C PHE A 39 -3.63 8.47 -6.99
N GLY A 40 -2.99 9.08 -6.01
CA GLY A 40 -3.72 9.87 -5.04
C GLY A 40 -2.84 10.28 -3.87
N LYS A 41 -3.41 11.07 -2.95
CA LYS A 41 -2.68 11.53 -1.78
C LYS A 41 -2.37 10.38 -0.84
N ILE A 42 -1.09 10.15 -0.57
CA ILE A 42 -0.67 9.08 0.32
C ILE A 42 -0.53 9.58 1.76
N SER A 43 -1.18 8.88 2.68
CA SER A 43 -1.13 9.25 4.09
C SER A 43 -0.01 8.52 4.81
N ASP A 44 0.15 7.24 4.51
CA ASP A 44 1.18 6.42 5.13
C ASP A 44 1.77 5.43 4.12
N ALA A 45 3.09 5.48 3.95
CA ALA A 45 3.77 4.59 3.02
C ALA A 45 5.22 4.38 3.43
N ARG A 46 5.62 3.12 3.55
CA ARG A 46 6.98 2.79 3.93
C ARG A 46 7.41 1.45 3.34
N VAL A 47 8.71 1.26 3.19
CA VAL A 47 9.25 0.02 2.64
C VAL A 47 9.94 -0.82 3.71
N VAL A 48 9.22 -1.83 4.21
CA VAL A 48 9.77 -2.71 5.25
C VAL A 48 11.13 -3.25 4.84
N LYS A 49 12.13 -3.00 5.67
CA LYS A 49 13.49 -3.47 5.40
C LYS A 49 13.94 -4.47 6.46
N ASP A 50 15.09 -5.09 6.24
CA ASP A 50 15.64 -6.06 7.18
C ASP A 50 16.22 -5.36 8.40
N MET A 51 16.05 -5.99 9.57
CA MET A 51 16.56 -5.43 10.81
C MET A 51 17.99 -5.90 11.07
N ALA A 52 18.55 -6.65 10.12
CA ALA A 52 19.91 -7.15 10.25
C ALA A 52 20.86 -6.41 9.33
N THR A 53 20.63 -6.52 8.02
CA THR A 53 21.47 -5.86 7.03
C THR A 53 20.91 -4.49 6.68
N GLY A 54 19.60 -4.32 6.81
CA GLY A 54 18.97 -3.05 6.50
C GLY A 54 18.61 -2.93 5.03
N LYS A 55 18.31 -4.05 4.40
CA LYS A 55 17.96 -4.07 2.99
C LYS A 55 16.49 -4.45 2.80
N SER A 56 15.79 -3.72 1.94
CA SER A 56 14.38 -3.98 1.67
C SER A 56 14.10 -5.48 1.68
N LYS A 57 13.22 -5.90 2.59
CA LYS A 57 12.87 -7.31 2.71
C LYS A 57 12.23 -7.82 1.41
N GLY A 58 11.36 -7.00 0.83
CA GLY A 58 10.70 -7.39 -0.41
C GLY A 58 9.20 -7.15 -0.37
N TYR A 59 8.78 -6.19 0.45
CA TYR A 59 7.36 -5.87 0.58
C TYR A 59 7.18 -4.58 1.37
N GLY A 60 6.16 -3.80 1.00
CA GLY A 60 5.88 -2.55 1.68
C GLY A 60 4.40 -2.33 1.90
N PHE A 61 4.06 -1.18 2.49
CA PHE A 61 2.66 -0.85 2.75
C PHE A 61 2.36 0.58 2.34
N VAL A 62 1.18 0.78 1.76
CA VAL A 62 0.77 2.11 1.31
C VAL A 62 -0.72 2.33 1.55
N SER A 63 -1.05 3.43 2.21
CA SER A 63 -2.44 3.76 2.52
C SER A 63 -2.95 4.88 1.61
N PHE A 64 -4.21 4.79 1.24
CA PHE A 64 -4.83 5.79 0.37
C PHE A 64 -6.07 6.40 1.02
N TYR A 65 -6.29 7.68 0.77
CA TYR A 65 -7.44 8.38 1.34
C TYR A 65 -8.75 7.77 0.84
N ASN A 66 -8.83 7.54 -0.46
CA ASN A 66 -10.02 6.96 -1.06
C ASN A 66 -9.70 5.62 -1.72
N LYS A 67 -10.75 4.86 -2.04
CA LYS A 67 -10.58 3.56 -2.67
C LYS A 67 -10.03 3.72 -4.09
N LEU A 68 -10.74 4.49 -4.91
CA LEU A 68 -10.32 4.72 -6.29
C LEU A 68 -8.80 4.88 -6.38
N ASP A 69 -8.26 5.80 -5.59
CA ASP A 69 -6.83 6.05 -5.58
C ASP A 69 -6.05 4.75 -5.40
N ALA A 70 -6.57 3.88 -4.54
CA ALA A 70 -5.93 2.59 -4.28
C ALA A 70 -6.03 1.66 -5.49
N GLU A 71 -7.27 1.39 -5.89
CA GLU A 71 -7.51 0.51 -7.04
C GLU A 71 -6.61 0.88 -8.21
N ASN A 72 -6.55 2.18 -8.52
CA ASN A 72 -5.73 2.66 -9.62
C ASN A 72 -4.30 2.13 -9.51
N ALA A 73 -3.73 2.23 -8.31
CA ALA A 73 -2.37 1.76 -8.07
C ALA A 73 -2.30 0.24 -8.13
N ILE A 74 -3.20 -0.42 -7.41
CA ILE A 74 -3.24 -1.88 -7.39
C ILE A 74 -3.18 -2.45 -8.80
N VAL A 75 -3.79 -1.75 -9.75
CA VAL A 75 -3.81 -2.19 -11.15
C VAL A 75 -2.61 -1.64 -11.90
N HIS A 76 -2.44 -0.32 -11.88
CA HIS A 76 -1.33 0.33 -12.58
C HIS A 76 0.00 -0.22 -12.07
N MET A 77 0.29 -0.01 -10.79
CA MET A 77 1.52 -0.47 -10.20
C MET A 77 1.67 -1.99 -10.36
N GLY A 78 0.56 -2.70 -10.19
CA GLY A 78 0.58 -4.15 -10.32
C GLY A 78 1.49 -4.62 -11.45
N GLY A 79 2.75 -4.89 -11.12
CA GLY A 79 3.70 -5.35 -12.12
C GLY A 79 4.53 -4.21 -12.69
N GLN A 80 3.96 -3.01 -12.70
CA GLN A 80 4.65 -1.84 -13.22
C GLN A 80 6.13 -1.88 -12.87
N TRP A 81 6.96 -1.23 -13.68
CA TRP A 81 8.39 -1.19 -13.45
C TRP A 81 8.80 0.09 -12.71
N LEU A 82 8.81 0.03 -11.39
CA LEU A 82 9.18 1.18 -10.58
C LEU A 82 10.69 1.27 -10.41
N GLY A 83 11.25 0.35 -9.64
CA GLY A 83 12.68 0.34 -9.41
C GLY A 83 13.32 -0.99 -9.81
N GLY A 84 14.23 -0.92 -10.77
CA GLY A 84 14.90 -2.13 -11.23
C GLY A 84 13.93 -3.21 -11.67
N ARG A 85 13.58 -4.10 -10.75
CA ARG A 85 12.66 -5.18 -11.05
C ARG A 85 11.21 -4.71 -10.94
N GLN A 86 10.29 -5.58 -11.32
CA GLN A 86 8.87 -5.25 -11.27
C GLN A 86 8.34 -5.28 -9.83
N ILE A 87 7.06 -4.95 -9.67
CA ILE A 87 6.45 -4.95 -8.35
C ILE A 87 5.03 -5.52 -8.40
N ARG A 88 4.47 -5.81 -7.23
CA ARG A 88 3.13 -6.37 -7.15
C ARG A 88 2.26 -5.54 -6.20
N THR A 89 0.95 -5.78 -6.24
CA THR A 89 0.01 -5.06 -5.38
C THR A 89 -1.16 -5.93 -4.99
N ASN A 90 -1.64 -5.76 -3.77
CA ASN A 90 -2.77 -6.54 -3.26
C ASN A 90 -3.52 -5.77 -2.18
N TRP A 91 -4.71 -6.25 -1.83
CA TRP A 91 -5.52 -5.62 -0.81
C TRP A 91 -5.19 -6.16 0.57
N ALA A 92 -4.55 -5.32 1.39
CA ALA A 92 -4.17 -5.71 2.74
C ALA A 92 -5.36 -5.59 3.71
N THR A 93 -6.40 -6.37 3.45
CA THR A 93 -7.60 -6.35 4.29
C THR A 93 -8.04 -7.76 4.65
N ARG A 94 -8.13 -8.05 5.94
CA ARG A 94 -8.55 -9.36 6.41
C ARG A 94 -10.01 -9.34 6.85
N LYS A 95 -10.91 -9.54 5.88
CA LYS A 95 -12.34 -9.54 6.16
C LYS A 95 -13.12 -10.09 4.97
N PRO A 96 -14.12 -10.94 5.27
CA PRO A 96 -14.96 -11.56 4.23
C PRO A 96 -15.88 -10.54 3.57
N PRO A 97 -16.25 -10.81 2.30
CA PRO A 97 -17.12 -9.94 1.52
C PRO A 97 -18.56 -9.95 2.04
N ALA A 98 -18.97 -8.87 2.69
CA ALA A 98 -20.32 -8.77 3.23
C ALA A 98 -21.36 -8.84 2.13
N PRO A 99 -22.51 -9.45 2.43
CA PRO A 99 -23.61 -9.61 1.47
C PRO A 99 -24.29 -8.28 1.16
N SER A 100 -24.62 -8.07 -0.11
CA SER A 100 -25.29 -6.84 -0.53
C SER A 100 -26.68 -7.13 -1.08
N GLY A 101 -27.42 -6.07 -1.38
CA GLY A 101 -28.77 -6.23 -1.91
C GLY A 101 -28.93 -5.58 -3.28
N PRO A 102 -30.06 -5.86 -3.93
CA PRO A 102 -30.37 -5.30 -5.26
C PRO A 102 -30.65 -3.80 -5.21
N SER A 103 -29.77 -3.01 -5.81
CA SER A 103 -29.93 -1.56 -5.83
C SER A 103 -30.71 -1.12 -7.06
N SER A 104 -31.16 0.14 -7.05
CA SER A 104 -31.93 0.69 -8.16
C SER A 104 -31.16 1.82 -8.84
N GLY A 105 -31.63 2.23 -10.02
CA GLY A 105 -30.99 3.30 -10.74
C GLY A 105 -31.93 4.02 -11.68
N GLY A 1 0.77 -2.04 26.07
CA GLY A 1 1.67 -3.01 25.46
C GLY A 1 2.65 -2.37 24.50
N SER A 2 2.78 -2.96 23.32
CA SER A 2 3.70 -2.45 22.31
C SER A 2 3.43 -3.08 20.95
N SER A 3 3.20 -2.25 19.95
CA SER A 3 2.92 -2.72 18.60
C SER A 3 4.01 -2.30 17.64
N GLY A 4 4.16 -3.04 16.54
CA GLY A 4 5.18 -2.74 15.55
C GLY A 4 4.81 -1.55 14.69
N SER A 5 3.94 -1.79 13.70
CA SER A 5 3.51 -0.72 12.80
C SER A 5 2.59 0.26 13.53
N SER A 6 2.68 1.53 13.16
CA SER A 6 1.87 2.57 13.76
C SER A 6 2.06 3.90 13.04
N GLY A 7 1.19 4.86 13.36
CA GLY A 7 1.27 6.17 12.73
C GLY A 7 1.35 7.29 13.75
N GLN A 8 2.48 7.38 14.45
CA GLN A 8 2.68 8.42 15.46
C GLN A 8 2.53 9.81 14.84
N LYS A 9 2.97 9.95 13.60
CA LYS A 9 2.89 11.23 12.90
C LYS A 9 1.49 11.44 12.31
N LYS A 10 0.86 10.34 11.91
CA LYS A 10 -0.49 10.40 11.33
C LYS A 10 -1.14 9.02 11.34
N ASP A 11 -2.13 8.85 12.20
CA ASP A 11 -2.85 7.58 12.31
C ASP A 11 -3.87 7.44 11.18
N THR A 12 -4.08 6.20 10.73
CA THR A 12 -5.03 5.93 9.66
C THR A 12 -6.28 5.23 10.20
N SER A 13 -7.44 5.83 9.96
CA SER A 13 -8.69 5.26 10.43
C SER A 13 -9.72 5.20 9.29
N ASN A 14 -9.69 6.22 8.44
CA ASN A 14 -10.62 6.30 7.30
C ASN A 14 -9.88 6.13 5.99
N HIS A 15 -8.75 5.42 6.03
CA HIS A 15 -7.94 5.18 4.84
C HIS A 15 -7.81 3.69 4.56
N PHE A 16 -7.55 3.35 3.30
CA PHE A 16 -7.41 1.96 2.90
C PHE A 16 -5.94 1.53 2.93
N HIS A 17 -5.72 0.23 3.04
CA HIS A 17 -4.36 -0.31 3.09
C HIS A 17 -4.06 -1.14 1.84
N VAL A 18 -2.95 -0.83 1.20
CA VAL A 18 -2.55 -1.54 -0.01
C VAL A 18 -1.19 -2.23 0.18
N PHE A 19 -1.19 -3.56 0.08
CA PHE A 19 0.04 -4.34 0.24
C PHE A 19 0.79 -4.42 -1.08
N VAL A 20 2.10 -4.17 -1.03
CA VAL A 20 2.94 -4.22 -2.21
C VAL A 20 4.10 -5.18 -2.01
N GLY A 21 4.18 -6.20 -2.87
CA GLY A 21 5.25 -7.18 -2.76
C GLY A 21 6.23 -7.07 -3.91
N ASP A 22 7.28 -7.90 -3.88
CA ASP A 22 8.28 -7.91 -4.93
C ASP A 22 8.86 -6.51 -5.15
N LEU A 23 9.19 -5.84 -4.04
CA LEU A 23 9.74 -4.50 -4.11
C LEU A 23 11.27 -4.53 -4.17
N SER A 24 11.82 -4.10 -5.31
CA SER A 24 13.26 -4.08 -5.50
C SER A 24 13.97 -3.52 -4.27
N PRO A 25 15.23 -3.95 -4.06
CA PRO A 25 16.04 -3.50 -2.93
C PRO A 25 16.46 -2.05 -3.06
N GLU A 26 16.69 -1.61 -4.29
CA GLU A 26 17.09 -0.23 -4.55
C GLU A 26 15.97 0.74 -4.20
N ILE A 27 14.74 0.24 -4.20
CA ILE A 27 13.58 1.07 -3.87
C ILE A 27 13.74 1.74 -2.51
N THR A 28 13.14 2.92 -2.37
CA THR A 28 13.22 3.65 -1.12
C THR A 28 11.83 4.11 -0.65
N THR A 29 11.73 4.50 0.60
CA THR A 29 10.46 4.95 1.17
C THR A 29 9.99 6.24 0.49
N GLU A 30 10.94 7.07 0.09
CA GLU A 30 10.61 8.33 -0.58
C GLU A 30 10.29 8.10 -2.05
N ASP A 31 10.57 6.89 -2.54
CA ASP A 31 10.30 6.55 -3.93
C ASP A 31 8.85 6.11 -4.11
N ILE A 32 8.41 5.18 -3.26
CA ILE A 32 7.05 4.68 -3.33
C ILE A 32 6.04 5.81 -3.18
N LYS A 33 6.34 6.74 -2.28
CA LYS A 33 5.45 7.88 -2.04
C LYS A 33 5.27 8.71 -3.31
N SER A 34 6.33 8.81 -4.09
CA SER A 34 6.28 9.57 -5.34
C SER A 34 5.91 8.67 -6.52
N ALA A 35 6.02 7.37 -6.32
CA ALA A 35 5.69 6.40 -7.35
C ALA A 35 4.21 6.01 -7.29
N PHE A 36 3.58 6.31 -6.17
CA PHE A 36 2.17 5.98 -5.98
C PHE A 36 1.32 7.25 -5.92
N ALA A 37 1.99 8.40 -5.84
CA ALA A 37 1.30 9.68 -5.78
C ALA A 37 0.33 9.84 -6.95
N PRO A 38 0.80 9.52 -8.17
CA PRO A 38 0.00 9.62 -9.38
C PRO A 38 -1.38 8.99 -9.21
N PHE A 39 -1.53 8.17 -8.19
CA PHE A 39 -2.80 7.50 -7.92
C PHE A 39 -3.66 8.33 -6.97
N GLY A 40 -3.01 9.05 -6.07
CA GLY A 40 -3.73 9.88 -5.12
C GLY A 40 -2.89 10.23 -3.91
N LYS A 41 -3.42 11.12 -3.07
CA LYS A 41 -2.72 11.54 -1.85
C LYS A 41 -2.41 10.34 -0.97
N ILE A 42 -1.21 10.34 -0.38
CA ILE A 42 -0.79 9.27 0.50
C ILE A 42 -0.73 9.73 1.96
N SER A 43 -1.34 8.94 2.84
CA SER A 43 -1.35 9.27 4.26
C SER A 43 -0.24 8.54 5.00
N ASP A 44 0.17 7.40 4.46
CA ASP A 44 1.23 6.59 5.06
C ASP A 44 1.85 5.65 4.04
N ALA A 45 3.16 5.72 3.90
CA ALA A 45 3.88 4.87 2.95
C ALA A 45 5.30 4.59 3.43
N ARG A 46 5.63 3.31 3.55
CA ARG A 46 6.96 2.91 4.00
C ARG A 46 7.35 1.55 3.41
N VAL A 47 8.66 1.31 3.31
CA VAL A 47 9.16 0.06 2.76
C VAL A 47 9.75 -0.82 3.86
N VAL A 48 8.98 -1.80 4.32
CA VAL A 48 9.43 -2.71 5.35
C VAL A 48 10.81 -3.27 5.05
N LYS A 49 11.75 -3.04 5.95
CA LYS A 49 13.12 -3.53 5.77
C LYS A 49 13.50 -4.51 6.89
N ASP A 50 14.63 -5.18 6.71
CA ASP A 50 15.11 -6.14 7.69
C ASP A 50 15.66 -5.43 8.92
N MET A 51 15.48 -6.04 10.09
CA MET A 51 15.95 -5.46 11.34
C MET A 51 17.39 -5.88 11.62
N ALA A 52 18.06 -6.38 10.59
CA ALA A 52 19.45 -6.81 10.72
C ALA A 52 20.32 -6.22 9.62
N THR A 53 19.92 -6.46 8.37
CA THR A 53 20.67 -5.95 7.22
C THR A 53 20.23 -4.54 6.87
N GLY A 54 18.98 -4.21 7.18
CA GLY A 54 18.46 -2.89 6.88
C GLY A 54 18.12 -2.71 5.42
N LYS A 55 17.89 -3.82 4.73
CA LYS A 55 17.55 -3.77 3.31
C LYS A 55 16.08 -4.08 3.09
N SER A 56 15.51 -3.51 2.03
CA SER A 56 14.10 -3.71 1.71
C SER A 56 13.78 -5.20 1.62
N LYS A 57 13.03 -5.71 2.59
CA LYS A 57 12.66 -7.11 2.62
C LYS A 57 12.08 -7.55 1.27
N GLY A 58 11.37 -6.64 0.62
CA GLY A 58 10.77 -6.95 -0.67
C GLY A 58 9.28 -6.65 -0.71
N TYR A 59 8.81 -5.89 0.27
CA TYR A 59 7.40 -5.54 0.35
C TYR A 59 7.18 -4.32 1.24
N GLY A 60 6.22 -3.48 0.86
CA GLY A 60 5.93 -2.29 1.63
C GLY A 60 4.45 -2.06 1.82
N PHE A 61 4.09 -0.95 2.45
CA PHE A 61 2.69 -0.61 2.69
C PHE A 61 2.38 0.80 2.23
N VAL A 62 1.24 0.96 1.56
CA VAL A 62 0.83 2.27 1.06
C VAL A 62 -0.66 2.51 1.31
N SER A 63 -0.97 3.54 2.08
CA SER A 63 -2.35 3.87 2.40
C SER A 63 -2.86 5.00 1.50
N PHE A 64 -4.14 4.94 1.16
CA PHE A 64 -4.75 5.95 0.31
C PHE A 64 -5.98 6.56 0.98
N TYR A 65 -6.23 7.83 0.68
CA TYR A 65 -7.38 8.53 1.26
C TYR A 65 -8.69 7.92 0.80
N ASN A 66 -8.79 7.67 -0.51
CA ASN A 66 -9.99 7.09 -1.09
C ASN A 66 -9.68 5.76 -1.76
N LYS A 67 -10.66 4.87 -1.78
CA LYS A 67 -10.50 3.55 -2.40
C LYS A 67 -10.06 3.69 -3.85
N LEU A 68 -10.84 4.41 -4.64
CA LEU A 68 -10.54 4.61 -6.05
C LEU A 68 -9.03 4.78 -6.26
N ASP A 69 -8.43 5.65 -5.46
CA ASP A 69 -7.00 5.90 -5.56
C ASP A 69 -6.21 4.61 -5.37
N ALA A 70 -6.62 3.81 -4.40
CA ALA A 70 -5.96 2.55 -4.12
C ALA A 70 -6.08 1.58 -5.30
N GLU A 71 -7.29 1.45 -5.83
CA GLU A 71 -7.54 0.56 -6.95
C GLU A 71 -6.67 0.93 -8.15
N ASN A 72 -6.63 2.23 -8.46
CA ASN A 72 -5.84 2.72 -9.58
C ASN A 72 -4.43 2.15 -9.54
N ALA A 73 -3.80 2.21 -8.36
CA ALA A 73 -2.45 1.70 -8.18
C ALA A 73 -2.42 0.17 -8.25
N ILE A 74 -3.16 -0.47 -7.35
CA ILE A 74 -3.21 -1.93 -7.31
C ILE A 74 -3.26 -2.52 -8.72
N VAL A 75 -3.96 -1.83 -9.62
CA VAL A 75 -4.09 -2.28 -11.00
C VAL A 75 -2.82 -1.94 -11.80
N HIS A 76 -2.52 -0.64 -11.90
CA HIS A 76 -1.35 -0.19 -12.63
C HIS A 76 -0.07 -0.73 -11.99
N MET A 77 0.22 -0.28 -10.78
CA MET A 77 1.41 -0.71 -10.06
C MET A 77 1.69 -2.18 -10.30
N GLY A 78 0.66 -3.02 -10.12
CA GLY A 78 0.82 -4.44 -10.33
C GLY A 78 1.71 -4.77 -11.52
N GLY A 79 2.95 -5.14 -11.25
CA GLY A 79 3.89 -5.47 -12.31
C GLY A 79 4.65 -4.25 -12.81
N GLN A 80 4.01 -3.08 -12.73
CA GLN A 80 4.64 -1.84 -13.18
C GLN A 80 6.13 -1.86 -12.89
N TRP A 81 6.89 -1.12 -13.69
CA TRP A 81 8.33 -1.04 -13.51
C TRP A 81 8.73 0.26 -12.82
N LEU A 82 8.82 0.20 -11.50
CA LEU A 82 9.18 1.37 -10.70
C LEU A 82 10.70 1.47 -10.56
N GLY A 83 11.28 0.56 -9.78
CA GLY A 83 12.71 0.56 -9.58
C GLY A 83 13.37 -0.72 -10.04
N GLY A 84 14.27 -0.61 -11.01
CA GLY A 84 14.95 -1.78 -11.53
C GLY A 84 14.00 -2.87 -11.94
N ARG A 85 13.71 -3.78 -11.02
CA ARG A 85 12.80 -4.89 -11.28
C ARG A 85 11.34 -4.44 -11.19
N GLN A 86 10.42 -5.36 -11.46
CA GLN A 86 9.00 -5.06 -11.40
C GLN A 86 8.50 -5.06 -9.96
N ILE A 87 7.21 -4.83 -9.78
CA ILE A 87 6.61 -4.80 -8.46
C ILE A 87 5.25 -5.51 -8.45
N ARG A 88 4.70 -5.71 -7.26
CA ARG A 88 3.40 -6.36 -7.12
C ARG A 88 2.53 -5.64 -6.11
N THR A 89 1.23 -5.56 -6.40
CA THR A 89 0.29 -4.89 -5.51
C THR A 89 -0.88 -5.80 -5.17
N ASN A 90 -1.43 -5.62 -3.97
CA ASN A 90 -2.56 -6.43 -3.52
C ASN A 90 -3.30 -5.74 -2.38
N TRP A 91 -4.50 -6.23 -2.07
CA TRP A 91 -5.31 -5.66 -1.00
C TRP A 91 -4.89 -6.23 0.35
N ALA A 92 -4.21 -5.39 1.14
CA ALA A 92 -3.75 -5.81 2.47
C ALA A 92 -4.89 -6.36 3.30
N THR A 93 -5.12 -7.67 3.21
CA THR A 93 -6.19 -8.32 3.95
C THR A 93 -5.64 -9.46 4.80
N ARG A 94 -6.18 -9.59 6.01
CA ARG A 94 -5.75 -10.65 6.92
C ARG A 94 -6.93 -11.52 7.33
N LYS A 95 -6.67 -12.83 7.47
CA LYS A 95 -7.72 -13.77 7.85
C LYS A 95 -7.21 -14.71 8.94
N PRO A 96 -8.05 -14.96 9.96
CA PRO A 96 -7.71 -15.85 11.07
C PRO A 96 -7.64 -17.31 10.65
N PRO A 97 -6.92 -18.12 11.42
CA PRO A 97 -6.76 -19.56 11.15
C PRO A 97 -8.06 -20.33 11.37
N ALA A 98 -8.94 -20.29 10.38
CA ALA A 98 -10.22 -21.00 10.47
C ALA A 98 -10.60 -21.61 9.13
N PRO A 99 -11.23 -22.80 9.18
CA PRO A 99 -11.67 -23.52 7.99
C PRO A 99 -12.82 -22.81 7.27
N SER A 100 -12.70 -22.64 5.97
CA SER A 100 -13.72 -21.98 5.17
C SER A 100 -14.53 -23.01 4.36
N GLY A 101 -13.81 -23.92 3.71
CA GLY A 101 -14.48 -24.94 2.92
C GLY A 101 -13.75 -25.22 1.62
N PRO A 102 -14.22 -26.24 0.88
CA PRO A 102 -13.62 -26.63 -0.40
C PRO A 102 -13.87 -25.60 -1.49
N SER A 103 -15.11 -25.14 -1.60
CA SER A 103 -15.48 -24.14 -2.60
C SER A 103 -14.98 -22.76 -2.21
N SER A 104 -14.91 -21.86 -3.19
CA SER A 104 -14.44 -20.50 -2.95
C SER A 104 -15.39 -19.76 -2.01
N GLY A 105 -16.68 -19.83 -2.30
CA GLY A 105 -17.67 -19.16 -1.47
C GLY A 105 -17.51 -17.65 -1.47
N GLY A 1 16.92 2.74 22.64
CA GLY A 1 16.37 2.59 23.97
C GLY A 1 14.86 2.69 23.99
N SER A 2 14.34 3.70 24.68
CA SER A 2 12.90 3.90 24.77
C SER A 2 12.28 4.04 23.39
N SER A 3 11.18 3.33 23.16
CA SER A 3 10.49 3.37 21.88
C SER A 3 9.01 3.04 22.05
N GLY A 4 8.20 3.51 21.10
CA GLY A 4 6.77 3.25 21.17
C GLY A 4 6.05 4.21 22.09
N SER A 5 4.96 4.79 21.61
CA SER A 5 4.18 5.73 22.40
C SER A 5 2.71 5.69 22.00
N SER A 6 1.87 6.42 22.74
CA SER A 6 0.45 6.46 22.47
C SER A 6 0.02 7.86 22.03
N GLY A 7 -0.59 7.94 20.85
CA GLY A 7 -1.04 9.23 20.33
C GLY A 7 -1.44 9.15 18.87
N GLN A 8 -2.72 9.36 18.60
CA GLN A 8 -3.22 9.31 17.22
C GLN A 8 -2.34 10.15 16.30
N LYS A 9 -1.36 9.50 15.67
CA LYS A 9 -0.45 10.18 14.76
C LYS A 9 -0.13 9.29 13.55
N LYS A 10 -0.17 9.88 12.36
CA LYS A 10 0.13 9.15 11.14
C LYS A 10 -0.54 7.79 11.14
N ASP A 11 -1.65 7.68 11.87
CA ASP A 11 -2.40 6.42 11.97
C ASP A 11 -3.68 6.50 11.16
N THR A 12 -3.72 5.79 10.03
CA THR A 12 -4.88 5.78 9.17
C THR A 12 -5.83 4.63 9.53
N SER A 13 -7.13 4.91 9.48
CA SER A 13 -8.13 3.90 9.82
C SER A 13 -9.21 3.84 8.73
N ASN A 14 -9.72 5.00 8.34
CA ASN A 14 -10.75 5.08 7.32
C ASN A 14 -10.17 4.81 5.93
N HIS A 15 -8.90 5.14 5.77
CA HIS A 15 -8.21 4.93 4.48
C HIS A 15 -8.11 3.44 4.16
N PHE A 16 -7.64 3.14 2.95
CA PHE A 16 -7.50 1.76 2.51
C PHE A 16 -6.03 1.35 2.47
N HIS A 17 -5.72 0.18 3.03
CA HIS A 17 -4.35 -0.32 3.06
C HIS A 17 -4.04 -1.12 1.80
N VAL A 18 -2.94 -0.77 1.15
CA VAL A 18 -2.52 -1.45 -0.07
C VAL A 18 -1.15 -2.09 0.09
N PHE A 19 -1.07 -3.40 -0.13
CA PHE A 19 0.18 -4.13 0.00
C PHE A 19 0.97 -4.08 -1.31
N VAL A 20 2.29 -4.04 -1.19
CA VAL A 20 3.17 -4.00 -2.36
C VAL A 20 4.37 -4.92 -2.18
N GLY A 21 4.39 -5.99 -2.96
CA GLY A 21 5.49 -6.94 -2.88
C GLY A 21 6.48 -6.78 -4.01
N ASP A 22 7.44 -7.69 -4.10
CA ASP A 22 8.45 -7.64 -5.15
C ASP A 22 9.02 -6.24 -5.28
N LEU A 23 9.34 -5.62 -4.15
CA LEU A 23 9.89 -4.26 -4.15
C LEU A 23 11.41 -4.30 -4.30
N SER A 24 11.90 -3.86 -5.45
CA SER A 24 13.34 -3.84 -5.72
C SER A 24 14.11 -3.32 -4.51
N PRO A 25 15.37 -3.75 -4.38
CA PRO A 25 16.24 -3.33 -3.27
C PRO A 25 16.64 -1.86 -3.37
N GLU A 26 16.49 -1.29 -4.56
CA GLU A 26 16.84 0.11 -4.78
C GLU A 26 15.66 1.02 -4.45
N ILE A 27 14.52 0.42 -4.12
CA ILE A 27 13.33 1.17 -3.78
C ILE A 27 13.49 1.90 -2.45
N THR A 28 12.85 3.07 -2.34
CA THR A 28 12.93 3.87 -1.12
C THR A 28 11.56 4.40 -0.74
N THR A 29 11.30 4.49 0.57
CA THR A 29 10.02 4.99 1.06
C THR A 29 9.63 6.28 0.36
N GLU A 30 10.63 7.10 0.04
CA GLU A 30 10.38 8.37 -0.64
C GLU A 30 10.00 8.14 -2.10
N ASP A 31 10.53 7.08 -2.69
CA ASP A 31 10.24 6.75 -4.08
C ASP A 31 8.80 6.28 -4.23
N ILE A 32 8.38 5.35 -3.37
CA ILE A 32 7.03 4.82 -3.42
C ILE A 32 5.99 5.92 -3.25
N LYS A 33 6.21 6.78 -2.25
CA LYS A 33 5.31 7.88 -1.98
C LYS A 33 5.22 8.82 -3.18
N SER A 34 6.33 8.98 -3.89
CA SER A 34 6.38 9.85 -5.05
C SER A 34 6.05 9.07 -6.32
N ALA A 35 5.96 7.75 -6.19
CA ALA A 35 5.65 6.89 -7.33
C ALA A 35 4.17 6.52 -7.35
N PHE A 36 3.55 6.55 -6.17
CA PHE A 36 2.14 6.20 -6.06
C PHE A 36 1.27 7.47 -5.97
N ALA A 37 1.93 8.62 -5.84
CA ALA A 37 1.23 9.89 -5.75
C ALA A 37 0.29 10.08 -6.93
N PRO A 38 0.78 9.79 -8.14
CA PRO A 38 -0.01 9.92 -9.37
C PRO A 38 -1.38 9.27 -9.26
N PHE A 39 -1.54 8.41 -8.25
CA PHE A 39 -2.81 7.73 -8.03
C PHE A 39 -3.69 8.52 -7.08
N GLY A 40 -3.08 9.13 -6.06
CA GLY A 40 -3.82 9.91 -5.10
C GLY A 40 -2.98 10.32 -3.90
N LYS A 41 -3.59 11.06 -2.98
CA LYS A 41 -2.89 11.51 -1.79
C LYS A 41 -2.50 10.34 -0.90
N ILE A 42 -1.26 10.33 -0.45
CA ILE A 42 -0.77 9.26 0.42
C ILE A 42 -0.62 9.75 1.86
N SER A 43 -1.20 8.99 2.79
CA SER A 43 -1.14 9.35 4.21
C SER A 43 -0.08 8.51 4.92
N ASP A 44 0.17 7.31 4.40
CA ASP A 44 1.17 6.42 5.00
C ASP A 44 1.83 5.55 3.92
N ALA A 45 3.14 5.39 4.04
CA ALA A 45 3.89 4.58 3.08
C ALA A 45 5.30 4.30 3.59
N ARG A 46 5.64 3.02 3.68
CA ARG A 46 6.97 2.61 4.15
C ARG A 46 7.41 1.32 3.48
N VAL A 47 8.72 1.10 3.44
CA VAL A 47 9.28 -0.10 2.82
C VAL A 47 10.00 -0.96 3.85
N VAL A 48 9.33 -2.02 4.30
CA VAL A 48 9.91 -2.92 5.28
C VAL A 48 11.27 -3.43 4.82
N LYS A 49 12.31 -3.14 5.60
CA LYS A 49 13.66 -3.57 5.29
C LYS A 49 14.22 -4.47 6.38
N ASP A 50 15.22 -5.28 6.02
CA ASP A 50 15.85 -6.19 6.98
C ASP A 50 16.54 -5.41 8.09
N MET A 51 16.68 -6.04 9.25
CA MET A 51 17.33 -5.40 10.39
C MET A 51 18.80 -5.79 10.47
N ALA A 52 19.18 -6.82 9.71
CA ALA A 52 20.55 -7.29 9.68
C ALA A 52 21.32 -6.70 8.50
N THR A 53 20.80 -6.91 7.29
CA THR A 53 21.44 -6.40 6.09
C THR A 53 20.97 -4.98 5.79
N GLY A 54 19.70 -4.71 6.08
CA GLY A 54 19.16 -3.38 5.82
C GLY A 54 18.69 -3.21 4.39
N LYS A 55 18.26 -4.31 3.77
CA LYS A 55 17.79 -4.28 2.40
C LYS A 55 16.28 -4.56 2.33
N SER A 56 15.61 -3.95 1.35
CA SER A 56 14.18 -4.13 1.19
C SER A 56 13.81 -5.61 1.21
N LYS A 57 13.23 -6.05 2.32
CA LYS A 57 12.83 -7.45 2.48
C LYS A 57 12.12 -7.94 1.23
N GLY A 58 11.34 -7.06 0.60
CA GLY A 58 10.62 -7.44 -0.60
C GLY A 58 9.13 -7.19 -0.49
N TYR A 59 8.76 -6.23 0.34
CA TYR A 59 7.34 -5.90 0.55
C TYR A 59 7.20 -4.57 1.28
N GLY A 60 6.08 -3.89 1.03
CA GLY A 60 5.84 -2.61 1.68
C GLY A 60 4.37 -2.34 1.87
N PHE A 61 4.05 -1.17 2.43
CA PHE A 61 2.66 -0.78 2.66
C PHE A 61 2.41 0.65 2.20
N VAL A 62 1.23 0.87 1.61
CA VAL A 62 0.86 2.19 1.13
C VAL A 62 -0.63 2.45 1.35
N SER A 63 -0.93 3.46 2.16
CA SER A 63 -2.31 3.82 2.46
C SER A 63 -2.79 4.92 1.52
N PHE A 64 -4.03 4.79 1.06
CA PHE A 64 -4.62 5.79 0.16
C PHE A 64 -5.83 6.45 0.79
N TYR A 65 -5.94 7.77 0.62
CA TYR A 65 -7.06 8.52 1.18
C TYR A 65 -8.39 7.88 0.80
N ASN A 66 -8.52 7.53 -0.47
CA ASN A 66 -9.76 6.91 -0.96
C ASN A 66 -9.46 5.55 -1.59
N LYS A 67 -10.52 4.80 -1.88
CA LYS A 67 -10.38 3.48 -2.48
C LYS A 67 -10.03 3.59 -3.96
N LEU A 68 -10.89 4.25 -4.72
CA LEU A 68 -10.67 4.43 -6.14
C LEU A 68 -9.21 4.73 -6.44
N ASP A 69 -8.64 5.68 -5.70
CA ASP A 69 -7.24 6.05 -5.88
C ASP A 69 -6.32 4.85 -5.65
N ALA A 70 -6.65 4.04 -4.65
CA ALA A 70 -5.86 2.87 -4.33
C ALA A 70 -5.97 1.81 -5.43
N GLU A 71 -7.19 1.59 -5.91
CA GLU A 71 -7.42 0.61 -6.97
C GLU A 71 -6.57 0.92 -8.19
N ASN A 72 -6.54 2.20 -8.58
CA ASN A 72 -5.77 2.62 -9.74
C ASN A 72 -4.33 2.14 -9.64
N ALA A 73 -3.72 2.31 -8.47
CA ALA A 73 -2.35 1.89 -8.25
C ALA A 73 -2.24 0.37 -8.24
N ILE A 74 -3.07 -0.28 -7.44
CA ILE A 74 -3.07 -1.73 -7.33
C ILE A 74 -3.03 -2.38 -8.71
N VAL A 75 -3.73 -1.77 -9.67
CA VAL A 75 -3.77 -2.29 -11.02
C VAL A 75 -2.60 -1.76 -11.85
N HIS A 76 -2.47 -0.44 -11.90
CA HIS A 76 -1.39 0.19 -12.65
C HIS A 76 -0.03 -0.31 -12.17
N MET A 77 0.27 -0.06 -10.90
CA MET A 77 1.54 -0.49 -10.32
C MET A 77 1.69 -2.01 -10.39
N GLY A 78 0.60 -2.73 -10.17
CA GLY A 78 0.63 -4.17 -10.22
C GLY A 78 1.55 -4.69 -11.31
N GLY A 79 2.79 -4.99 -10.93
CA GLY A 79 3.75 -5.50 -11.90
C GLY A 79 4.57 -4.40 -12.53
N GLN A 80 3.97 -3.22 -12.67
CA GLN A 80 4.65 -2.07 -13.27
C GLN A 80 6.14 -2.07 -12.89
N TRP A 81 6.95 -1.49 -13.75
CA TRP A 81 8.39 -1.42 -13.51
C TRP A 81 8.77 -0.10 -12.84
N LEU A 82 8.77 -0.10 -11.51
CA LEU A 82 9.10 1.09 -10.75
C LEU A 82 10.62 1.18 -10.52
N GLY A 83 11.14 0.30 -9.68
CA GLY A 83 12.56 0.30 -9.39
C GLY A 83 13.23 -1.00 -9.80
N GLY A 84 14.15 -0.91 -10.76
CA GLY A 84 14.86 -2.10 -11.22
C GLY A 84 13.91 -3.20 -11.64
N ARG A 85 13.58 -4.08 -10.69
CA ARG A 85 12.68 -5.20 -10.96
C ARG A 85 11.22 -4.75 -10.85
N GLN A 86 10.31 -5.65 -11.20
CA GLN A 86 8.88 -5.36 -11.14
C GLN A 86 8.38 -5.38 -9.71
N ILE A 87 7.15 -4.94 -9.51
CA ILE A 87 6.55 -4.90 -8.18
C ILE A 87 5.17 -5.57 -8.18
N ARG A 88 4.66 -5.83 -6.98
CA ARG A 88 3.36 -6.48 -6.84
C ARG A 88 2.40 -5.60 -6.04
N THR A 89 1.11 -5.92 -6.10
CA THR A 89 0.10 -5.16 -5.38
C THR A 89 -1.07 -6.05 -4.97
N ASN A 90 -1.42 -6.01 -3.69
CA ASN A 90 -2.53 -6.81 -3.17
C ASN A 90 -3.29 -6.05 -2.09
N TRP A 91 -4.54 -6.45 -1.87
CA TRP A 91 -5.38 -5.80 -0.86
C TRP A 91 -5.07 -6.35 0.53
N ALA A 92 -4.39 -5.53 1.34
CA ALA A 92 -4.04 -5.94 2.70
C ALA A 92 -5.15 -5.58 3.68
N THR A 93 -6.18 -6.41 3.73
CA THR A 93 -7.30 -6.18 4.63
C THR A 93 -8.07 -7.47 4.88
N ARG A 94 -8.57 -7.63 6.11
CA ARG A 94 -9.33 -8.82 6.47
C ARG A 94 -10.81 -8.66 6.12
N LYS A 95 -11.46 -9.77 5.79
CA LYS A 95 -12.88 -9.75 5.43
C LYS A 95 -13.75 -10.03 6.66
N PRO A 96 -14.75 -9.17 6.87
CA PRO A 96 -15.68 -9.30 8.00
C PRO A 96 -16.61 -10.50 7.84
N PRO A 97 -17.01 -11.09 8.98
CA PRO A 97 -17.90 -12.26 8.99
C PRO A 97 -19.32 -11.90 8.57
N ALA A 98 -20.11 -12.91 8.24
CA ALA A 98 -21.49 -12.70 7.82
C ALA A 98 -22.33 -13.96 8.02
N PRO A 99 -23.60 -13.78 8.39
CA PRO A 99 -24.52 -14.90 8.62
C PRO A 99 -24.90 -15.60 7.33
N SER A 100 -24.38 -16.81 7.15
CA SER A 100 -24.68 -17.60 5.95
C SER A 100 -25.54 -18.81 6.28
N GLY A 101 -26.83 -18.71 5.97
CA GLY A 101 -27.74 -19.80 6.25
C GLY A 101 -29.11 -19.58 5.63
N PRO A 102 -29.18 -19.66 4.29
CA PRO A 102 -30.43 -19.47 3.56
C PRO A 102 -31.41 -20.61 3.78
N SER A 103 -32.69 -20.35 3.51
CA SER A 103 -33.73 -21.36 3.68
C SER A 103 -33.62 -22.45 2.61
N SER A 104 -33.52 -23.69 3.06
CA SER A 104 -33.40 -24.83 2.15
C SER A 104 -32.32 -24.56 1.09
N GLY A 105 -31.21 -24.00 1.54
CA GLY A 105 -30.11 -23.71 0.61
C GLY A 105 -29.89 -24.81 -0.39
N GLY A 1 -1.83 -3.52 22.66
CA GLY A 1 -1.36 -2.16 22.54
C GLY A 1 -1.27 -1.70 21.10
N SER A 2 -1.69 -0.46 20.85
CA SER A 2 -1.66 0.11 19.51
C SER A 2 -0.88 1.41 19.48
N SER A 3 -1.25 2.33 20.38
CA SER A 3 -0.59 3.63 20.45
C SER A 3 0.55 3.60 21.47
N GLY A 4 1.59 4.38 21.20
CA GLY A 4 2.73 4.43 22.09
C GLY A 4 3.20 5.85 22.35
N SER A 5 3.84 6.46 21.35
CA SER A 5 4.34 7.82 21.47
C SER A 5 4.31 8.54 20.12
N SER A 6 3.46 9.57 20.03
CA SER A 6 3.32 10.33 18.81
C SER A 6 4.69 10.58 18.16
N GLY A 7 4.68 10.83 16.86
CA GLY A 7 5.93 11.09 16.15
C GLY A 7 5.76 11.05 14.64
N GLN A 8 5.62 9.85 14.09
CA GLN A 8 5.46 9.69 12.65
C GLN A 8 4.23 8.84 12.34
N LYS A 9 3.17 9.03 13.12
CA LYS A 9 1.94 8.28 12.93
C LYS A 9 0.91 9.11 12.16
N LYS A 10 -0.11 8.44 11.64
CA LYS A 10 -1.16 9.12 10.89
C LYS A 10 -2.53 8.54 11.22
N ASP A 11 -3.57 9.32 10.98
CA ASP A 11 -4.94 8.89 11.26
C ASP A 11 -5.54 8.18 10.05
N THR A 12 -5.70 6.86 10.16
CA THR A 12 -6.25 6.07 9.08
C THR A 12 -7.51 5.33 9.54
N SER A 13 -8.60 6.07 9.71
CA SER A 13 -9.86 5.48 10.14
C SER A 13 -10.75 5.16 8.94
N ASN A 14 -10.72 6.05 7.94
CA ASN A 14 -11.54 5.86 6.75
C ASN A 14 -10.65 5.69 5.51
N HIS A 15 -9.39 5.34 5.74
CA HIS A 15 -8.43 5.15 4.66
C HIS A 15 -8.29 3.67 4.31
N PHE A 16 -7.83 3.39 3.10
CA PHE A 16 -7.65 2.02 2.65
C PHE A 16 -6.17 1.63 2.67
N HIS A 17 -5.88 0.43 3.15
CA HIS A 17 -4.50 -0.05 3.22
C HIS A 17 -4.17 -0.91 2.01
N VAL A 18 -3.09 -0.58 1.32
CA VAL A 18 -2.66 -1.32 0.15
C VAL A 18 -1.29 -1.96 0.36
N PHE A 19 -1.18 -3.24 0.03
CA PHE A 19 0.07 -3.97 0.19
C PHE A 19 0.83 -4.03 -1.13
N VAL A 20 2.16 -3.84 -1.05
CA VAL A 20 3.00 -3.88 -2.24
C VAL A 20 4.12 -4.90 -2.08
N GLY A 21 4.11 -5.93 -2.91
CA GLY A 21 5.13 -6.96 -2.85
C GLY A 21 6.20 -6.77 -3.91
N ASP A 22 7.16 -7.69 -3.94
CA ASP A 22 8.25 -7.62 -4.91
C ASP A 22 8.81 -6.21 -5.01
N LEU A 23 9.06 -5.60 -3.85
CA LEU A 23 9.61 -4.25 -3.80
C LEU A 23 11.11 -4.25 -4.08
N SER A 24 11.48 -3.91 -5.30
CA SER A 24 12.88 -3.87 -5.71
C SER A 24 13.74 -3.27 -4.59
N PRO A 25 15.03 -3.63 -4.59
CA PRO A 25 15.98 -3.14 -3.58
C PRO A 25 16.30 -1.66 -3.76
N GLU A 26 16.01 -1.14 -4.95
CA GLU A 26 16.27 0.27 -5.24
C GLU A 26 15.14 1.14 -4.73
N ILE A 27 13.97 0.55 -4.53
CA ILE A 27 12.81 1.27 -4.04
C ILE A 27 13.08 1.86 -2.65
N THR A 28 12.64 3.09 -2.44
CA THR A 28 12.83 3.76 -1.16
C THR A 28 11.55 4.42 -0.69
N THR A 29 11.29 4.34 0.62
CA THR A 29 10.08 4.93 1.19
C THR A 29 9.74 6.25 0.51
N GLU A 30 10.77 6.97 0.06
CA GLU A 30 10.56 8.24 -0.61
C GLU A 30 10.03 8.04 -2.02
N ASP A 31 10.67 7.16 -2.77
CA ASP A 31 10.24 6.86 -4.14
C ASP A 31 8.80 6.38 -4.17
N ILE A 32 8.50 5.38 -3.35
CA ILE A 32 7.16 4.82 -3.29
C ILE A 32 6.11 5.91 -3.11
N LYS A 33 6.44 6.91 -2.30
CA LYS A 33 5.54 8.03 -2.04
C LYS A 33 5.34 8.87 -3.29
N SER A 34 6.40 9.00 -4.09
CA SER A 34 6.33 9.77 -5.32
C SER A 34 5.99 8.88 -6.51
N ALA A 35 6.03 7.58 -6.30
CA ALA A 35 5.72 6.62 -7.35
C ALA A 35 4.23 6.27 -7.35
N PHE A 36 3.63 6.26 -6.15
CA PHE A 36 2.21 5.94 -6.02
C PHE A 36 1.37 7.20 -5.98
N ALA A 37 2.04 8.36 -5.97
CA ALA A 37 1.35 9.64 -5.94
C ALA A 37 0.40 9.79 -7.12
N PRO A 38 0.89 9.45 -8.33
CA PRO A 38 0.11 9.53 -9.56
C PRO A 38 -1.27 8.90 -9.40
N PHE A 39 -1.43 8.08 -8.37
CA PHE A 39 -2.70 7.41 -8.12
C PHE A 39 -3.57 8.22 -7.16
N GLY A 40 -2.91 8.96 -6.26
CA GLY A 40 -3.64 9.77 -5.30
C GLY A 40 -2.77 10.16 -4.11
N LYS A 41 -3.36 10.90 -3.18
CA LYS A 41 -2.65 11.34 -1.98
C LYS A 41 -2.24 10.14 -1.13
N ILE A 42 -1.03 10.21 -0.57
CA ILE A 42 -0.53 9.13 0.27
C ILE A 42 -0.49 9.56 1.73
N SER A 43 -1.03 8.72 2.61
CA SER A 43 -1.06 9.01 4.04
C SER A 43 0.06 8.28 4.75
N ASP A 44 0.18 6.99 4.52
CA ASP A 44 1.22 6.18 5.14
C ASP A 44 1.85 5.23 4.13
N ALA A 45 3.16 5.40 3.92
CA ALA A 45 3.89 4.55 2.98
C ALA A 45 5.28 4.23 3.50
N ARG A 46 5.59 2.94 3.58
CA ARG A 46 6.89 2.49 4.06
C ARG A 46 7.32 1.20 3.38
N VAL A 47 8.62 0.95 3.35
CA VAL A 47 9.15 -0.26 2.72
C VAL A 47 9.79 -1.18 3.75
N VAL A 48 9.05 -2.20 4.16
CA VAL A 48 9.54 -3.16 5.14
C VAL A 48 10.94 -3.65 4.78
N LYS A 49 11.85 -3.56 5.74
CA LYS A 49 13.22 -4.00 5.52
C LYS A 49 13.69 -4.89 6.66
N ASP A 50 14.62 -5.80 6.36
CA ASP A 50 15.16 -6.72 7.35
C ASP A 50 15.71 -5.95 8.55
N MET A 51 15.77 -6.62 9.70
CA MET A 51 16.29 -6.00 10.91
C MET A 51 17.75 -6.39 11.14
N ALA A 52 18.18 -7.45 10.47
CA ALA A 52 19.56 -7.92 10.60
C ALA A 52 20.41 -7.44 9.42
N THR A 53 19.99 -7.80 8.21
CA THR A 53 20.72 -7.40 7.01
C THR A 53 20.37 -5.99 6.60
N GLY A 54 19.13 -5.58 6.85
CA GLY A 54 18.70 -4.24 6.50
C GLY A 54 18.45 -4.08 5.01
N LYS A 55 18.08 -5.19 4.36
CA LYS A 55 17.80 -5.17 2.92
C LYS A 55 16.30 -5.16 2.66
N SER A 56 15.93 -4.79 1.43
CA SER A 56 14.53 -4.73 1.05
C SER A 56 13.86 -6.09 1.22
N LYS A 57 13.16 -6.27 2.32
CA LYS A 57 12.47 -7.53 2.61
C LYS A 57 11.77 -8.05 1.36
N GLY A 58 11.11 -7.15 0.64
CA GLY A 58 10.40 -7.54 -0.56
C GLY A 58 8.91 -7.24 -0.47
N TYR A 59 8.53 -6.36 0.44
CA TYR A 59 7.13 -6.00 0.62
C TYR A 59 7.01 -4.70 1.42
N GLY A 60 5.90 -3.99 1.20
CA GLY A 60 5.68 -2.74 1.91
C GLY A 60 4.20 -2.43 2.10
N PHE A 61 3.90 -1.23 2.59
CA PHE A 61 2.52 -0.83 2.80
C PHE A 61 2.30 0.60 2.30
N VAL A 62 1.14 0.83 1.69
CA VAL A 62 0.79 2.14 1.16
C VAL A 62 -0.70 2.41 1.30
N SER A 63 -1.05 3.29 2.23
CA SER A 63 -2.46 3.64 2.45
C SER A 63 -2.89 4.80 1.57
N PHE A 64 -4.17 4.87 1.26
CA PHE A 64 -4.71 5.93 0.43
C PHE A 64 -5.91 6.60 1.09
N TYR A 65 -6.11 7.88 0.79
CA TYR A 65 -7.22 8.63 1.36
C TYR A 65 -8.56 8.09 0.85
N ASN A 66 -8.57 7.63 -0.39
CA ASN A 66 -9.78 7.08 -0.99
C ASN A 66 -9.52 5.72 -1.61
N LYS A 67 -10.59 5.00 -1.92
CA LYS A 67 -10.49 3.67 -2.52
C LYS A 67 -9.96 3.76 -3.94
N LEU A 68 -10.71 4.43 -4.80
CA LEU A 68 -10.33 4.59 -6.20
C LEU A 68 -8.82 4.83 -6.31
N ASP A 69 -8.36 5.94 -5.75
CA ASP A 69 -6.94 6.30 -5.80
C ASP A 69 -6.07 5.06 -5.57
N ALA A 70 -6.44 4.26 -4.58
CA ALA A 70 -5.70 3.05 -4.26
C ALA A 70 -5.87 1.99 -5.34
N GLU A 71 -7.11 1.57 -5.55
CA GLU A 71 -7.41 0.57 -6.57
C GLU A 71 -6.58 0.80 -7.84
N ASN A 72 -6.55 2.05 -8.29
CA ASN A 72 -5.80 2.41 -9.49
C ASN A 72 -4.39 1.83 -9.44
N ALA A 73 -3.65 2.17 -8.39
CA ALA A 73 -2.29 1.67 -8.22
C ALA A 73 -2.25 0.15 -8.24
N ILE A 74 -3.06 -0.47 -7.38
CA ILE A 74 -3.11 -1.92 -7.29
C ILE A 74 -3.09 -2.56 -8.68
N VAL A 75 -3.73 -1.89 -9.64
CA VAL A 75 -3.79 -2.38 -11.00
C VAL A 75 -2.55 -1.98 -11.79
N HIS A 76 -2.30 -0.68 -11.84
CA HIS A 76 -1.13 -0.15 -12.56
C HIS A 76 0.17 -0.67 -11.95
N MET A 77 0.42 -0.28 -10.70
CA MET A 77 1.63 -0.71 -10.01
C MET A 77 1.87 -2.19 -10.20
N GLY A 78 0.82 -2.99 -10.03
CA GLY A 78 0.95 -4.43 -10.19
C GLY A 78 1.87 -4.81 -11.32
N GLY A 79 3.10 -5.20 -10.98
CA GLY A 79 4.06 -5.59 -12.00
C GLY A 79 4.79 -4.39 -12.58
N GLN A 80 4.13 -3.25 -12.59
CA GLN A 80 4.72 -2.02 -13.13
C GLN A 80 6.22 -1.97 -12.83
N TRP A 81 6.96 -1.29 -13.69
CA TRP A 81 8.40 -1.15 -13.53
C TRP A 81 8.75 0.19 -12.89
N LEU A 82 8.83 0.20 -11.56
CA LEU A 82 9.16 1.43 -10.83
C LEU A 82 10.67 1.59 -10.71
N GLY A 83 11.28 0.73 -9.89
CA GLY A 83 12.72 0.80 -9.69
C GLY A 83 13.42 -0.49 -10.06
N GLY A 84 14.31 -0.42 -11.06
CA GLY A 84 15.03 -1.60 -11.49
C GLY A 84 14.10 -2.74 -11.84
N ARG A 85 13.82 -3.61 -10.87
CA ARG A 85 12.96 -4.75 -11.09
C ARG A 85 11.49 -4.33 -11.04
N GLN A 86 10.59 -5.30 -11.20
CA GLN A 86 9.16 -5.04 -11.17
C GLN A 86 8.64 -5.00 -9.74
N ILE A 87 7.33 -4.76 -9.59
CA ILE A 87 6.71 -4.70 -8.27
C ILE A 87 5.38 -5.44 -8.27
N ARG A 88 4.80 -5.59 -7.08
CA ARG A 88 3.52 -6.28 -6.94
C ARG A 88 2.59 -5.50 -6.02
N THR A 89 1.29 -5.78 -6.12
CA THR A 89 0.30 -5.10 -5.29
C THR A 89 -0.84 -6.05 -4.92
N ASN A 90 -1.47 -5.78 -3.78
CA ASN A 90 -2.58 -6.61 -3.31
C ASN A 90 -3.24 -5.99 -2.09
N TRP A 91 -4.53 -6.23 -1.93
CA TRP A 91 -5.28 -5.70 -0.79
C TRP A 91 -4.85 -6.36 0.50
N ALA A 92 -4.61 -5.55 1.53
CA ALA A 92 -4.19 -6.06 2.83
C ALA A 92 -5.40 -6.45 3.69
N THR A 93 -6.17 -7.41 3.19
CA THR A 93 -7.35 -7.88 3.91
C THR A 93 -7.62 -9.35 3.61
N ARG A 94 -8.24 -10.03 4.57
CA ARG A 94 -8.56 -11.45 4.41
C ARG A 94 -10.06 -11.70 4.64
N LYS A 95 -10.89 -11.00 3.88
CA LYS A 95 -12.33 -11.15 3.99
C LYS A 95 -13.04 -10.53 2.79
N PRO A 96 -14.04 -11.26 2.26
CA PRO A 96 -14.82 -10.80 1.10
C PRO A 96 -15.72 -9.61 1.44
N PRO A 97 -15.80 -8.65 0.50
CA PRO A 97 -16.63 -7.45 0.68
C PRO A 97 -18.12 -7.76 0.64
N ALA A 98 -18.89 -7.03 1.43
CA ALA A 98 -20.33 -7.23 1.49
C ALA A 98 -20.99 -6.87 0.16
N PRO A 99 -22.04 -7.62 -0.21
CA PRO A 99 -22.77 -7.40 -1.46
C PRO A 99 -23.59 -6.12 -1.44
N SER A 100 -23.28 -5.21 -2.36
CA SER A 100 -23.98 -3.94 -2.45
C SER A 100 -25.48 -4.13 -2.30
N GLY A 101 -26.20 -3.04 -2.13
CA GLY A 101 -27.65 -3.11 -1.99
C GLY A 101 -28.34 -1.81 -2.36
N PRO A 102 -28.57 -1.62 -3.66
CA PRO A 102 -29.23 -0.41 -4.18
C PRO A 102 -30.71 -0.34 -3.81
N SER A 103 -31.23 0.87 -3.66
CA SER A 103 -32.62 1.06 -3.31
C SER A 103 -33.37 1.82 -4.41
N SER A 104 -34.49 1.26 -4.84
CA SER A 104 -35.29 1.88 -5.89
C SER A 104 -36.79 1.75 -5.58
N GLY A 105 -37.60 2.47 -6.34
CA GLY A 105 -39.04 2.42 -6.14
C GLY A 105 -39.41 2.47 -4.67
N GLY A 1 -16.99 11.29 2.98
CA GLY A 1 -18.43 11.12 3.14
C GLY A 1 -19.04 12.13 4.08
N SER A 2 -20.00 12.89 3.57
CA SER A 2 -20.67 13.91 4.37
C SER A 2 -21.12 13.35 5.72
N SER A 3 -21.75 12.17 5.67
CA SER A 3 -22.24 11.51 6.88
C SER A 3 -21.14 11.46 7.94
N GLY A 4 -19.94 11.05 7.54
CA GLY A 4 -18.84 10.96 8.48
C GLY A 4 -18.51 12.28 9.11
N SER A 5 -18.10 12.26 10.37
CA SER A 5 -17.76 13.47 11.10
C SER A 5 -16.29 13.83 10.90
N SER A 6 -15.99 15.13 11.02
CA SER A 6 -14.62 15.60 10.84
C SER A 6 -13.82 15.45 12.14
N GLY A 7 -12.65 14.82 12.03
CA GLY A 7 -11.81 14.62 13.20
C GLY A 7 -10.95 13.38 13.09
N GLN A 8 -9.64 13.57 13.14
CA GLN A 8 -8.70 12.46 13.04
C GLN A 8 -7.98 12.23 14.37
N LYS A 9 -7.63 10.97 14.64
CA LYS A 9 -6.95 10.61 15.87
C LYS A 9 -5.52 10.14 15.58
N LYS A 10 -4.84 10.83 14.67
CA LYS A 10 -3.48 10.48 14.31
C LYS A 10 -3.33 8.98 14.09
N ASP A 11 -4.35 8.37 13.47
CA ASP A 11 -4.33 6.94 13.20
C ASP A 11 -5.09 6.62 11.93
N THR A 12 -4.43 5.94 11.00
CA THR A 12 -5.06 5.56 9.73
C THR A 12 -5.86 4.28 9.87
N SER A 13 -7.17 4.42 10.06
CA SER A 13 -8.05 3.27 10.21
C SER A 13 -9.08 3.22 9.09
N ASN A 14 -9.74 4.35 8.84
CA ASN A 14 -10.74 4.44 7.80
C ASN A 14 -10.11 4.23 6.42
N HIS A 15 -9.05 4.97 6.14
CA HIS A 15 -8.35 4.86 4.87
C HIS A 15 -8.17 3.40 4.46
N PHE A 16 -7.83 3.17 3.20
CA PHE A 16 -7.63 1.82 2.70
C PHE A 16 -6.16 1.45 2.71
N HIS A 17 -5.87 0.19 3.06
CA HIS A 17 -4.49 -0.29 3.12
C HIS A 17 -4.15 -1.10 1.87
N VAL A 18 -3.01 -0.80 1.27
CA VAL A 18 -2.56 -1.50 0.08
C VAL A 18 -1.20 -2.14 0.28
N PHE A 19 -1.12 -3.44 0.06
CA PHE A 19 0.12 -4.18 0.23
C PHE A 19 0.91 -4.21 -1.09
N VAL A 20 2.23 -4.07 -0.98
CA VAL A 20 3.09 -4.08 -2.16
C VAL A 20 4.24 -5.08 -1.99
N GLY A 21 4.38 -5.98 -2.95
CA GLY A 21 5.43 -6.98 -2.89
C GLY A 21 6.35 -6.92 -4.09
N ASP A 22 7.33 -7.82 -4.13
CA ASP A 22 8.29 -7.87 -5.23
C ASP A 22 8.90 -6.49 -5.47
N LEU A 23 9.18 -5.77 -4.39
CA LEU A 23 9.76 -4.44 -4.51
C LEU A 23 11.29 -4.51 -4.65
N SER A 24 11.80 -3.87 -5.69
CA SER A 24 13.24 -3.88 -5.95
C SER A 24 14.01 -3.48 -4.69
N PRO A 25 15.26 -3.97 -4.58
CA PRO A 25 16.12 -3.67 -3.44
C PRO A 25 16.60 -2.22 -3.42
N GLU A 26 16.41 -1.53 -4.54
CA GLU A 26 16.81 -0.14 -4.65
C GLU A 26 15.66 0.80 -4.28
N ILE A 27 14.48 0.21 -4.06
CA ILE A 27 13.31 0.98 -3.69
C ILE A 27 13.47 1.60 -2.31
N THR A 28 12.78 2.72 -2.07
CA THR A 28 12.84 3.41 -0.79
C THR A 28 11.47 3.91 -0.37
N THR A 29 11.41 4.56 0.79
CA THR A 29 10.16 5.09 1.31
C THR A 29 9.68 6.27 0.48
N GLU A 30 10.62 7.13 0.08
CA GLU A 30 10.29 8.31 -0.72
C GLU A 30 9.89 7.91 -2.14
N ASP A 31 10.55 6.88 -2.66
CA ASP A 31 10.26 6.40 -4.02
C ASP A 31 8.80 5.98 -4.14
N ILE A 32 8.35 5.14 -3.23
CA ILE A 32 6.97 4.66 -3.24
C ILE A 32 6.00 5.82 -3.08
N LYS A 33 6.31 6.74 -2.18
CA LYS A 33 5.46 7.90 -1.93
C LYS A 33 5.30 8.72 -3.21
N SER A 34 6.36 8.81 -4.00
CA SER A 34 6.32 9.58 -5.24
C SER A 34 5.98 8.68 -6.42
N ALA A 35 6.12 7.37 -6.22
CA ALA A 35 5.83 6.40 -7.28
C ALA A 35 4.34 6.06 -7.30
N PHE A 36 3.65 6.35 -6.20
CA PHE A 36 2.22 6.07 -6.10
C PHE A 36 1.43 7.38 -6.06
N ALA A 37 2.12 8.50 -6.02
CA ALA A 37 1.48 9.81 -5.98
C ALA A 37 0.55 9.99 -7.18
N PRO A 38 1.06 9.64 -8.38
CA PRO A 38 0.30 9.76 -9.62
C PRO A 38 -1.10 9.18 -9.50
N PHE A 39 -1.30 8.32 -8.51
CA PHE A 39 -2.60 7.69 -8.29
C PHE A 39 -3.48 8.56 -7.39
N GLY A 40 -2.86 9.21 -6.41
CA GLY A 40 -3.59 10.05 -5.49
C GLY A 40 -2.75 10.52 -4.33
N LYS A 41 -3.41 10.98 -3.26
CA LYS A 41 -2.71 11.47 -2.08
C LYS A 41 -2.43 10.31 -1.12
N ILE A 42 -1.16 10.15 -0.77
CA ILE A 42 -0.75 9.09 0.15
C ILE A 42 -0.63 9.62 1.58
N SER A 43 -1.18 8.86 2.52
CA SER A 43 -1.14 9.25 3.93
C SER A 43 -0.05 8.50 4.67
N ASP A 44 0.03 7.19 4.44
CA ASP A 44 1.03 6.36 5.08
C ASP A 44 1.69 5.42 4.08
N ALA A 45 3.01 5.52 3.95
CA ALA A 45 3.75 4.68 3.02
C ALA A 45 5.18 4.45 3.52
N ARG A 46 5.54 3.18 3.68
CA ARG A 46 6.87 2.82 4.15
C ARG A 46 7.34 1.51 3.52
N VAL A 47 8.65 1.28 3.53
CA VAL A 47 9.22 0.07 2.96
C VAL A 47 9.87 -0.78 4.04
N VAL A 48 9.16 -1.82 4.48
CA VAL A 48 9.66 -2.72 5.50
C VAL A 48 11.05 -3.24 5.14
N LYS A 49 11.95 -3.22 6.11
CA LYS A 49 13.31 -3.69 5.90
C LYS A 49 13.68 -4.76 6.92
N ASP A 50 14.81 -5.44 6.68
CA ASP A 50 15.27 -6.49 7.59
C ASP A 50 15.90 -5.88 8.84
N MET A 51 15.83 -6.63 9.94
CA MET A 51 16.38 -6.16 11.21
C MET A 51 17.77 -6.75 11.43
N ALA A 52 18.38 -7.24 10.36
CA ALA A 52 19.72 -7.82 10.44
C ALA A 52 20.67 -7.14 9.47
N THR A 53 20.17 -6.80 8.29
CA THR A 53 20.97 -6.14 7.27
C THR A 53 20.52 -4.70 7.05
N GLY A 54 19.26 -4.42 7.38
CA GLY A 54 18.72 -3.09 7.22
C GLY A 54 18.37 -2.78 5.78
N LYS A 55 18.16 -3.83 4.99
CA LYS A 55 17.81 -3.67 3.59
C LYS A 55 16.35 -4.02 3.34
N SER A 56 15.76 -3.44 2.30
CA SER A 56 14.37 -3.69 1.97
C SER A 56 14.09 -5.19 1.90
N LYS A 57 13.17 -5.65 2.74
CA LYS A 57 12.80 -7.06 2.78
C LYS A 57 12.25 -7.51 1.43
N GLY A 58 11.51 -6.63 0.78
CA GLY A 58 10.93 -6.97 -0.52
C GLY A 58 9.45 -6.69 -0.59
N TYR A 59 8.94 -5.94 0.40
CA TYR A 59 7.52 -5.62 0.45
C TYR A 59 7.27 -4.38 1.31
N GLY A 60 6.29 -3.59 0.92
CA GLY A 60 5.97 -2.39 1.67
C GLY A 60 4.47 -2.19 1.83
N PHE A 61 4.10 -1.06 2.43
CA PHE A 61 2.69 -0.75 2.65
C PHE A 61 2.37 0.69 2.25
N VAL A 62 1.19 0.89 1.68
CA VAL A 62 0.78 2.22 1.25
C VAL A 62 -0.73 2.41 1.43
N SER A 63 -1.09 3.49 2.11
CA SER A 63 -2.51 3.79 2.36
C SER A 63 -2.99 4.92 1.47
N PHE A 64 -4.28 4.91 1.14
CA PHE A 64 -4.87 5.94 0.29
C PHE A 64 -6.13 6.52 0.95
N TYR A 65 -6.27 7.84 0.83
CA TYR A 65 -7.42 8.53 1.41
C TYR A 65 -8.73 7.85 0.99
N ASN A 66 -8.81 7.48 -0.28
CA ASN A 66 -10.00 6.82 -0.81
C ASN A 66 -9.63 5.52 -1.51
N LYS A 67 -10.64 4.69 -1.76
CA LYS A 67 -10.42 3.41 -2.43
C LYS A 67 -9.89 3.62 -3.84
N LEU A 68 -10.70 4.27 -4.68
CA LEU A 68 -10.30 4.53 -6.06
C LEU A 68 -8.80 4.80 -6.16
N ASP A 69 -8.32 5.79 -5.43
CA ASP A 69 -6.91 6.13 -5.44
C ASP A 69 -6.04 4.90 -5.24
N ALA A 70 -6.46 4.04 -4.31
CA ALA A 70 -5.73 2.81 -4.02
C ALA A 70 -5.86 1.81 -5.16
N GLU A 71 -7.09 1.57 -5.60
CA GLU A 71 -7.34 0.63 -6.69
C GLU A 71 -6.51 0.99 -7.92
N ASN A 72 -6.52 2.28 -8.27
CA ASN A 72 -5.76 2.75 -9.43
C ASN A 72 -4.36 2.16 -9.44
N ALA A 73 -3.68 2.22 -8.29
CA ALA A 73 -2.33 1.70 -8.18
C ALA A 73 -2.31 0.18 -8.33
N ILE A 74 -2.98 -0.50 -7.42
CA ILE A 74 -3.04 -1.96 -7.45
C ILE A 74 -3.08 -2.47 -8.88
N VAL A 75 -3.93 -1.86 -9.71
CA VAL A 75 -4.06 -2.25 -11.10
C VAL A 75 -2.80 -1.91 -11.89
N HIS A 76 -2.47 -0.63 -11.95
CA HIS A 76 -1.28 -0.17 -12.66
C HIS A 76 -0.01 -0.70 -12.00
N MET A 77 0.24 -0.26 -10.78
CA MET A 77 1.42 -0.68 -10.03
C MET A 77 1.66 -2.18 -10.20
N GLY A 78 0.61 -2.97 -10.03
CA GLY A 78 0.74 -4.41 -10.16
C GLY A 78 1.65 -4.80 -11.31
N GLY A 79 2.89 -5.16 -10.97
CA GLY A 79 3.85 -5.56 -11.99
C GLY A 79 4.58 -4.37 -12.58
N GLN A 80 3.94 -3.21 -12.58
CA GLN A 80 4.54 -2.00 -13.12
C GLN A 80 6.03 -1.94 -12.81
N TRP A 81 6.77 -1.24 -13.65
CA TRP A 81 8.22 -1.11 -13.47
C TRP A 81 8.57 0.20 -12.78
N LEU A 82 8.63 0.18 -11.45
CA LEU A 82 8.95 1.37 -10.68
C LEU A 82 10.46 1.55 -10.56
N GLY A 83 11.11 0.69 -9.78
CA GLY A 83 12.55 0.77 -9.60
C GLY A 83 13.25 -0.51 -10.00
N GLY A 84 14.12 -0.42 -11.00
CA GLY A 84 14.85 -1.59 -11.46
C GLY A 84 13.93 -2.73 -11.84
N ARG A 85 13.67 -3.62 -10.89
CA ARG A 85 12.81 -4.77 -11.14
C ARG A 85 11.34 -4.37 -11.06
N GLN A 86 10.46 -5.33 -11.30
CA GLN A 86 9.03 -5.08 -11.25
C GLN A 86 8.51 -5.06 -9.83
N ILE A 87 7.21 -4.81 -9.67
CA ILE A 87 6.60 -4.77 -8.35
C ILE A 87 5.25 -5.48 -8.35
N ARG A 88 4.70 -5.68 -7.16
CA ARG A 88 3.41 -6.34 -7.01
C ARG A 88 2.50 -5.59 -6.05
N THR A 89 1.19 -5.75 -6.22
CA THR A 89 0.21 -5.08 -5.37
C THR A 89 -0.93 -6.01 -5.00
N ASN A 90 -1.47 -5.82 -3.80
CA ASN A 90 -2.58 -6.64 -3.32
C ASN A 90 -3.36 -5.92 -2.23
N TRP A 91 -4.65 -6.25 -2.12
CA TRP A 91 -5.50 -5.63 -1.12
C TRP A 91 -5.17 -6.15 0.28
N ALA A 92 -4.99 -5.23 1.21
CA ALA A 92 -4.66 -5.59 2.59
C ALA A 92 -5.79 -5.19 3.54
N THR A 93 -6.39 -6.18 4.19
CA THR A 93 -7.47 -5.94 5.13
C THR A 93 -7.44 -6.92 6.28
N ARG A 94 -7.86 -6.48 7.46
CA ARG A 94 -7.88 -7.32 8.64
C ARG A 94 -8.98 -8.37 8.55
N LYS A 95 -8.59 -9.64 8.51
CA LYS A 95 -9.54 -10.73 8.42
C LYS A 95 -10.41 -10.80 9.68
N PRO A 96 -11.74 -10.74 9.47
CA PRO A 96 -12.71 -10.80 10.57
C PRO A 96 -12.77 -12.17 11.23
N PRO A 97 -13.05 -12.20 12.54
CA PRO A 97 -13.14 -13.44 13.31
C PRO A 97 -14.36 -14.27 12.92
N ALA A 98 -14.54 -15.40 13.61
CA ALA A 98 -15.67 -16.28 13.34
C ALA A 98 -16.97 -15.49 13.18
N PRO A 99 -17.89 -16.02 12.37
CA PRO A 99 -19.18 -15.37 12.11
C PRO A 99 -20.10 -15.40 13.32
N SER A 100 -20.47 -14.22 13.80
CA SER A 100 -21.35 -14.11 14.97
C SER A 100 -22.60 -14.96 14.79
N GLY A 101 -23.36 -15.13 15.87
CA GLY A 101 -24.57 -15.93 15.81
C GLY A 101 -25.82 -15.09 15.98
N PRO A 102 -26.15 -14.32 14.93
CA PRO A 102 -27.33 -13.45 14.93
C PRO A 102 -28.64 -14.25 14.89
N SER A 103 -29.69 -13.66 15.46
CA SER A 103 -30.99 -14.31 15.50
C SER A 103 -31.78 -14.03 14.22
N SER A 104 -32.00 -12.75 13.94
CA SER A 104 -32.75 -12.35 12.74
C SER A 104 -32.04 -12.84 11.48
N GLY A 105 -30.73 -12.62 11.42
CA GLY A 105 -29.96 -13.04 10.26
C GLY A 105 -29.31 -14.39 10.46
N GLY A 1 4.59 -5.37 11.13
CA GLY A 1 3.97 -4.31 11.89
C GLY A 1 4.94 -3.21 12.26
N SER A 2 4.52 -1.96 12.10
CA SER A 2 5.38 -0.82 12.42
C SER A 2 5.91 -0.93 13.84
N SER A 3 7.16 -0.49 14.03
CA SER A 3 7.80 -0.54 15.34
C SER A 3 6.84 -0.07 16.44
N GLY A 4 6.48 1.21 16.39
CA GLY A 4 5.57 1.76 17.37
C GLY A 4 5.76 3.25 17.58
N SER A 5 6.70 3.61 18.45
CA SER A 5 7.00 5.01 18.73
C SER A 5 8.06 5.55 17.79
N SER A 6 7.98 5.16 16.53
CA SER A 6 8.93 5.60 15.52
C SER A 6 8.28 5.72 14.15
N GLY A 7 8.47 6.87 13.51
CA GLY A 7 7.89 7.09 12.20
C GLY A 7 7.23 8.45 12.08
N GLN A 8 6.21 8.54 11.24
CA GLN A 8 5.49 9.79 11.03
C GLN A 8 4.15 9.78 11.76
N LYS A 9 3.50 10.93 11.82
CA LYS A 9 2.21 11.06 12.49
C LYS A 9 1.10 11.29 11.47
N LYS A 10 0.80 10.26 10.68
CA LYS A 10 -0.24 10.35 9.67
C LYS A 10 -1.50 9.61 10.12
N ASP A 11 -2.47 10.37 10.62
CA ASP A 11 -3.73 9.79 11.08
C ASP A 11 -4.64 9.44 9.90
N THR A 12 -4.96 8.15 9.78
CA THR A 12 -5.82 7.68 8.69
C THR A 12 -7.27 7.58 9.15
N SER A 13 -8.17 8.22 8.42
CA SER A 13 -9.59 8.20 8.74
C SER A 13 -10.33 7.20 7.88
N ASN A 14 -10.28 5.93 8.27
CA ASN A 14 -10.95 4.87 7.52
C ASN A 14 -10.38 4.76 6.11
N HIS A 15 -9.06 4.85 6.01
CA HIS A 15 -8.39 4.76 4.72
C HIS A 15 -8.16 3.30 4.34
N PHE A 16 -7.83 3.06 3.07
CA PHE A 16 -7.59 1.71 2.58
C PHE A 16 -6.09 1.42 2.49
N HIS A 17 -5.69 0.26 2.98
CA HIS A 17 -4.29 -0.14 2.97
C HIS A 17 -3.98 -1.00 1.75
N VAL A 18 -2.86 -0.71 1.09
CA VAL A 18 -2.46 -1.46 -0.09
C VAL A 18 -1.09 -2.10 0.10
N PHE A 19 -1.03 -3.42 -0.01
CA PHE A 19 0.22 -4.14 0.16
C PHE A 19 1.01 -4.18 -1.15
N VAL A 20 2.33 -4.15 -1.03
CA VAL A 20 3.20 -4.18 -2.21
C VAL A 20 4.36 -5.14 -2.00
N GLY A 21 4.54 -6.05 -2.97
CA GLY A 21 5.62 -7.01 -2.88
C GLY A 21 6.62 -6.88 -4.01
N ASP A 22 7.63 -7.74 -4.01
CA ASP A 22 8.66 -7.71 -5.05
C ASP A 22 9.18 -6.29 -5.25
N LEU A 23 9.49 -5.61 -4.16
CA LEU A 23 10.00 -4.25 -4.22
C LEU A 23 11.52 -4.24 -4.35
N SER A 24 12.00 -3.94 -5.55
CA SER A 24 13.44 -3.89 -5.81
C SER A 24 14.19 -3.35 -4.59
N PRO A 25 15.47 -3.76 -4.46
CA PRO A 25 16.32 -3.33 -3.35
C PRO A 25 16.69 -1.86 -3.45
N GLU A 26 16.65 -1.31 -4.67
CA GLU A 26 16.98 0.09 -4.89
C GLU A 26 15.82 0.99 -4.50
N ILE A 27 14.66 0.39 -4.26
CA ILE A 27 13.47 1.15 -3.88
C ILE A 27 13.65 1.81 -2.52
N THR A 28 13.10 3.01 -2.38
CA THR A 28 13.19 3.75 -1.14
C THR A 28 11.82 4.17 -0.63
N THR A 29 11.75 4.56 0.65
CA THR A 29 10.49 4.98 1.25
C THR A 29 9.95 6.23 0.57
N GLU A 30 10.85 7.07 0.06
CA GLU A 30 10.47 8.30 -0.62
C GLU A 30 10.01 8.02 -2.05
N ASP A 31 10.64 7.03 -2.67
CA ASP A 31 10.31 6.66 -4.04
C ASP A 31 8.85 6.23 -4.15
N ILE A 32 8.47 5.24 -3.35
CA ILE A 32 7.10 4.73 -3.35
C ILE A 32 6.10 5.86 -3.17
N LYS A 33 6.43 6.80 -2.30
CA LYS A 33 5.56 7.94 -2.03
C LYS A 33 5.41 8.81 -3.28
N SER A 34 6.48 8.92 -4.06
CA SER A 34 6.47 9.72 -5.28
C SER A 34 6.13 8.85 -6.49
N ALA A 35 6.11 7.54 -6.29
CA ALA A 35 5.80 6.61 -7.36
C ALA A 35 4.32 6.23 -7.36
N PHE A 36 3.69 6.38 -6.21
CA PHE A 36 2.27 6.05 -6.06
C PHE A 36 1.43 7.32 -5.98
N ALA A 37 2.10 8.46 -5.89
CA ALA A 37 1.41 9.74 -5.81
C ALA A 37 0.49 9.95 -7.01
N PRO A 38 1.01 9.67 -8.21
CA PRO A 38 0.26 9.82 -9.46
C PRO A 38 -1.13 9.20 -9.38
N PHE A 39 -1.33 8.33 -8.39
CA PHE A 39 -2.61 7.67 -8.20
C PHE A 39 -3.51 8.48 -7.27
N GLY A 40 -2.92 9.02 -6.20
CA GLY A 40 -3.68 9.80 -5.25
C GLY A 40 -2.86 10.23 -4.07
N LYS A 41 -3.50 10.86 -3.09
CA LYS A 41 -2.82 11.33 -1.89
C LYS A 41 -2.41 10.17 -1.00
N ILE A 42 -1.20 10.24 -0.46
CA ILE A 42 -0.68 9.19 0.41
C ILE A 42 -0.74 9.62 1.87
N SER A 43 -1.11 8.68 2.75
CA SER A 43 -1.21 8.96 4.17
C SER A 43 -0.21 8.10 4.96
N ASP A 44 -0.03 6.86 4.52
CA ASP A 44 0.89 5.94 5.18
C ASP A 44 1.60 5.07 4.15
N ALA A 45 2.87 5.37 3.92
CA ALA A 45 3.67 4.61 2.96
C ALA A 45 5.08 4.37 3.49
N ARG A 46 5.46 3.10 3.61
CA ARG A 46 6.78 2.74 4.10
C ARG A 46 7.22 1.39 3.55
N VAL A 47 8.53 1.18 3.49
CA VAL A 47 9.07 -0.07 2.97
C VAL A 47 9.66 -0.91 4.09
N VAL A 48 8.91 -1.91 4.55
CA VAL A 48 9.35 -2.79 5.62
C VAL A 48 10.75 -3.33 5.35
N LYS A 49 11.61 -3.29 6.35
CA LYS A 49 12.97 -3.78 6.21
C LYS A 49 13.33 -4.74 7.34
N ASP A 50 14.39 -5.52 7.15
CA ASP A 50 14.83 -6.48 8.15
C ASP A 50 15.29 -5.76 9.42
N MET A 51 15.31 -6.48 10.54
CA MET A 51 15.73 -5.92 11.81
C MET A 51 17.11 -6.45 12.21
N ALA A 52 17.70 -7.26 11.33
CA ALA A 52 19.02 -7.83 11.60
C ALA A 52 20.10 -7.10 10.81
N THR A 53 19.84 -6.87 9.53
CA THR A 53 20.79 -6.19 8.66
C THR A 53 20.29 -4.80 8.28
N GLY A 54 18.99 -4.69 8.03
CA GLY A 54 18.41 -3.42 7.66
C GLY A 54 18.30 -3.25 6.16
N LYS A 55 17.90 -4.32 5.47
CA LYS A 55 17.76 -4.27 4.02
C LYS A 55 16.31 -4.50 3.62
N SER A 56 15.87 -3.81 2.56
CA SER A 56 14.51 -3.93 2.08
C SER A 56 14.09 -5.40 1.99
N LYS A 57 13.19 -5.80 2.89
CA LYS A 57 12.71 -7.18 2.92
C LYS A 57 12.16 -7.59 1.55
N GLY A 58 11.53 -6.65 0.86
CA GLY A 58 10.97 -6.92 -0.45
C GLY A 58 9.47 -6.70 -0.49
N TYR A 59 8.96 -5.93 0.45
CA TYR A 59 7.53 -5.64 0.51
C TYR A 59 7.26 -4.40 1.38
N GLY A 60 6.24 -3.64 1.00
CA GLY A 60 5.89 -2.45 1.75
C GLY A 60 4.39 -2.23 1.83
N PHE A 61 3.99 -1.18 2.54
CA PHE A 61 2.58 -0.87 2.70
C PHE A 61 2.28 0.56 2.22
N VAL A 62 1.14 0.73 1.55
CA VAL A 62 0.74 2.03 1.05
C VAL A 62 -0.75 2.26 1.24
N SER A 63 -1.09 3.27 2.04
CA SER A 63 -2.48 3.59 2.31
C SER A 63 -2.93 4.80 1.50
N PHE A 64 -4.20 4.81 1.11
CA PHE A 64 -4.76 5.91 0.33
C PHE A 64 -5.97 6.53 1.04
N TYR A 65 -6.12 7.84 0.90
CA TYR A 65 -7.22 8.56 1.51
C TYR A 65 -8.56 7.99 1.06
N ASN A 66 -8.63 7.61 -0.21
CA ASN A 66 -9.85 7.04 -0.77
C ASN A 66 -9.62 5.64 -1.31
N LYS A 67 -10.68 4.99 -1.74
CA LYS A 67 -10.59 3.64 -2.28
C LYS A 67 -10.24 3.67 -3.76
N LEU A 68 -11.01 4.43 -4.54
CA LEU A 68 -10.77 4.55 -5.97
C LEU A 68 -9.29 4.81 -6.26
N ASP A 69 -8.74 5.84 -5.63
CA ASP A 69 -7.34 6.19 -5.82
C ASP A 69 -6.45 4.96 -5.66
N ALA A 70 -6.73 4.16 -4.64
CA ALA A 70 -5.95 2.95 -4.37
C ALA A 70 -6.07 1.97 -5.52
N GLU A 71 -7.31 1.65 -5.91
CA GLU A 71 -7.56 0.72 -7.00
C GLU A 71 -6.73 1.08 -8.23
N ASN A 72 -6.68 2.37 -8.54
CA ASN A 72 -5.91 2.85 -9.70
C ASN A 72 -4.52 2.25 -9.71
N ALA A 73 -3.81 2.37 -8.59
CA ALA A 73 -2.47 1.83 -8.47
C ALA A 73 -2.46 0.31 -8.56
N ILE A 74 -3.07 -0.33 -7.57
CA ILE A 74 -3.14 -1.79 -7.54
C ILE A 74 -3.27 -2.36 -8.95
N VAL A 75 -3.99 -1.64 -9.81
CA VAL A 75 -4.19 -2.08 -11.18
C VAL A 75 -2.93 -1.89 -12.02
N HIS A 76 -2.50 -0.65 -12.18
CA HIS A 76 -1.30 -0.33 -12.95
C HIS A 76 -0.05 -0.81 -12.22
N MET A 77 0.16 -0.31 -11.01
CA MET A 77 1.31 -0.69 -10.21
C MET A 77 1.60 -2.18 -10.33
N GLY A 78 0.56 -3.00 -10.11
CA GLY A 78 0.72 -4.43 -10.21
C GLY A 78 1.65 -4.84 -11.34
N GLY A 79 2.88 -5.19 -10.99
CA GLY A 79 3.85 -5.60 -11.99
C GLY A 79 4.62 -4.43 -12.56
N GLN A 80 3.98 -3.27 -12.63
CA GLN A 80 4.60 -2.07 -13.16
C GLN A 80 6.09 -2.04 -12.83
N TRP A 81 6.87 -1.40 -13.69
CA TRP A 81 8.31 -1.31 -13.49
C TRP A 81 8.68 0.03 -12.83
N LEU A 82 8.73 0.04 -11.52
CA LEU A 82 9.06 1.25 -10.76
C LEU A 82 10.57 1.37 -10.58
N GLY A 83 11.14 0.49 -9.75
CA GLY A 83 12.57 0.52 -9.51
C GLY A 83 13.25 -0.77 -9.92
N GLY A 84 14.16 -0.67 -10.89
CA GLY A 84 14.86 -1.85 -11.36
C GLY A 84 13.93 -2.97 -11.75
N ARG A 85 13.62 -3.84 -10.80
CA ARG A 85 12.74 -4.97 -11.06
C ARG A 85 11.27 -4.53 -11.02
N GLN A 86 10.37 -5.50 -11.14
CA GLN A 86 8.94 -5.21 -11.12
C GLN A 86 8.41 -5.16 -9.69
N ILE A 87 7.11 -4.88 -9.55
CA ILE A 87 6.48 -4.81 -8.24
C ILE A 87 5.14 -5.52 -8.24
N ARG A 88 4.58 -5.70 -7.05
CA ARG A 88 3.29 -6.36 -6.90
C ARG A 88 2.34 -5.53 -6.04
N THR A 89 1.05 -5.84 -6.13
CA THR A 89 0.04 -5.12 -5.36
C THR A 89 -1.04 -6.07 -4.84
N ASN A 90 -1.63 -5.72 -3.70
CA ASN A 90 -2.67 -6.54 -3.11
C ASN A 90 -3.46 -5.74 -2.07
N TRP A 91 -4.63 -6.27 -1.69
CA TRP A 91 -5.48 -5.60 -0.71
C TRP A 91 -5.20 -6.13 0.70
N ALA A 92 -4.55 -5.31 1.52
CA ALA A 92 -4.23 -5.70 2.89
C ALA A 92 -5.41 -5.44 3.82
N THR A 93 -6.62 -5.69 3.33
CA THR A 93 -7.82 -5.49 4.12
C THR A 93 -8.75 -6.69 4.02
N ARG A 94 -9.23 -7.15 5.17
CA ARG A 94 -10.14 -8.29 5.22
C ARG A 94 -11.55 -7.86 5.59
N LYS A 95 -12.54 -8.58 5.07
CA LYS A 95 -13.93 -8.27 5.34
C LYS A 95 -14.74 -9.55 5.58
N PRO A 96 -15.73 -9.47 6.47
CA PRO A 96 -16.59 -10.61 6.81
C PRO A 96 -17.53 -10.99 5.66
N PRO A 97 -17.76 -12.29 5.51
CA PRO A 97 -18.63 -12.83 4.46
C PRO A 97 -20.10 -12.48 4.69
N ALA A 98 -20.82 -12.21 3.60
CA ALA A 98 -22.24 -11.88 3.70
C ALA A 98 -22.93 -12.05 2.34
N PRO A 99 -24.25 -12.28 2.38
CA PRO A 99 -25.06 -12.47 1.18
C PRO A 99 -25.21 -11.18 0.36
N SER A 100 -24.55 -10.12 0.83
CA SER A 100 -24.61 -8.83 0.16
C SER A 100 -24.69 -9.01 -1.36
N GLY A 101 -25.71 -8.42 -1.96
CA GLY A 101 -25.90 -8.53 -3.40
C GLY A 101 -25.39 -7.31 -4.14
N PRO A 102 -24.20 -7.42 -4.73
CA PRO A 102 -23.58 -6.32 -5.48
C PRO A 102 -24.30 -6.03 -6.79
N SER A 103 -24.06 -4.86 -7.36
CA SER A 103 -24.68 -4.47 -8.61
C SER A 103 -23.80 -3.48 -9.38
N SER A 104 -23.85 -3.57 -10.71
CA SER A 104 -23.05 -2.69 -11.55
C SER A 104 -23.72 -2.48 -12.91
N GLY A 105 -23.59 -1.29 -13.45
CA GLY A 105 -24.19 -0.98 -14.74
C GLY A 105 -23.35 -0.03 -15.57
N GLY A 1 -25.78 10.68 13.08
CA GLY A 1 -25.19 9.38 13.38
C GLY A 1 -23.68 9.46 13.55
N SER A 2 -22.96 8.62 12.83
CA SER A 2 -21.51 8.59 12.91
C SER A 2 -20.88 9.40 11.78
N SER A 3 -20.21 10.48 12.14
CA SER A 3 -19.56 11.34 11.15
C SER A 3 -18.06 11.06 11.08
N GLY A 4 -17.46 11.44 9.97
CA GLY A 4 -16.03 11.22 9.79
C GLY A 4 -15.21 11.80 10.92
N SER A 5 -14.59 10.91 11.70
CA SER A 5 -13.76 11.34 12.84
C SER A 5 -12.91 12.54 12.46
N SER A 6 -13.27 13.70 13.00
CA SER A 6 -12.53 14.93 12.71
C SER A 6 -11.29 15.03 13.59
N GLY A 7 -10.24 15.65 13.06
CA GLY A 7 -9.00 15.80 13.80
C GLY A 7 -8.32 14.48 14.06
N GLN A 8 -7.73 13.91 13.02
CA GLN A 8 -7.04 12.62 13.14
C GLN A 8 -5.67 12.81 13.78
N LYS A 9 -5.10 11.71 14.28
CA LYS A 9 -3.79 11.75 14.92
C LYS A 9 -2.92 10.60 14.42
N LYS A 10 -2.17 10.87 13.36
CA LYS A 10 -1.28 9.85 12.78
C LYS A 10 -1.94 8.49 12.80
N ASP A 11 -3.27 8.46 12.67
CA ASP A 11 -4.01 7.21 12.67
C ASP A 11 -5.09 7.22 11.59
N THR A 12 -4.95 6.32 10.62
CA THR A 12 -5.91 6.22 9.52
C THR A 12 -7.23 5.60 9.99
N SER A 13 -8.34 6.12 9.48
CA SER A 13 -9.66 5.62 9.84
C SER A 13 -10.51 5.41 8.61
N ASN A 14 -10.64 6.44 7.79
CA ASN A 14 -11.43 6.36 6.57
C ASN A 14 -10.54 6.19 5.34
N HIS A 15 -9.41 5.52 5.53
CA HIS A 15 -8.47 5.29 4.44
C HIS A 15 -8.29 3.78 4.19
N PHE A 16 -7.87 3.45 2.98
CA PHE A 16 -7.66 2.05 2.61
C PHE A 16 -6.19 1.69 2.68
N HIS A 17 -5.90 0.39 2.74
CA HIS A 17 -4.53 -0.09 2.82
C HIS A 17 -4.16 -0.88 1.56
N VAL A 18 -2.99 -0.59 1.01
CA VAL A 18 -2.52 -1.27 -0.19
C VAL A 18 -1.15 -1.91 0.03
N PHE A 19 -1.10 -3.23 -0.09
CA PHE A 19 0.15 -3.96 0.10
C PHE A 19 0.93 -4.06 -1.21
N VAL A 20 2.21 -3.70 -1.16
CA VAL A 20 3.06 -3.76 -2.34
C VAL A 20 4.22 -4.73 -2.14
N GLY A 21 4.20 -5.83 -2.88
CA GLY A 21 5.25 -6.82 -2.78
C GLY A 21 6.27 -6.71 -3.90
N ASP A 22 7.25 -7.60 -3.89
CA ASP A 22 8.29 -7.60 -4.90
C ASP A 22 8.85 -6.20 -5.12
N LEU A 23 9.31 -5.58 -4.03
CA LEU A 23 9.87 -4.23 -4.09
C LEU A 23 11.38 -4.28 -4.30
N SER A 24 11.82 -3.94 -5.51
CA SER A 24 13.24 -3.94 -5.84
C SER A 24 14.06 -3.50 -4.63
N PRO A 25 15.32 -3.98 -4.57
CA PRO A 25 16.24 -3.64 -3.49
C PRO A 25 16.69 -2.18 -3.54
N GLU A 26 16.54 -1.56 -4.71
CA GLU A 26 16.94 -0.17 -4.89
C GLU A 26 15.78 0.77 -4.56
N ILE A 27 14.65 0.19 -4.15
CA ILE A 27 13.47 0.98 -3.81
C ILE A 27 13.65 1.68 -2.46
N THR A 28 13.06 2.85 -2.33
CA THR A 28 13.15 3.62 -1.09
C THR A 28 11.78 4.11 -0.65
N THR A 29 11.68 4.52 0.62
CA THR A 29 10.42 5.01 1.16
C THR A 29 9.92 6.22 0.38
N GLU A 30 10.84 7.11 0.01
CA GLU A 30 10.50 8.31 -0.74
C GLU A 30 10.06 7.95 -2.17
N ASP A 31 10.69 6.93 -2.73
CA ASP A 31 10.37 6.49 -4.08
C ASP A 31 8.91 6.05 -4.17
N ILE A 32 8.52 5.13 -3.31
CA ILE A 32 7.15 4.63 -3.30
C ILE A 32 6.15 5.76 -3.09
N LYS A 33 6.44 6.63 -2.13
CA LYS A 33 5.57 7.76 -1.83
C LYS A 33 5.38 8.64 -3.07
N SER A 34 6.44 8.82 -3.84
CA SER A 34 6.38 9.62 -5.05
C SER A 34 6.07 8.77 -6.26
N ALA A 35 6.08 7.46 -6.08
CA ALA A 35 5.79 6.52 -7.16
C ALA A 35 4.32 6.09 -7.14
N PHE A 36 3.63 6.46 -6.07
CA PHE A 36 2.22 6.11 -5.93
C PHE A 36 1.35 7.37 -5.80
N ALA A 37 2.01 8.52 -5.66
CA ALA A 37 1.31 9.78 -5.53
C ALA A 37 0.33 9.99 -6.68
N PRO A 38 0.80 9.73 -7.92
CA PRO A 38 -0.01 9.88 -9.12
C PRO A 38 -1.38 9.23 -8.98
N PHE A 39 -1.49 8.27 -8.07
CA PHE A 39 -2.74 7.57 -7.84
C PHE A 39 -3.62 8.33 -6.85
N GLY A 40 -2.98 8.97 -5.87
CA GLY A 40 -3.71 9.72 -4.87
C GLY A 40 -2.88 10.04 -3.66
N LYS A 41 -3.44 10.83 -2.74
CA LYS A 41 -2.73 11.21 -1.52
C LYS A 41 -2.34 9.99 -0.71
N ILE A 42 -1.14 10.03 -0.13
CA ILE A 42 -0.66 8.91 0.67
C ILE A 42 -0.55 9.30 2.14
N SER A 43 -1.48 8.82 2.95
CA SER A 43 -1.49 9.12 4.37
C SER A 43 -0.31 8.47 5.07
N ASP A 44 0.12 7.32 4.57
CA ASP A 44 1.25 6.60 5.15
C ASP A 44 1.85 5.63 4.14
N ALA A 45 3.14 5.77 3.88
CA ALA A 45 3.82 4.89 2.94
C ALA A 45 5.27 4.65 3.36
N ARG A 46 5.64 3.38 3.49
CA ARG A 46 7.00 3.02 3.89
C ARG A 46 7.41 1.69 3.26
N VAL A 47 8.70 1.39 3.33
CA VAL A 47 9.23 0.15 2.77
C VAL A 47 9.90 -0.70 3.85
N VAL A 48 9.19 -1.70 4.34
CA VAL A 48 9.71 -2.58 5.39
C VAL A 48 11.08 -3.13 4.99
N LYS A 49 12.09 -2.84 5.79
CA LYS A 49 13.44 -3.30 5.54
C LYS A 49 13.91 -4.28 6.62
N ASP A 50 14.81 -5.18 6.26
CA ASP A 50 15.33 -6.17 7.20
C ASP A 50 15.95 -5.48 8.41
N MET A 51 15.99 -6.20 9.52
CA MET A 51 16.56 -5.66 10.76
C MET A 51 18.00 -6.13 10.94
N ALA A 52 18.44 -7.02 10.07
CA ALA A 52 19.81 -7.54 10.13
C ALA A 52 20.70 -6.89 9.08
N THR A 53 20.34 -7.09 7.81
CA THR A 53 21.11 -6.52 6.71
C THR A 53 20.73 -5.06 6.47
N GLY A 54 19.46 -4.74 6.68
CA GLY A 54 19.00 -3.38 6.48
C GLY A 54 18.69 -3.07 5.02
N LYS A 55 18.21 -4.09 4.30
CA LYS A 55 17.88 -3.92 2.89
C LYS A 55 16.41 -4.16 2.65
N SER A 56 15.87 -3.52 1.61
CA SER A 56 14.46 -3.67 1.27
C SER A 56 14.02 -5.13 1.36
N LYS A 57 13.22 -5.44 2.38
CA LYS A 57 12.74 -6.80 2.58
C LYS A 57 12.11 -7.35 1.30
N GLY A 58 11.40 -6.49 0.57
CA GLY A 58 10.77 -6.90 -0.66
C GLY A 58 9.28 -6.61 -0.68
N TYR A 59 8.83 -5.79 0.27
CA TYR A 59 7.42 -5.44 0.37
C TYR A 59 7.23 -4.19 1.22
N GLY A 60 6.15 -3.47 0.97
CA GLY A 60 5.87 -2.26 1.72
C GLY A 60 4.39 -2.02 1.91
N PHE A 61 4.04 -0.88 2.51
CA PHE A 61 2.64 -0.54 2.75
C PHE A 61 2.34 0.89 2.29
N VAL A 62 1.17 1.07 1.69
CA VAL A 62 0.77 2.39 1.20
C VAL A 62 -0.73 2.59 1.37
N SER A 63 -1.11 3.47 2.29
CA SER A 63 -2.52 3.76 2.55
C SER A 63 -3.03 4.85 1.61
N PHE A 64 -4.27 4.69 1.16
CA PHE A 64 -4.88 5.67 0.26
C PHE A 64 -6.14 6.26 0.87
N TYR A 65 -6.34 7.56 0.69
CA TYR A 65 -7.50 8.25 1.23
C TYR A 65 -8.79 7.55 0.78
N ASN A 66 -8.90 7.31 -0.52
CA ASN A 66 -10.09 6.66 -1.08
C ASN A 66 -9.73 5.32 -1.68
N LYS A 67 -10.75 4.54 -2.05
CA LYS A 67 -10.55 3.24 -2.64
C LYS A 67 -10.21 3.35 -4.12
N LEU A 68 -10.86 4.28 -4.80
CA LEU A 68 -10.62 4.51 -6.22
C LEU A 68 -9.16 4.81 -6.49
N ASP A 69 -8.61 5.78 -5.77
CA ASP A 69 -7.22 6.16 -5.93
C ASP A 69 -6.29 4.97 -5.71
N ALA A 70 -6.61 4.16 -4.70
CA ALA A 70 -5.81 2.99 -4.39
C ALA A 70 -5.90 1.95 -5.51
N GLU A 71 -7.11 1.64 -5.94
CA GLU A 71 -7.34 0.67 -7.01
C GLU A 71 -6.46 0.98 -8.21
N ASN A 72 -6.41 2.26 -8.58
CA ASN A 72 -5.61 2.70 -9.72
C ASN A 72 -4.20 2.14 -9.65
N ALA A 73 -3.57 2.30 -8.48
CA ALA A 73 -2.22 1.80 -8.28
C ALA A 73 -2.17 0.28 -8.33
N ILE A 74 -2.99 -0.37 -7.51
CA ILE A 74 -3.03 -1.82 -7.47
C ILE A 74 -3.13 -2.41 -8.87
N VAL A 75 -3.84 -1.71 -9.75
CA VAL A 75 -4.00 -2.16 -11.13
C VAL A 75 -2.80 -1.77 -11.98
N HIS A 76 -2.40 -0.51 -11.90
CA HIS A 76 -1.26 -0.01 -12.65
C HIS A 76 0.05 -0.57 -12.09
N MET A 77 0.37 -0.18 -10.87
CA MET A 77 1.60 -0.64 -10.23
C MET A 77 1.78 -2.15 -10.42
N GLY A 78 0.72 -2.90 -10.19
CA GLY A 78 0.78 -4.35 -10.34
C GLY A 78 1.65 -4.76 -11.51
N GLY A 79 2.85 -5.23 -11.22
CA GLY A 79 3.77 -5.65 -12.26
C GLY A 79 4.55 -4.50 -12.85
N GLN A 80 3.96 -3.31 -12.84
CA GLN A 80 4.61 -2.12 -13.38
C GLN A 80 6.09 -2.10 -13.00
N TRP A 81 6.90 -1.50 -13.86
CA TRP A 81 8.34 -1.40 -13.61
C TRP A 81 8.68 -0.08 -12.93
N LEU A 82 8.71 -0.09 -11.61
CA LEU A 82 9.03 1.11 -10.84
C LEU A 82 10.54 1.25 -10.64
N GLY A 83 11.10 0.40 -9.80
CA GLY A 83 12.54 0.45 -9.54
C GLY A 83 13.22 -0.86 -9.89
N GLY A 84 14.14 -0.80 -10.86
CA GLY A 84 14.85 -1.99 -11.28
C GLY A 84 13.92 -3.11 -11.70
N ARG A 85 13.58 -3.99 -10.76
CA ARG A 85 12.71 -5.11 -11.05
C ARG A 85 11.24 -4.68 -10.96
N GLN A 86 10.34 -5.61 -11.29
CA GLN A 86 8.91 -5.33 -11.25
C GLN A 86 8.40 -5.28 -9.82
N ILE A 87 7.12 -4.98 -9.65
CA ILE A 87 6.51 -4.90 -8.33
C ILE A 87 5.15 -5.59 -8.32
N ARG A 88 4.64 -5.85 -7.11
CA ARG A 88 3.35 -6.50 -6.96
C ARG A 88 2.45 -5.73 -5.99
N THR A 89 1.14 -5.84 -6.17
CA THR A 89 0.19 -5.15 -5.32
C THR A 89 -0.88 -6.10 -4.81
N ASN A 90 -1.55 -5.71 -3.73
CA ASN A 90 -2.60 -6.52 -3.14
C ASN A 90 -3.38 -5.75 -2.09
N TRP A 91 -4.56 -6.25 -1.73
CA TRP A 91 -5.39 -5.59 -0.73
C TRP A 91 -5.08 -6.13 0.67
N ALA A 92 -4.30 -5.36 1.43
CA ALA A 92 -3.93 -5.76 2.77
C ALA A 92 -5.12 -5.64 3.73
N THR A 93 -5.98 -6.65 3.73
CA THR A 93 -7.15 -6.66 4.58
C THR A 93 -7.81 -8.03 4.61
N ARG A 94 -8.28 -8.44 5.79
CA ARG A 94 -8.93 -9.74 5.94
C ARG A 94 -10.45 -9.57 6.03
N LYS A 95 -11.16 -10.41 5.28
CA LYS A 95 -12.62 -10.36 5.28
C LYS A 95 -13.22 -11.67 5.80
N PRO A 96 -14.32 -11.57 6.54
CA PRO A 96 -15.00 -12.73 7.11
C PRO A 96 -15.68 -13.59 6.03
N PRO A 97 -15.14 -14.78 5.80
CA PRO A 97 -15.67 -15.71 4.80
C PRO A 97 -17.01 -16.30 5.22
N ALA A 98 -18.09 -15.79 4.62
CA ALA A 98 -19.43 -16.27 4.93
C ALA A 98 -20.09 -16.89 3.70
N PRO A 99 -20.98 -17.85 3.92
CA PRO A 99 -21.71 -18.54 2.85
C PRO A 99 -22.72 -17.64 2.17
N SER A 100 -23.63 -18.24 1.41
CA SER A 100 -24.66 -17.49 0.69
C SER A 100 -26.04 -17.81 1.24
N GLY A 101 -26.98 -16.89 1.03
CA GLY A 101 -28.34 -17.09 1.51
C GLY A 101 -28.91 -18.43 1.08
N PRO A 102 -29.75 -19.02 1.94
CA PRO A 102 -30.38 -20.32 1.67
C PRO A 102 -31.42 -20.24 0.55
N SER A 103 -31.06 -20.76 -0.62
CA SER A 103 -31.96 -20.75 -1.77
C SER A 103 -31.53 -21.79 -2.80
N SER A 104 -32.52 -22.37 -3.48
CA SER A 104 -32.24 -23.38 -4.50
C SER A 104 -31.62 -22.74 -5.74
N GLY A 105 -32.25 -21.68 -6.23
CA GLY A 105 -31.76 -21.01 -7.41
C GLY A 105 -32.52 -19.73 -7.72
N GLY A 1 2.91 20.05 22.30
CA GLY A 1 2.93 21.46 21.97
C GLY A 1 1.67 21.92 21.27
N SER A 2 1.17 21.09 20.35
CA SER A 2 -0.03 21.41 19.60
C SER A 2 -1.28 21.19 20.45
N SER A 3 -2.28 22.05 20.27
CA SER A 3 -3.52 21.94 21.02
C SER A 3 -4.72 22.08 20.10
N GLY A 4 -5.78 21.34 20.41
CA GLY A 4 -6.99 21.39 19.60
C GLY A 4 -7.57 20.03 19.34
N SER A 5 -8.41 19.55 20.26
CA SER A 5 -9.03 18.24 20.14
C SER A 5 -10.23 18.30 19.20
N SER A 6 -10.47 17.21 18.48
CA SER A 6 -11.58 17.14 17.53
C SER A 6 -12.59 16.10 17.97
N GLY A 7 -12.14 14.86 18.10
CA GLY A 7 -13.03 13.79 18.51
C GLY A 7 -12.50 12.42 18.13
N GLN A 8 -13.33 11.64 17.43
CA GLN A 8 -12.94 10.30 16.99
C GLN A 8 -11.45 10.25 16.66
N LYS A 9 -10.78 9.18 17.09
CA LYS A 9 -9.37 9.01 16.84
C LYS A 9 -9.04 9.24 15.37
N LYS A 10 -10.00 8.94 14.50
CA LYS A 10 -9.82 9.13 13.07
C LYS A 10 -8.39 8.79 12.65
N ASP A 11 -7.93 7.61 13.02
CA ASP A 11 -6.57 7.17 12.69
C ASP A 11 -6.59 6.24 11.48
N THR A 12 -6.41 6.83 10.29
CA THR A 12 -6.40 6.05 9.06
C THR A 12 -7.53 5.03 9.05
N SER A 13 -8.63 5.35 9.73
CA SER A 13 -9.77 4.46 9.80
C SER A 13 -10.46 4.36 8.43
N ASN A 14 -10.70 5.50 7.81
CA ASN A 14 -11.35 5.54 6.50
C ASN A 14 -10.36 5.17 5.39
N HIS A 15 -9.15 5.69 5.50
CA HIS A 15 -8.11 5.41 4.50
C HIS A 15 -7.97 3.91 4.28
N PHE A 16 -7.64 3.53 3.05
CA PHE A 16 -7.46 2.13 2.71
C PHE A 16 -5.97 1.76 2.63
N HIS A 17 -5.66 0.54 3.04
CA HIS A 17 -4.27 0.06 3.01
C HIS A 17 -4.02 -0.82 1.79
N VAL A 18 -2.86 -0.63 1.17
CA VAL A 18 -2.50 -1.41 -0.01
C VAL A 18 -1.17 -2.13 0.19
N PHE A 19 -1.15 -3.42 -0.10
CA PHE A 19 0.07 -4.21 0.05
C PHE A 19 0.86 -4.25 -1.25
N VAL A 20 2.19 -4.12 -1.13
CA VAL A 20 3.06 -4.13 -2.30
C VAL A 20 4.19 -5.13 -2.12
N GLY A 21 4.24 -6.13 -3.00
CA GLY A 21 5.27 -7.14 -2.93
C GLY A 21 6.32 -6.98 -4.02
N ASP A 22 7.39 -7.76 -3.94
CA ASP A 22 8.47 -7.70 -4.92
C ASP A 22 8.99 -6.28 -5.07
N LEU A 23 9.37 -5.67 -3.95
CA LEU A 23 9.89 -4.32 -3.95
C LEU A 23 11.39 -4.31 -4.18
N SER A 24 11.80 -3.94 -5.40
CA SER A 24 13.22 -3.89 -5.74
C SER A 24 14.05 -3.38 -4.57
N PRO A 25 15.33 -3.79 -4.53
CA PRO A 25 16.26 -3.38 -3.47
C PRO A 25 16.63 -1.90 -3.56
N GLU A 26 16.44 -1.33 -4.74
CA GLU A 26 16.76 0.08 -4.96
C GLU A 26 15.60 0.98 -4.50
N ILE A 27 14.43 0.38 -4.34
CA ILE A 27 13.26 1.12 -3.90
C ILE A 27 13.49 1.80 -2.55
N THR A 28 12.73 2.84 -2.27
CA THR A 28 12.85 3.58 -1.03
C THR A 28 11.50 4.06 -0.53
N THR A 29 11.47 4.57 0.70
CA THR A 29 10.24 5.06 1.30
C THR A 29 9.72 6.29 0.56
N GLU A 30 10.65 7.10 0.05
CA GLU A 30 10.28 8.31 -0.67
C GLU A 30 9.85 7.98 -2.10
N ASP A 31 10.50 6.98 -2.68
CA ASP A 31 10.20 6.56 -4.04
C ASP A 31 8.73 6.14 -4.17
N ILE A 32 8.32 5.19 -3.33
CA ILE A 32 6.95 4.69 -3.34
C ILE A 32 5.95 5.83 -3.15
N LYS A 33 6.27 6.74 -2.23
CA LYS A 33 5.40 7.88 -1.96
C LYS A 33 5.26 8.76 -3.19
N SER A 34 6.35 8.89 -3.95
CA SER A 34 6.34 9.71 -5.16
C SER A 34 6.01 8.86 -6.38
N ALA A 35 6.00 7.55 -6.20
CA ALA A 35 5.69 6.63 -7.30
C ALA A 35 4.21 6.26 -7.31
N PHE A 36 3.54 6.48 -6.18
CA PHE A 36 2.12 6.17 -6.06
C PHE A 36 1.30 7.45 -5.94
N ALA A 37 1.98 8.58 -5.84
CA ALA A 37 1.31 9.87 -5.71
C ALA A 37 0.36 10.11 -6.88
N PRO A 38 0.83 9.82 -8.10
CA PRO A 38 0.03 9.99 -9.32
C PRO A 38 -1.36 9.39 -9.18
N PHE A 39 -1.49 8.40 -8.31
CA PHE A 39 -2.78 7.73 -8.09
C PHE A 39 -3.68 8.58 -7.20
N GLY A 40 -3.08 9.21 -6.19
CA GLY A 40 -3.85 10.04 -5.28
C GLY A 40 -3.05 10.43 -4.04
N LYS A 41 -3.68 11.21 -3.16
CA LYS A 41 -3.03 11.65 -1.94
C LYS A 41 -2.59 10.47 -1.09
N ILE A 42 -1.43 10.59 -0.45
CA ILE A 42 -0.91 9.52 0.39
C ILE A 42 -0.84 9.97 1.85
N SER A 43 -1.25 9.07 2.75
CA SER A 43 -1.25 9.37 4.18
C SER A 43 -0.21 8.52 4.91
N ASP A 44 0.14 7.38 4.31
CA ASP A 44 1.11 6.48 4.90
C ASP A 44 1.80 5.64 3.82
N ALA A 45 3.09 5.38 4.01
CA ALA A 45 3.86 4.60 3.06
C ALA A 45 5.28 4.34 3.56
N ARG A 46 5.65 3.07 3.65
CA ARG A 46 6.97 2.69 4.13
C ARG A 46 7.45 1.41 3.45
N VAL A 47 8.76 1.19 3.46
CA VAL A 47 9.34 0.00 2.85
C VAL A 47 9.94 -0.92 3.91
N VAL A 48 9.20 -1.96 4.27
CA VAL A 48 9.66 -2.92 5.27
C VAL A 48 11.06 -3.43 4.93
N LYS A 49 11.97 -3.32 5.90
CA LYS A 49 13.34 -3.78 5.71
C LYS A 49 13.75 -4.75 6.81
N ASP A 50 14.79 -5.53 6.54
CA ASP A 50 15.28 -6.51 7.51
C ASP A 50 15.78 -5.82 8.77
N MET A 51 15.85 -6.57 9.87
CA MET A 51 16.31 -6.02 11.13
C MET A 51 17.75 -6.44 11.42
N ALA A 52 18.23 -7.43 10.67
CA ALA A 52 19.60 -7.92 10.84
C ALA A 52 20.52 -7.33 9.78
N THR A 53 20.01 -7.19 8.57
CA THR A 53 20.79 -6.63 7.46
C THR A 53 20.36 -5.21 7.15
N GLY A 54 19.09 -4.91 7.39
CA GLY A 54 18.57 -3.58 7.11
C GLY A 54 18.36 -3.33 5.64
N LYS A 55 17.92 -4.37 4.92
CA LYS A 55 17.68 -4.25 3.49
C LYS A 55 16.22 -4.55 3.16
N SER A 56 15.73 -3.95 2.09
CA SER A 56 14.35 -4.15 1.67
C SER A 56 13.97 -5.63 1.70
N LYS A 57 13.07 -5.99 2.60
CA LYS A 57 12.62 -7.38 2.73
C LYS A 57 12.02 -7.88 1.43
N GLY A 58 11.30 -6.99 0.74
CA GLY A 58 10.68 -7.37 -0.53
C GLY A 58 9.19 -7.04 -0.55
N TYR A 59 8.75 -6.23 0.40
CA TYR A 59 7.34 -5.84 0.49
C TYR A 59 7.17 -4.58 1.32
N GLY A 60 6.15 -3.79 1.00
CA GLY A 60 5.89 -2.57 1.74
C GLY A 60 4.41 -2.29 1.91
N PHE A 61 4.09 -1.16 2.53
CA PHE A 61 2.70 -0.78 2.75
C PHE A 61 2.43 0.62 2.22
N VAL A 62 1.26 0.80 1.63
CA VAL A 62 0.87 2.11 1.09
C VAL A 62 -0.60 2.39 1.34
N SER A 63 -0.87 3.47 2.08
CA SER A 63 -2.24 3.85 2.41
C SER A 63 -2.73 4.95 1.47
N PHE A 64 -4.03 4.96 1.21
CA PHE A 64 -4.62 5.96 0.33
C PHE A 64 -5.82 6.64 1.01
N TYR A 65 -6.07 7.88 0.64
CA TYR A 65 -7.18 8.64 1.20
C TYR A 65 -8.51 8.03 0.80
N ASN A 66 -8.61 7.61 -0.46
CA ASN A 66 -9.84 7.00 -0.97
C ASN A 66 -9.56 5.62 -1.57
N LYS A 67 -10.61 4.83 -1.75
CA LYS A 67 -10.48 3.49 -2.30
C LYS A 67 -10.06 3.57 -3.77
N LEU A 68 -10.87 4.23 -4.58
CA LEU A 68 -10.58 4.37 -6.00
C LEU A 68 -9.09 4.59 -6.25
N ASP A 69 -8.53 5.56 -5.53
CA ASP A 69 -7.11 5.87 -5.65
C ASP A 69 -6.26 4.61 -5.49
N ALA A 70 -6.62 3.77 -4.53
CA ALA A 70 -5.90 2.54 -4.28
C ALA A 70 -6.01 1.57 -5.45
N GLU A 71 -7.25 1.30 -5.87
CA GLU A 71 -7.50 0.39 -6.98
C GLU A 71 -6.63 0.77 -8.18
N ASN A 72 -6.51 2.06 -8.44
CA ASN A 72 -5.72 2.55 -9.56
C ASN A 72 -4.28 2.05 -9.46
N ALA A 73 -3.66 2.29 -8.31
CA ALA A 73 -2.27 1.86 -8.08
C ALA A 73 -2.15 0.34 -8.18
N ILE A 74 -3.01 -0.36 -7.44
CA ILE A 74 -2.99 -1.82 -7.44
C ILE A 74 -2.84 -2.37 -8.85
N VAL A 75 -3.70 -1.90 -9.75
CA VAL A 75 -3.67 -2.34 -11.15
C VAL A 75 -2.46 -1.76 -11.88
N HIS A 76 -2.39 -0.43 -11.93
CA HIS A 76 -1.29 0.25 -12.60
C HIS A 76 0.05 -0.28 -12.12
N MET A 77 0.34 -0.06 -10.84
CA MET A 77 1.59 -0.51 -10.25
C MET A 77 1.75 -2.02 -10.40
N GLY A 78 0.65 -2.75 -10.23
CA GLY A 78 0.68 -4.19 -10.35
C GLY A 78 1.61 -4.66 -11.47
N GLY A 79 2.85 -4.97 -11.11
CA GLY A 79 3.82 -5.43 -12.10
C GLY A 79 4.63 -4.28 -12.68
N GLN A 80 4.03 -3.10 -12.72
CA GLN A 80 4.71 -1.93 -13.26
C GLN A 80 6.19 -1.94 -12.91
N TRP A 81 7.01 -1.31 -13.75
CA TRP A 81 8.45 -1.26 -13.52
C TRP A 81 8.84 0.05 -12.84
N LEU A 82 8.88 0.03 -11.51
CA LEU A 82 9.23 1.22 -10.74
C LEU A 82 10.75 1.29 -10.52
N GLY A 83 11.26 0.38 -9.70
CA GLY A 83 12.69 0.36 -9.43
C GLY A 83 13.34 -0.93 -9.88
N GLY A 84 14.27 -0.83 -10.83
CA GLY A 84 14.95 -2.00 -11.34
C GLY A 84 13.99 -3.10 -11.75
N ARG A 85 13.67 -3.98 -10.81
CA ARG A 85 12.76 -5.09 -11.08
C ARG A 85 11.31 -4.62 -11.03
N GLN A 86 10.39 -5.55 -11.26
CA GLN A 86 8.97 -5.23 -11.24
C GLN A 86 8.43 -5.22 -9.81
N ILE A 87 7.14 -4.94 -9.67
CA ILE A 87 6.50 -4.90 -8.36
C ILE A 87 5.12 -5.54 -8.40
N ARG A 88 4.60 -5.86 -7.22
CA ARG A 88 3.29 -6.49 -7.12
C ARG A 88 2.42 -5.74 -6.10
N THR A 89 1.10 -5.87 -6.25
CA THR A 89 0.16 -5.22 -5.35
C THR A 89 -0.88 -6.21 -4.83
N ASN A 90 -1.56 -5.83 -3.75
CA ASN A 90 -2.57 -6.68 -3.15
C ASN A 90 -3.39 -5.91 -2.10
N TRP A 91 -4.54 -6.45 -1.74
CA TRP A 91 -5.40 -5.82 -0.75
C TRP A 91 -5.12 -6.37 0.65
N ALA A 92 -4.62 -5.52 1.53
CA ALA A 92 -4.31 -5.91 2.89
C ALA A 92 -5.56 -5.86 3.77
N THR A 93 -6.69 -6.27 3.20
CA THR A 93 -7.95 -6.26 3.93
C THR A 93 -8.76 -7.51 3.63
N ARG A 94 -9.35 -8.10 4.68
CA ARG A 94 -10.15 -9.31 4.52
C ARG A 94 -11.16 -9.16 3.38
N LYS A 95 -11.39 -10.24 2.66
CA LYS A 95 -12.32 -10.23 1.53
C LYS A 95 -12.71 -11.64 1.13
N PRO A 96 -13.87 -11.78 0.49
CA PRO A 96 -14.39 -13.08 0.03
C PRO A 96 -13.56 -13.66 -1.12
N PRO A 97 -12.92 -14.81 -0.86
CA PRO A 97 -12.09 -15.49 -1.86
C PRO A 97 -12.93 -16.08 -3.00
N ALA A 98 -12.31 -16.23 -4.17
CA ALA A 98 -12.99 -16.79 -5.33
C ALA A 98 -12.00 -17.42 -6.30
N PRO A 99 -12.41 -18.50 -6.95
CA PRO A 99 -11.57 -19.22 -7.92
C PRO A 99 -11.36 -18.42 -9.20
N SER A 100 -12.44 -17.85 -9.73
CA SER A 100 -12.37 -17.07 -10.95
C SER A 100 -11.82 -17.90 -12.11
N GLY A 101 -12.34 -19.11 -12.24
CA GLY A 101 -11.90 -20.00 -13.31
C GLY A 101 -12.84 -19.99 -14.49
N PRO A 102 -12.27 -20.15 -15.70
CA PRO A 102 -13.04 -20.15 -16.94
C PRO A 102 -13.91 -21.41 -17.07
N SER A 103 -15.12 -21.23 -17.61
CA SER A 103 -16.04 -22.35 -17.78
C SER A 103 -16.50 -22.45 -19.24
N SER A 104 -15.95 -23.41 -19.96
CA SER A 104 -16.30 -23.60 -21.36
C SER A 104 -16.19 -25.08 -21.76
N GLY A 105 -17.11 -25.54 -22.59
CA GLY A 105 -17.09 -26.92 -23.03
C GLY A 105 -17.05 -27.89 -21.86
N GLY A 1 9.03 5.24 34.81
CA GLY A 1 8.02 4.54 35.58
C GLY A 1 7.44 3.36 34.83
N SER A 2 6.12 3.21 34.91
CA SER A 2 5.43 2.11 34.24
C SER A 2 4.46 2.64 33.19
N SER A 3 4.89 3.66 32.45
CA SER A 3 4.04 4.27 31.43
C SER A 3 3.79 3.28 30.28
N GLY A 4 2.53 2.95 30.07
CA GLY A 4 2.17 2.03 29.00
C GLY A 4 1.55 2.72 27.81
N SER A 5 0.55 3.56 28.06
CA SER A 5 -0.13 4.28 27.00
C SER A 5 -0.57 3.33 25.88
N SER A 6 -1.09 2.17 26.27
CA SER A 6 -1.54 1.18 25.30
C SER A 6 -2.76 1.67 24.54
N GLY A 7 -2.53 2.23 23.35
CA GLY A 7 -3.62 2.73 22.54
C GLY A 7 -3.79 1.96 21.25
N GLN A 8 -4.29 2.64 20.21
CA GLN A 8 -4.50 2.01 18.92
C GLN A 8 -3.22 2.01 18.10
N LYS A 9 -2.82 0.83 17.64
CA LYS A 9 -1.61 0.69 16.84
C LYS A 9 -1.78 1.32 15.45
N LYS A 10 -2.90 1.00 14.81
CA LYS A 10 -3.20 1.53 13.49
C LYS A 10 -3.91 2.87 13.59
N ASP A 11 -3.30 3.91 13.01
CA ASP A 11 -3.88 5.24 13.03
C ASP A 11 -4.95 5.40 11.96
N THR A 12 -4.57 5.15 10.71
CA THR A 12 -5.49 5.25 9.59
C THR A 12 -6.32 3.98 9.43
N SER A 13 -7.53 3.99 9.98
CA SER A 13 -8.41 2.84 9.90
C SER A 13 -9.34 2.94 8.69
N ASN A 14 -9.96 4.11 8.53
CA ASN A 14 -10.88 4.34 7.42
C ASN A 14 -10.16 4.14 6.09
N HIS A 15 -8.97 4.71 5.96
CA HIS A 15 -8.20 4.61 4.74
C HIS A 15 -7.95 3.14 4.38
N PHE A 16 -7.77 2.87 3.09
CA PHE A 16 -7.54 1.51 2.62
C PHE A 16 -6.04 1.20 2.59
N HIS A 17 -5.68 0.02 3.08
CA HIS A 17 -4.28 -0.40 3.09
C HIS A 17 -3.95 -1.22 1.86
N VAL A 18 -2.92 -0.79 1.12
CA VAL A 18 -2.49 -1.48 -0.09
C VAL A 18 -1.11 -2.10 0.10
N PHE A 19 -1.05 -3.43 0.04
CA PHE A 19 0.21 -4.14 0.20
C PHE A 19 0.96 -4.21 -1.12
N VAL A 20 2.27 -3.98 -1.07
CA VAL A 20 3.11 -4.02 -2.26
C VAL A 20 4.30 -4.94 -2.06
N GLY A 21 4.35 -6.02 -2.85
CA GLY A 21 5.44 -6.97 -2.74
C GLY A 21 6.44 -6.82 -3.87
N ASP A 22 7.42 -7.72 -3.91
CA ASP A 22 8.43 -7.70 -4.96
C ASP A 22 8.98 -6.28 -5.14
N LEU A 23 9.38 -5.66 -4.04
CA LEU A 23 9.92 -4.31 -4.08
C LEU A 23 11.43 -4.33 -4.23
N SER A 24 11.91 -3.91 -5.40
CA SER A 24 13.35 -3.88 -5.67
C SER A 24 14.12 -3.36 -4.47
N PRO A 25 15.40 -3.78 -4.36
CA PRO A 25 16.27 -3.36 -3.26
C PRO A 25 16.66 -1.89 -3.35
N GLU A 26 16.53 -1.32 -4.54
CA GLU A 26 16.87 0.08 -4.76
C GLU A 26 15.70 0.99 -4.38
N ILE A 27 14.53 0.39 -4.20
CA ILE A 27 13.33 1.14 -3.83
C ILE A 27 13.51 1.85 -2.49
N THR A 28 12.85 2.97 -2.33
CA THR A 28 12.93 3.75 -1.10
C THR A 28 11.58 4.36 -0.73
N THR A 29 11.39 4.63 0.56
CA THR A 29 10.15 5.22 1.03
C THR A 29 9.75 6.42 0.19
N GLU A 30 10.73 7.25 -0.15
CA GLU A 30 10.48 8.44 -0.96
C GLU A 30 10.02 8.06 -2.36
N ASP A 31 10.68 7.07 -2.94
CA ASP A 31 10.34 6.60 -4.28
C ASP A 31 8.90 6.12 -4.34
N ILE A 32 8.53 5.22 -3.43
CA ILE A 32 7.18 4.68 -3.38
C ILE A 32 6.16 5.78 -3.13
N LYS A 33 6.49 6.68 -2.21
CA LYS A 33 5.60 7.79 -1.87
C LYS A 33 5.39 8.70 -3.06
N SER A 34 6.43 8.87 -3.87
CA SER A 34 6.36 9.73 -5.05
C SER A 34 6.01 8.91 -6.29
N ALA A 35 6.12 7.58 -6.17
CA ALA A 35 5.81 6.68 -7.27
C ALA A 35 4.35 6.24 -7.24
N PHE A 36 3.68 6.50 -6.12
CA PHE A 36 2.29 6.13 -5.96
C PHE A 36 1.41 7.38 -5.86
N ALA A 37 2.03 8.53 -5.74
CA ALA A 37 1.31 9.80 -5.64
C ALA A 37 0.44 10.02 -6.87
N PRO A 38 1.01 9.78 -8.06
CA PRO A 38 0.30 9.96 -9.32
C PRO A 38 -1.07 9.30 -9.32
N PHE A 39 -1.29 8.40 -8.37
CA PHE A 39 -2.56 7.71 -8.24
C PHE A 39 -3.51 8.45 -7.31
N GLY A 40 -2.96 8.97 -6.21
CA GLY A 40 -3.76 9.70 -5.26
C GLY A 40 -2.96 10.17 -4.06
N LYS A 41 -3.59 10.95 -3.19
CA LYS A 41 -2.93 11.46 -1.99
C LYS A 41 -2.60 10.34 -1.03
N ILE A 42 -1.31 10.19 -0.73
CA ILE A 42 -0.86 9.15 0.20
C ILE A 42 -0.94 9.62 1.65
N SER A 43 -1.37 8.73 2.54
CA SER A 43 -1.50 9.05 3.95
C SER A 43 -0.45 8.31 4.77
N ASP A 44 -0.05 7.13 4.29
CA ASP A 44 0.95 6.33 4.98
C ASP A 44 1.64 5.37 4.02
N ALA A 45 2.97 5.45 3.95
CA ALA A 45 3.74 4.60 3.07
C ALA A 45 5.12 4.32 3.65
N ARG A 46 5.53 3.07 3.65
CA ARG A 46 6.83 2.68 4.17
C ARG A 46 7.34 1.42 3.47
N VAL A 47 8.66 1.32 3.32
CA VAL A 47 9.27 0.16 2.67
C VAL A 47 10.01 -0.70 3.69
N VAL A 48 9.36 -1.79 4.11
CA VAL A 48 9.96 -2.70 5.09
C VAL A 48 11.35 -3.15 4.64
N LYS A 49 12.36 -2.75 5.40
CA LYS A 49 13.73 -3.11 5.10
C LYS A 49 14.30 -4.07 6.15
N ASP A 50 15.38 -4.76 5.80
CA ASP A 50 16.02 -5.69 6.72
C ASP A 50 16.67 -4.96 7.87
N MET A 51 16.89 -5.66 8.98
CA MET A 51 17.52 -5.08 10.16
C MET A 51 19.02 -5.34 10.15
N ALA A 52 19.43 -6.43 9.53
CA ALA A 52 20.83 -6.80 9.45
C ALA A 52 21.49 -6.20 8.21
N THR A 53 20.92 -6.51 7.04
CA THR A 53 21.46 -6.02 5.79
C THR A 53 21.00 -4.58 5.52
N GLY A 54 19.75 -4.29 5.87
CA GLY A 54 19.22 -2.96 5.66
C GLY A 54 18.68 -2.76 4.26
N LYS A 55 18.41 -3.86 3.57
CA LYS A 55 17.90 -3.80 2.20
C LYS A 55 16.42 -4.16 2.16
N SER A 56 15.68 -3.54 1.25
CA SER A 56 14.25 -3.80 1.12
C SER A 56 13.94 -5.28 1.31
N LYS A 57 13.22 -5.58 2.38
CA LYS A 57 12.86 -6.97 2.68
C LYS A 57 12.18 -7.63 1.48
N GLY A 58 11.36 -6.87 0.78
CA GLY A 58 10.66 -7.40 -0.38
C GLY A 58 9.17 -7.15 -0.33
N TYR A 59 8.76 -6.16 0.46
CA TYR A 59 7.35 -5.83 0.59
C TYR A 59 7.17 -4.54 1.39
N GLY A 60 6.06 -3.85 1.15
CA GLY A 60 5.80 -2.61 1.86
C GLY A 60 4.31 -2.36 2.05
N PHE A 61 3.96 -1.17 2.49
CA PHE A 61 2.56 -0.80 2.71
C PHE A 61 2.29 0.63 2.24
N VAL A 62 1.11 0.83 1.66
CA VAL A 62 0.72 2.14 1.16
C VAL A 62 -0.78 2.36 1.31
N SER A 63 -1.16 3.24 2.23
CA SER A 63 -2.56 3.54 2.47
C SER A 63 -3.02 4.74 1.63
N PHE A 64 -4.29 4.74 1.24
CA PHE A 64 -4.85 5.82 0.44
C PHE A 64 -6.09 6.40 1.10
N TYR A 65 -6.37 7.67 0.82
CA TYR A 65 -7.52 8.35 1.39
C TYR A 65 -8.81 7.65 0.97
N ASN A 66 -8.91 7.33 -0.32
CA ASN A 66 -10.10 6.66 -0.85
C ASN A 66 -9.72 5.41 -1.63
N LYS A 67 -10.67 4.51 -1.81
CA LYS A 67 -10.44 3.27 -2.54
C LYS A 67 -9.96 3.56 -3.96
N LEU A 68 -10.80 4.25 -4.73
CA LEU A 68 -10.46 4.59 -6.11
C LEU A 68 -8.98 4.95 -6.23
N ASP A 69 -8.50 5.79 -5.33
CA ASP A 69 -7.10 6.22 -5.34
C ASP A 69 -6.17 5.00 -5.23
N ALA A 70 -6.57 4.04 -4.41
CA ALA A 70 -5.77 2.83 -4.21
C ALA A 70 -5.77 1.97 -5.47
N GLU A 71 -6.95 1.59 -5.92
CA GLU A 71 -7.09 0.76 -7.12
C GLU A 71 -6.16 1.24 -8.22
N ASN A 72 -6.14 2.54 -8.45
CA ASN A 72 -5.30 3.14 -9.48
C ASN A 72 -3.93 2.47 -9.51
N ALA A 73 -3.33 2.32 -8.33
CA ALA A 73 -2.01 1.70 -8.21
C ALA A 73 -2.12 0.19 -8.33
N ILE A 74 -2.94 -0.42 -7.48
CA ILE A 74 -3.12 -1.87 -7.50
C ILE A 74 -3.24 -2.39 -8.92
N VAL A 75 -3.93 -1.63 -9.77
CA VAL A 75 -4.11 -2.01 -11.17
C VAL A 75 -2.90 -1.65 -12.00
N HIS A 76 -2.43 -0.42 -11.86
CA HIS A 76 -1.27 0.05 -12.61
C HIS A 76 0.02 -0.53 -12.02
N MET A 77 0.35 -0.12 -10.81
CA MET A 77 1.56 -0.60 -10.14
C MET A 77 1.73 -2.10 -10.35
N GLY A 78 0.66 -2.86 -10.13
CA GLY A 78 0.72 -4.29 -10.30
C GLY A 78 1.59 -4.70 -11.47
N GLY A 79 2.80 -5.15 -11.17
CA GLY A 79 3.72 -5.57 -12.22
C GLY A 79 4.52 -4.42 -12.79
N GLN A 80 3.91 -3.23 -12.85
CA GLN A 80 4.58 -2.05 -13.36
C GLN A 80 6.07 -2.06 -13.00
N TRP A 81 6.87 -1.44 -13.84
CA TRP A 81 8.32 -1.38 -13.60
C TRP A 81 8.70 -0.04 -12.97
N LEU A 82 8.73 -0.02 -11.64
CA LEU A 82 9.09 1.18 -10.91
C LEU A 82 10.61 1.30 -10.74
N GLY A 83 11.17 0.44 -9.90
CA GLY A 83 12.60 0.46 -9.68
C GLY A 83 13.25 -0.88 -10.00
N GLY A 84 14.16 -0.86 -10.97
CA GLY A 84 14.85 -2.08 -11.36
C GLY A 84 13.89 -3.20 -11.72
N ARG A 85 13.56 -4.03 -10.74
CA ARG A 85 12.65 -5.15 -10.95
C ARG A 85 11.19 -4.69 -10.88
N GLN A 86 10.28 -5.57 -11.25
CA GLN A 86 8.85 -5.24 -11.24
C GLN A 86 8.34 -5.16 -9.80
N ILE A 87 7.05 -4.89 -9.66
CA ILE A 87 6.42 -4.78 -8.34
C ILE A 87 5.07 -5.49 -8.31
N ARG A 88 4.53 -5.65 -7.11
CA ARG A 88 3.23 -6.31 -6.94
C ARG A 88 2.32 -5.48 -6.03
N THR A 89 1.02 -5.72 -6.14
CA THR A 89 0.05 -5.01 -5.32
C THR A 89 -1.06 -5.94 -4.85
N ASN A 90 -1.63 -5.62 -3.69
CA ASN A 90 -2.70 -6.44 -3.12
C ASN A 90 -3.40 -5.71 -1.98
N TRP A 91 -4.63 -6.11 -1.67
CA TRP A 91 -5.39 -5.49 -0.60
C TRP A 91 -5.06 -6.13 0.74
N ALA A 92 -4.22 -5.45 1.52
CA ALA A 92 -3.82 -5.95 2.83
C ALA A 92 -5.04 -6.21 3.71
N THR A 93 -6.10 -5.44 3.49
CA THR A 93 -7.33 -5.58 4.27
C THR A 93 -7.78 -7.04 4.31
N ARG A 94 -7.86 -7.59 5.52
CA ARG A 94 -8.28 -8.97 5.70
C ARG A 94 -9.49 -9.30 4.82
N LYS A 95 -10.59 -8.61 5.07
CA LYS A 95 -11.82 -8.81 4.31
C LYS A 95 -12.61 -7.52 4.17
N PRO A 96 -13.07 -7.24 2.94
CA PRO A 96 -13.85 -6.02 2.65
C PRO A 96 -15.24 -6.06 3.29
N PRO A 97 -15.74 -4.88 3.67
CA PRO A 97 -17.06 -4.74 4.29
C PRO A 97 -18.19 -5.01 3.31
N ALA A 98 -19.23 -5.70 3.79
CA ALA A 98 -20.38 -6.02 2.96
C ALA A 98 -21.67 -5.47 3.55
N PRO A 99 -22.60 -5.06 2.67
CA PRO A 99 -23.88 -4.51 3.10
C PRO A 99 -24.79 -5.55 3.73
N SER A 100 -25.41 -5.19 4.85
CA SER A 100 -26.31 -6.11 5.55
C SER A 100 -27.72 -6.02 5.00
N GLY A 101 -28.31 -7.17 4.71
CA GLY A 101 -29.67 -7.20 4.18
C GLY A 101 -29.74 -6.68 2.76
N PRO A 102 -30.95 -6.66 2.19
CA PRO A 102 -31.18 -6.18 0.82
C PRO A 102 -30.99 -4.68 0.70
N SER A 103 -31.06 -4.18 -0.53
CA SER A 103 -30.89 -2.74 -0.78
C SER A 103 -32.17 -2.13 -1.33
N SER A 104 -32.70 -2.73 -2.39
CA SER A 104 -33.93 -2.24 -3.02
C SER A 104 -35.14 -2.55 -2.13
N GLY A 105 -35.57 -1.55 -1.36
CA GLY A 105 -36.72 -1.73 -0.49
C GLY A 105 -36.31 -2.09 0.93
N GLY A 1 -6.13 23.18 12.53
CA GLY A 1 -4.76 22.91 12.12
C GLY A 1 -4.36 21.47 12.36
N SER A 2 -3.30 21.03 11.70
CA SER A 2 -2.81 19.67 11.85
C SER A 2 -1.52 19.63 12.67
N SER A 3 -1.59 19.02 13.84
CA SER A 3 -0.43 18.91 14.73
C SER A 3 -0.32 17.52 15.34
N GLY A 4 0.89 17.11 15.64
CA GLY A 4 1.11 15.79 16.23
C GLY A 4 1.26 15.85 17.74
N SER A 5 2.10 14.97 18.28
CA SER A 5 2.31 14.91 19.72
C SER A 5 1.07 14.40 20.44
N SER A 6 0.44 13.37 19.87
CA SER A 6 -0.76 12.79 20.46
C SER A 6 -0.43 11.52 21.23
N GLY A 7 0.37 10.65 20.62
CA GLY A 7 0.75 9.41 21.26
C GLY A 7 0.34 8.19 20.45
N GLN A 8 -0.91 7.78 20.59
CA GLN A 8 -1.41 6.62 19.86
C GLN A 8 -0.85 6.57 18.45
N LYS A 9 -0.57 5.36 17.98
CA LYS A 9 -0.03 5.16 16.63
C LYS A 9 -1.11 4.72 15.66
N LYS A 10 -2.28 5.36 15.75
CA LYS A 10 -3.40 5.03 14.88
C LYS A 10 -3.74 6.21 13.98
N ASP A 11 -3.01 6.35 12.87
CA ASP A 11 -3.25 7.44 11.93
C ASP A 11 -4.23 7.01 10.85
N THR A 12 -3.97 5.86 10.24
CA THR A 12 -4.84 5.34 9.19
C THR A 12 -5.89 4.39 9.75
N SER A 13 -7.08 4.91 10.00
CA SER A 13 -8.17 4.11 10.55
C SER A 13 -9.16 3.72 9.45
N ASN A 14 -9.66 4.72 8.73
CA ASN A 14 -10.61 4.48 7.65
C ASN A 14 -9.89 4.25 6.33
N HIS A 15 -8.86 5.04 6.08
CA HIS A 15 -8.08 4.92 4.85
C HIS A 15 -7.86 3.46 4.49
N PHE A 16 -7.69 3.20 3.19
CA PHE A 16 -7.48 1.84 2.71
C PHE A 16 -6.00 1.50 2.67
N HIS A 17 -5.64 0.33 3.19
CA HIS A 17 -4.25 -0.11 3.22
C HIS A 17 -3.95 -1.03 2.03
N VAL A 18 -2.98 -0.65 1.22
CA VAL A 18 -2.59 -1.44 0.06
C VAL A 18 -1.22 -2.08 0.26
N PHE A 19 -1.17 -3.40 0.09
CA PHE A 19 0.08 -4.14 0.25
C PHE A 19 0.83 -4.23 -1.08
N VAL A 20 2.14 -4.06 -1.02
CA VAL A 20 2.98 -4.12 -2.21
C VAL A 20 4.16 -5.08 -2.01
N GLY A 21 4.27 -6.05 -2.90
CA GLY A 21 5.35 -7.02 -2.80
C GLY A 21 6.31 -6.94 -3.98
N ASP A 22 7.32 -7.81 -3.97
CA ASP A 22 8.31 -7.82 -5.05
C ASP A 22 8.93 -6.44 -5.25
N LEU A 23 9.08 -5.70 -4.16
CA LEU A 23 9.66 -4.36 -4.22
C LEU A 23 11.18 -4.43 -4.29
N SER A 24 11.73 -4.01 -5.43
CA SER A 24 13.17 -4.01 -5.63
C SER A 24 13.90 -3.47 -4.40
N PRO A 25 15.15 -3.90 -4.21
CA PRO A 25 15.98 -3.47 -3.09
C PRO A 25 16.40 -2.01 -3.21
N GLU A 26 16.46 -1.51 -4.45
CA GLU A 26 16.85 -0.13 -4.70
C GLU A 26 15.70 0.83 -4.41
N ILE A 27 14.52 0.27 -4.14
CA ILE A 27 13.34 1.06 -3.84
C ILE A 27 13.44 1.68 -2.45
N THR A 28 12.85 2.87 -2.30
CA THR A 28 12.86 3.58 -1.03
C THR A 28 11.49 4.13 -0.69
N THR A 29 11.26 4.42 0.59
CA THR A 29 9.99 4.96 1.04
C THR A 29 9.62 6.22 0.27
N GLU A 30 10.59 7.11 0.08
CA GLU A 30 10.37 8.34 -0.64
C GLU A 30 9.99 8.07 -2.09
N ASP A 31 10.51 6.98 -2.63
CA ASP A 31 10.23 6.60 -4.01
C ASP A 31 8.78 6.15 -4.17
N ILE A 32 8.36 5.22 -3.31
CA ILE A 32 7.00 4.70 -3.35
C ILE A 32 5.98 5.82 -3.17
N LYS A 33 6.24 6.71 -2.22
CA LYS A 33 5.35 7.83 -1.94
C LYS A 33 5.21 8.73 -3.17
N SER A 34 6.30 8.86 -3.93
CA SER A 34 6.30 9.69 -5.13
C SER A 34 5.98 8.85 -6.37
N ALA A 35 6.01 7.53 -6.21
CA ALA A 35 5.74 6.62 -7.31
C ALA A 35 4.28 6.17 -7.30
N PHE A 36 3.60 6.43 -6.18
CA PHE A 36 2.19 6.05 -6.04
C PHE A 36 1.31 7.28 -5.88
N ALA A 37 1.95 8.42 -5.66
CA ALA A 37 1.22 9.68 -5.50
C ALA A 37 0.33 9.96 -6.70
N PRO A 38 0.89 9.77 -7.90
CA PRO A 38 0.16 10.00 -9.15
C PRO A 38 -1.22 9.35 -9.15
N PHE A 39 -1.43 8.41 -8.23
CA PHE A 39 -2.70 7.71 -8.12
C PHE A 39 -3.66 8.47 -7.20
N GLY A 40 -3.12 8.98 -6.09
CA GLY A 40 -3.94 9.72 -5.14
C GLY A 40 -3.18 10.07 -3.88
N LYS A 41 -3.54 11.20 -3.29
CA LYS A 41 -2.89 11.66 -2.06
C LYS A 41 -2.63 10.49 -1.12
N ILE A 42 -1.39 10.39 -0.64
CA ILE A 42 -1.00 9.32 0.27
C ILE A 42 -0.93 9.82 1.70
N SER A 43 -1.26 8.95 2.65
CA SER A 43 -1.23 9.30 4.06
C SER A 43 -0.17 8.50 4.81
N ASP A 44 -0.01 7.24 4.42
CA ASP A 44 0.98 6.36 5.04
C ASP A 44 1.66 5.48 4.00
N ALA A 45 2.98 5.40 4.09
CA ALA A 45 3.76 4.58 3.16
C ALA A 45 5.16 4.34 3.69
N ARG A 46 5.58 3.07 3.71
CA ARG A 46 6.90 2.70 4.19
C ARG A 46 7.39 1.43 3.52
N VAL A 47 8.70 1.19 3.58
CA VAL A 47 9.29 0.01 2.97
C VAL A 47 9.98 -0.86 4.02
N VAL A 48 9.27 -1.92 4.44
CA VAL A 48 9.81 -2.84 5.44
C VAL A 48 11.21 -3.31 5.06
N LYS A 49 12.19 -2.97 5.89
CA LYS A 49 13.57 -3.37 5.64
C LYS A 49 14.03 -4.42 6.65
N ASP A 50 15.09 -5.14 6.31
CA ASP A 50 15.63 -6.17 7.18
C ASP A 50 16.21 -5.56 8.46
N MET A 51 16.28 -6.36 9.52
CA MET A 51 16.82 -5.89 10.79
C MET A 51 18.28 -6.27 10.93
N ALA A 52 18.76 -7.13 10.03
CA ALA A 52 20.15 -7.57 10.05
C ALA A 52 20.99 -6.83 9.01
N THR A 53 20.50 -6.81 7.78
CA THR A 53 21.20 -6.14 6.69
C THR A 53 20.69 -4.70 6.52
N GLY A 54 19.43 -4.47 6.85
CA GLY A 54 18.85 -3.15 6.74
C GLY A 54 18.44 -2.84 5.31
N LYS A 55 18.31 -3.87 4.49
CA LYS A 55 17.93 -3.70 3.09
C LYS A 55 16.45 -4.02 2.89
N SER A 56 15.80 -3.30 1.98
CA SER A 56 14.39 -3.51 1.69
C SER A 56 14.08 -5.00 1.51
N LYS A 57 13.45 -5.59 2.52
CA LYS A 57 13.10 -7.01 2.48
C LYS A 57 12.53 -7.39 1.12
N GLY A 58 11.77 -6.47 0.52
CA GLY A 58 11.19 -6.74 -0.78
C GLY A 58 9.68 -6.51 -0.80
N TYR A 59 9.18 -5.84 0.24
CA TYR A 59 7.75 -5.57 0.34
C TYR A 59 7.51 -4.34 1.22
N GLY A 60 6.39 -3.65 0.97
CA GLY A 60 6.05 -2.47 1.75
C GLY A 60 4.56 -2.28 1.89
N PHE A 61 4.15 -1.14 2.42
CA PHE A 61 2.74 -0.83 2.62
C PHE A 61 2.43 0.59 2.16
N VAL A 62 1.30 0.75 1.47
CA VAL A 62 0.88 2.06 0.98
C VAL A 62 -0.62 2.27 1.19
N SER A 63 -0.95 3.28 1.98
CA SER A 63 -2.35 3.58 2.27
C SER A 63 -2.86 4.71 1.38
N PHE A 64 -4.15 4.73 1.12
CA PHE A 64 -4.77 5.76 0.28
C PHE A 64 -5.97 6.37 0.97
N TYR A 65 -6.12 7.68 0.81
CA TYR A 65 -7.24 8.40 1.42
C TYR A 65 -8.58 7.82 0.97
N ASN A 66 -8.67 7.48 -0.31
CA ASN A 66 -9.89 6.91 -0.86
C ASN A 66 -9.64 5.50 -1.39
N LYS A 67 -10.69 4.87 -1.90
CA LYS A 67 -10.59 3.52 -2.43
C LYS A 67 -10.19 3.54 -3.90
N LEU A 68 -10.87 4.37 -4.69
CA LEU A 68 -10.58 4.49 -6.11
C LEU A 68 -9.08 4.66 -6.35
N ASP A 69 -8.52 5.77 -5.87
CA ASP A 69 -7.10 6.04 -6.03
C ASP A 69 -6.28 4.79 -5.78
N ALA A 70 -6.53 4.14 -4.64
CA ALA A 70 -5.80 2.93 -4.28
C ALA A 70 -5.92 1.88 -5.37
N GLU A 71 -7.14 1.67 -5.85
CA GLU A 71 -7.39 0.68 -6.90
C GLU A 71 -6.56 0.99 -8.15
N ASN A 72 -6.49 2.27 -8.50
CA ASN A 72 -5.73 2.70 -9.67
C ASN A 72 -4.32 2.14 -9.63
N ALA A 73 -3.66 2.28 -8.48
CA ALA A 73 -2.30 1.80 -8.32
C ALA A 73 -2.26 0.27 -8.33
N ILE A 74 -3.06 -0.35 -7.48
CA ILE A 74 -3.11 -1.81 -7.40
C ILE A 74 -3.08 -2.44 -8.80
N VAL A 75 -3.72 -1.76 -9.75
CA VAL A 75 -3.76 -2.25 -11.13
C VAL A 75 -2.60 -1.70 -11.94
N HIS A 76 -2.39 -0.39 -11.84
CA HIS A 76 -1.31 0.28 -12.58
C HIS A 76 0.05 -0.24 -12.11
N MET A 77 0.37 0.01 -10.85
CA MET A 77 1.65 -0.43 -10.29
C MET A 77 1.77 -1.94 -10.36
N GLY A 78 0.67 -2.64 -10.11
CA GLY A 78 0.67 -4.09 -10.15
C GLY A 78 1.56 -4.63 -11.26
N GLY A 79 2.81 -4.94 -10.93
CA GLY A 79 3.74 -5.46 -11.91
C GLY A 79 4.55 -4.37 -12.59
N GLN A 80 3.98 -3.18 -12.67
CA GLN A 80 4.66 -2.05 -13.29
C GLN A 80 6.15 -2.07 -12.97
N TRP A 81 6.94 -1.43 -13.82
CA TRP A 81 8.38 -1.37 -13.63
C TRP A 81 8.80 -0.04 -12.98
N LEU A 82 8.85 -0.03 -11.66
CA LEU A 82 9.24 1.17 -10.92
C LEU A 82 10.75 1.26 -10.77
N GLY A 83 11.31 0.38 -9.97
CA GLY A 83 12.75 0.38 -9.75
C GLY A 83 13.39 -0.94 -10.14
N GLY A 84 14.28 -0.91 -11.13
CA GLY A 84 14.95 -2.12 -11.56
C GLY A 84 13.97 -3.22 -11.93
N ARG A 85 13.67 -4.07 -10.95
CA ARG A 85 12.74 -5.18 -11.17
C ARG A 85 11.29 -4.70 -11.09
N GLN A 86 10.35 -5.63 -11.29
CA GLN A 86 8.94 -5.30 -11.23
C GLN A 86 8.44 -5.24 -9.79
N ILE A 87 7.17 -4.91 -9.62
CA ILE A 87 6.58 -4.82 -8.29
C ILE A 87 5.23 -5.54 -8.23
N ARG A 88 4.71 -5.72 -7.02
CA ARG A 88 3.43 -6.39 -6.84
C ARG A 88 2.51 -5.56 -5.94
N THR A 89 1.21 -5.75 -6.10
CA THR A 89 0.23 -5.02 -5.32
C THR A 89 -0.96 -5.91 -4.95
N ASN A 90 -1.55 -5.66 -3.79
CA ASN A 90 -2.69 -6.43 -3.33
C ASN A 90 -3.26 -5.85 -2.04
N TRP A 91 -4.58 -5.97 -1.88
CA TRP A 91 -5.25 -5.45 -0.69
C TRP A 91 -4.74 -6.14 0.57
N ALA A 92 -4.22 -5.35 1.51
CA ALA A 92 -3.70 -5.89 2.77
C ALA A 92 -4.82 -6.49 3.61
N THR A 93 -5.78 -5.66 4.00
CA THR A 93 -6.90 -6.12 4.81
C THR A 93 -7.46 -7.44 4.29
N ARG A 94 -7.33 -8.49 5.09
CA ARG A 94 -7.83 -9.80 4.71
C ARG A 94 -9.23 -10.04 5.25
N LYS A 95 -10.07 -10.68 4.45
CA LYS A 95 -11.44 -10.98 4.86
C LYS A 95 -12.13 -11.88 3.84
N PRO A 96 -13.01 -12.76 4.33
CA PRO A 96 -13.75 -13.70 3.48
C PRO A 96 -14.79 -13.01 2.61
N PRO A 97 -15.03 -13.57 1.42
CA PRO A 97 -16.01 -13.02 0.46
C PRO A 97 -17.44 -13.18 0.94
N ALA A 98 -18.28 -12.19 0.62
CA ALA A 98 -19.68 -12.22 1.02
C ALA A 98 -20.29 -13.60 0.79
N PRO A 99 -21.20 -14.00 1.69
CA PRO A 99 -21.87 -15.30 1.61
C PRO A 99 -22.86 -15.37 0.44
N SER A 100 -22.44 -16.00 -0.65
CA SER A 100 -23.28 -16.13 -1.83
C SER A 100 -24.14 -17.39 -1.75
N GLY A 101 -25.44 -17.20 -1.53
CA GLY A 101 -26.34 -18.33 -1.44
C GLY A 101 -26.01 -19.43 -2.43
N PRO A 102 -26.24 -20.68 -2.03
CA PRO A 102 -25.97 -21.85 -2.88
C PRO A 102 -26.94 -21.95 -4.06
N SER A 103 -26.38 -22.16 -5.25
CA SER A 103 -27.19 -22.26 -6.46
C SER A 103 -26.40 -22.96 -7.57
N SER A 104 -27.13 -23.52 -8.53
CA SER A 104 -26.51 -24.22 -9.65
C SER A 104 -25.31 -23.45 -10.17
N GLY A 105 -25.49 -22.15 -10.38
CA GLY A 105 -24.40 -21.32 -10.87
C GLY A 105 -24.06 -20.19 -9.92
N GLY A 1 7.33 -9.10 11.43
CA GLY A 1 6.27 -8.20 11.83
C GLY A 1 4.98 -8.45 11.07
N SER A 2 4.90 -7.93 9.85
CA SER A 2 3.72 -8.10 9.02
C SER A 2 2.45 -7.79 9.81
N SER A 3 2.50 -6.72 10.60
CA SER A 3 1.36 -6.32 11.41
C SER A 3 1.58 -4.93 12.00
N GLY A 4 0.57 -4.42 12.70
CA GLY A 4 0.68 -3.11 13.31
C GLY A 4 1.01 -3.17 14.78
N SER A 5 1.08 -2.01 15.42
CA SER A 5 1.40 -1.92 16.85
C SER A 5 1.07 -0.55 17.40
N SER A 6 1.29 -0.38 18.70
CA SER A 6 1.01 0.88 19.37
C SER A 6 2.18 1.84 19.23
N GLY A 7 1.90 3.07 18.81
CA GLY A 7 2.95 4.06 18.64
C GLY A 7 2.51 5.24 17.79
N GLN A 8 2.45 5.04 16.48
CA GLN A 8 2.04 6.09 15.56
C GLN A 8 0.91 6.93 16.16
N LYS A 9 0.75 8.15 15.67
CA LYS A 9 -0.29 9.05 16.16
C LYS A 9 -1.20 9.49 15.02
N LYS A 10 -1.46 8.58 14.08
CA LYS A 10 -2.31 8.88 12.93
C LYS A 10 -3.67 8.19 13.07
N ASP A 11 -4.67 8.70 12.35
CA ASP A 11 -6.01 8.13 12.40
C ASP A 11 -6.43 7.62 11.03
N THR A 12 -5.96 6.43 10.67
CA THR A 12 -6.29 5.84 9.39
C THR A 12 -7.34 4.74 9.53
N SER A 13 -8.61 5.12 9.47
CA SER A 13 -9.70 4.17 9.61
C SER A 13 -10.40 3.95 8.27
N ASN A 14 -10.93 5.03 7.70
CA ASN A 14 -11.62 4.96 6.42
C ASN A 14 -10.65 4.61 5.29
N HIS A 15 -9.56 5.37 5.22
CA HIS A 15 -8.55 5.15 4.18
C HIS A 15 -8.36 3.66 3.93
N PHE A 16 -8.12 3.31 2.67
CA PHE A 16 -7.90 1.91 2.29
C PHE A 16 -6.42 1.55 2.35
N HIS A 17 -6.14 0.35 2.86
CA HIS A 17 -4.77 -0.12 2.97
C HIS A 17 -4.36 -0.93 1.73
N VAL A 18 -3.20 -0.61 1.19
CA VAL A 18 -2.69 -1.31 0.00
C VAL A 18 -1.32 -1.90 0.26
N PHE A 19 -1.16 -3.18 -0.06
CA PHE A 19 0.11 -3.86 0.14
C PHE A 19 0.89 -3.95 -1.17
N VAL A 20 2.21 -3.96 -1.07
CA VAL A 20 3.07 -4.03 -2.24
C VAL A 20 4.23 -5.00 -2.01
N GLY A 21 4.44 -5.91 -2.96
CA GLY A 21 5.52 -6.87 -2.83
C GLY A 21 6.47 -6.83 -4.02
N ASP A 22 7.56 -7.58 -3.92
CA ASP A 22 8.55 -7.63 -5.00
C ASP A 22 9.17 -6.25 -5.22
N LEU A 23 9.36 -5.51 -4.15
CA LEU A 23 9.93 -4.17 -4.23
C LEU A 23 11.45 -4.24 -4.35
N SER A 24 11.97 -3.87 -5.53
CA SER A 24 13.40 -3.89 -5.77
C SER A 24 14.17 -3.44 -4.54
N PRO A 25 15.41 -3.91 -4.41
CA PRO A 25 16.28 -3.57 -3.28
C PRO A 25 16.74 -2.12 -3.33
N GLU A 26 16.57 -1.49 -4.49
CA GLU A 26 16.97 -0.10 -4.66
C GLU A 26 15.82 0.85 -4.33
N ILE A 27 14.65 0.28 -4.07
CA ILE A 27 13.47 1.06 -3.74
C ILE A 27 13.63 1.75 -2.38
N THR A 28 12.90 2.84 -2.19
CA THR A 28 12.96 3.59 -0.94
C THR A 28 11.60 4.18 -0.59
N THR A 29 11.40 4.48 0.70
CA THR A 29 10.15 5.04 1.16
C THR A 29 9.81 6.32 0.40
N GLU A 30 10.83 7.13 0.12
CA GLU A 30 10.63 8.38 -0.59
C GLU A 30 10.30 8.12 -2.07
N ASP A 31 10.60 6.90 -2.52
CA ASP A 31 10.33 6.52 -3.90
C ASP A 31 8.89 6.07 -4.08
N ILE A 32 8.43 5.21 -3.17
CA ILE A 32 7.06 4.69 -3.22
C ILE A 32 6.05 5.82 -3.06
N LYS A 33 6.36 6.77 -2.18
CA LYS A 33 5.47 7.90 -1.94
C LYS A 33 5.25 8.71 -3.21
N SER A 34 6.29 8.81 -4.03
CA SER A 34 6.21 9.55 -5.28
C SER A 34 5.83 8.63 -6.44
N ALA A 35 6.05 7.33 -6.24
CA ALA A 35 5.73 6.35 -7.27
C ALA A 35 4.26 5.95 -7.21
N PHE A 36 3.62 6.26 -6.10
CA PHE A 36 2.21 5.93 -5.91
C PHE A 36 1.36 7.19 -5.79
N ALA A 37 2.03 8.34 -5.71
CA ALA A 37 1.35 9.62 -5.60
C ALA A 37 0.42 9.86 -6.77
N PRO A 38 0.92 9.58 -8.00
CA PRO A 38 0.15 9.76 -9.23
C PRO A 38 -1.25 9.14 -9.13
N PHE A 39 -1.43 8.25 -8.17
CA PHE A 39 -2.70 7.59 -7.97
C PHE A 39 -3.59 8.37 -7.02
N GLY A 40 -2.98 8.97 -6.01
CA GLY A 40 -3.72 9.76 -5.03
C GLY A 40 -2.86 10.20 -3.87
N LYS A 41 -3.49 10.77 -2.85
CA LYS A 41 -2.79 11.24 -1.67
C LYS A 41 -2.41 10.08 -0.75
N ILE A 42 -1.12 9.91 -0.52
CA ILE A 42 -0.63 8.84 0.33
C ILE A 42 -0.49 9.31 1.78
N SER A 43 -1.47 8.96 2.61
CA SER A 43 -1.46 9.34 4.02
C SER A 43 -0.32 8.64 4.77
N ASP A 44 0.06 7.47 4.27
CA ASP A 44 1.13 6.69 4.90
C ASP A 44 1.77 5.75 3.89
N ALA A 45 3.09 5.63 3.95
CA ALA A 45 3.82 4.75 3.05
C ALA A 45 5.23 4.47 3.57
N ARG A 46 5.57 3.19 3.67
CA ARG A 46 6.89 2.79 4.17
C ARG A 46 7.39 1.55 3.43
N VAL A 47 8.69 1.30 3.52
CA VAL A 47 9.29 0.15 2.86
C VAL A 47 9.97 -0.77 3.88
N VAL A 48 9.29 -1.85 4.24
CA VAL A 48 9.83 -2.81 5.19
C VAL A 48 11.22 -3.30 4.77
N LYS A 49 12.21 -3.06 5.61
CA LYS A 49 13.57 -3.48 5.33
C LYS A 49 14.04 -4.54 6.32
N ASP A 50 15.14 -5.21 5.99
CA ASP A 50 15.69 -6.24 6.86
C ASP A 50 16.20 -5.65 8.17
N MET A 51 16.12 -6.42 9.24
CA MET A 51 16.57 -5.97 10.55
C MET A 51 18.03 -6.33 10.77
N ALA A 52 18.62 -7.03 9.81
CA ALA A 52 20.02 -7.44 9.91
C ALA A 52 20.87 -6.70 8.88
N THR A 53 20.48 -6.80 7.61
CA THR A 53 21.22 -6.15 6.53
C THR A 53 20.69 -4.73 6.28
N GLY A 54 19.41 -4.53 6.60
CA GLY A 54 18.81 -3.22 6.41
C GLY A 54 18.47 -2.94 4.96
N LYS A 55 18.21 -4.01 4.20
CA LYS A 55 17.87 -3.88 2.79
C LYS A 55 16.39 -4.18 2.55
N SER A 56 15.76 -3.40 1.69
CA SER A 56 14.35 -3.58 1.39
C SER A 56 14.02 -5.06 1.22
N LYS A 57 13.29 -5.61 2.19
CA LYS A 57 12.90 -7.02 2.15
C LYS A 57 12.26 -7.37 0.81
N GLY A 58 11.55 -6.41 0.23
CA GLY A 58 10.89 -6.64 -1.05
C GLY A 58 9.39 -6.45 -0.98
N TYR A 59 8.94 -5.71 0.03
CA TYR A 59 7.52 -5.46 0.20
C TYR A 59 7.28 -4.26 1.12
N GLY A 60 6.29 -3.44 0.78
CA GLY A 60 5.99 -2.26 1.57
C GLY A 60 4.50 -2.09 1.79
N PHE A 61 4.11 -0.92 2.30
CA PHE A 61 2.71 -0.63 2.57
C PHE A 61 2.38 0.81 2.16
N VAL A 62 1.17 1.00 1.64
CA VAL A 62 0.72 2.32 1.22
C VAL A 62 -0.76 2.52 1.50
N SER A 63 -1.08 3.58 2.24
CA SER A 63 -2.47 3.88 2.58
C SER A 63 -3.03 4.98 1.67
N PHE A 64 -4.29 4.82 1.29
CA PHE A 64 -4.94 5.80 0.43
C PHE A 64 -6.23 6.31 1.05
N TYR A 65 -6.42 7.62 1.02
CA TYR A 65 -7.61 8.23 1.60
C TYR A 65 -8.88 7.60 1.04
N ASN A 66 -8.93 7.49 -0.29
CA ASN A 66 -10.10 6.90 -0.96
C ASN A 66 -9.72 5.57 -1.61
N LYS A 67 -10.73 4.81 -2.03
CA LYS A 67 -10.51 3.53 -2.68
C LYS A 67 -10.04 3.73 -4.11
N LEU A 68 -10.65 4.67 -4.81
CA LEU A 68 -10.28 4.96 -6.19
C LEU A 68 -8.77 5.06 -6.35
N ASP A 69 -8.15 5.89 -5.51
CA ASP A 69 -6.70 6.07 -5.55
C ASP A 69 -5.98 4.74 -5.44
N ALA A 70 -6.45 3.90 -4.52
CA ALA A 70 -5.85 2.59 -4.31
C ALA A 70 -6.05 1.68 -5.52
N GLU A 71 -7.31 1.42 -5.85
CA GLU A 71 -7.64 0.56 -6.99
C GLU A 71 -6.73 0.87 -8.17
N ASN A 72 -6.53 2.16 -8.44
CA ASN A 72 -5.69 2.58 -9.55
C ASN A 72 -4.30 1.97 -9.45
N ALA A 73 -3.62 2.25 -8.34
CA ALA A 73 -2.28 1.72 -8.11
C ALA A 73 -2.28 0.19 -8.15
N ILE A 74 -3.13 -0.41 -7.34
CA ILE A 74 -3.22 -1.86 -7.27
C ILE A 74 -3.23 -2.47 -8.67
N VAL A 75 -3.86 -1.78 -9.61
CA VAL A 75 -3.93 -2.24 -10.99
C VAL A 75 -2.67 -1.87 -11.76
N HIS A 76 -2.42 -0.58 -11.88
CA HIS A 76 -1.24 -0.08 -12.60
C HIS A 76 0.04 -0.68 -12.02
N MET A 77 0.36 -0.31 -10.78
CA MET A 77 1.55 -0.80 -10.12
C MET A 77 1.72 -2.32 -10.34
N GLY A 78 0.63 -3.05 -10.14
CA GLY A 78 0.67 -4.49 -10.33
C GLY A 78 1.55 -4.90 -11.50
N GLY A 79 2.80 -5.23 -11.21
CA GLY A 79 3.73 -5.62 -12.26
C GLY A 79 4.52 -4.46 -12.81
N GLN A 80 3.93 -3.27 -12.79
CA GLN A 80 4.60 -2.07 -13.29
C GLN A 80 6.08 -2.10 -12.94
N TRP A 81 6.87 -1.38 -13.73
CA TRP A 81 8.31 -1.31 -13.50
C TRP A 81 8.69 -0.02 -12.80
N LEU A 82 8.74 -0.05 -11.47
CA LEU A 82 9.09 1.12 -10.69
C LEU A 82 10.60 1.24 -10.51
N GLY A 83 11.17 0.34 -9.73
CA GLY A 83 12.61 0.35 -9.50
C GLY A 83 13.27 -0.94 -9.93
N GLY A 84 14.18 -0.85 -10.90
CA GLY A 84 14.87 -2.02 -11.38
C GLY A 84 13.92 -3.13 -11.78
N ARG A 85 13.63 -4.02 -10.84
CA ARG A 85 12.72 -5.15 -11.10
C ARG A 85 11.27 -4.69 -11.03
N GLN A 86 10.36 -5.61 -11.34
CA GLN A 86 8.92 -5.31 -11.31
C GLN A 86 8.42 -5.23 -9.88
N ILE A 87 7.14 -4.90 -9.73
CA ILE A 87 6.53 -4.79 -8.41
C ILE A 87 5.17 -5.48 -8.38
N ARG A 88 4.66 -5.72 -7.17
CA ARG A 88 3.36 -6.37 -7.00
C ARG A 88 2.46 -5.56 -6.08
N THR A 89 1.16 -5.71 -6.25
CA THR A 89 0.19 -4.99 -5.42
C THR A 89 -1.01 -5.86 -5.10
N ASN A 90 -1.68 -5.56 -3.99
CA ASN A 90 -2.85 -6.31 -3.57
C ASN A 90 -3.51 -5.68 -2.35
N TRP A 91 -4.75 -6.06 -2.09
CA TRP A 91 -5.50 -5.51 -0.95
C TRP A 91 -5.10 -6.22 0.33
N ALA A 92 -4.65 -5.43 1.31
CA ALA A 92 -4.24 -5.99 2.60
C ALA A 92 -5.42 -6.02 3.58
N THR A 93 -6.12 -7.15 3.60
CA THR A 93 -7.27 -7.33 4.48
C THR A 93 -7.19 -8.65 5.24
N ARG A 94 -7.67 -8.65 6.47
CA ARG A 94 -7.66 -9.84 7.31
C ARG A 94 -9.07 -10.28 7.66
N LYS A 95 -9.92 -10.39 6.65
CA LYS A 95 -11.30 -10.80 6.85
C LYS A 95 -11.50 -12.27 6.48
N PRO A 96 -12.36 -12.96 7.23
CA PRO A 96 -12.66 -14.38 7.00
C PRO A 96 -13.45 -14.61 5.73
N PRO A 97 -13.32 -15.80 5.15
CA PRO A 97 -14.01 -16.17 3.91
C PRO A 97 -15.51 -16.34 4.11
N ALA A 98 -16.29 -15.43 3.55
CA ALA A 98 -17.74 -15.47 3.68
C ALA A 98 -18.40 -15.72 2.32
N PRO A 99 -19.52 -16.45 2.34
CA PRO A 99 -20.26 -16.78 1.12
C PRO A 99 -20.95 -15.56 0.51
N SER A 100 -20.69 -15.31 -0.77
CA SER A 100 -21.28 -14.17 -1.47
C SER A 100 -22.52 -14.59 -2.24
N GLY A 101 -23.62 -13.89 -2.02
CA GLY A 101 -24.86 -14.21 -2.70
C GLY A 101 -24.83 -13.81 -4.17
N PRO A 102 -25.48 -14.60 -5.03
CA PRO A 102 -25.54 -14.35 -6.47
C PRO A 102 -26.39 -13.13 -6.80
N SER A 103 -25.88 -12.26 -7.66
CA SER A 103 -26.59 -11.06 -8.06
C SER A 103 -27.22 -11.23 -9.44
N SER A 104 -28.34 -10.56 -9.67
CA SER A 104 -29.04 -10.64 -10.94
C SER A 104 -29.87 -9.39 -11.20
N GLY A 105 -30.24 -9.17 -12.45
CA GLY A 105 -31.03 -8.01 -12.79
C GLY A 105 -32.26 -7.86 -11.91
N GLY A 1 9.84 25.18 4.67
CA GLY A 1 10.01 25.58 3.28
C GLY A 1 8.84 25.18 2.41
N SER A 2 8.50 23.88 2.44
CA SER A 2 7.39 23.37 1.64
C SER A 2 6.06 23.88 2.17
N SER A 3 5.83 23.70 3.46
CA SER A 3 4.58 24.13 4.09
C SER A 3 4.66 23.96 5.61
N GLY A 4 3.87 24.75 6.33
CA GLY A 4 3.84 24.67 7.77
C GLY A 4 2.85 23.66 8.29
N SER A 5 2.65 23.64 9.59
CA SER A 5 1.72 22.70 10.22
C SER A 5 0.44 23.41 10.65
N SER A 6 -0.69 22.71 10.54
CA SER A 6 -1.98 23.27 10.91
C SER A 6 -2.40 22.79 12.30
N GLY A 7 -2.62 21.49 12.43
CA GLY A 7 -3.02 20.92 13.71
C GLY A 7 -3.49 19.49 13.58
N GLN A 8 -4.71 19.31 13.06
CA GLN A 8 -5.28 17.98 12.90
C GLN A 8 -4.73 17.31 11.65
N LYS A 9 -4.12 16.14 11.82
CA LYS A 9 -3.55 15.40 10.71
C LYS A 9 -3.60 13.89 10.98
N LYS A 10 -3.04 13.11 10.07
CA LYS A 10 -3.02 11.66 10.20
C LYS A 10 -4.41 11.12 10.50
N ASP A 11 -5.38 11.55 9.69
CA ASP A 11 -6.76 11.11 9.87
C ASP A 11 -7.01 9.82 9.09
N THR A 12 -6.25 8.77 9.42
CA THR A 12 -6.39 7.49 8.76
C THR A 12 -7.27 6.55 9.58
N SER A 13 -8.57 6.81 9.56
CA SER A 13 -9.52 5.99 10.30
C SER A 13 -10.40 5.18 9.34
N ASN A 14 -10.58 5.69 8.12
CA ASN A 14 -11.39 5.02 7.12
C ASN A 14 -10.65 4.96 5.77
N HIS A 15 -9.34 4.80 5.84
CA HIS A 15 -8.53 4.73 4.62
C HIS A 15 -8.28 3.28 4.21
N PHE A 16 -7.92 3.08 2.94
CA PHE A 16 -7.67 1.75 2.43
C PHE A 16 -6.17 1.48 2.32
N HIS A 17 -5.73 0.34 2.87
CA HIS A 17 -4.32 -0.02 2.84
C HIS A 17 -4.03 -0.96 1.68
N VAL A 18 -2.96 -0.67 0.95
CA VAL A 18 -2.57 -1.50 -0.20
C VAL A 18 -1.24 -2.19 0.06
N PHE A 19 -1.23 -3.51 -0.12
CA PHE A 19 -0.01 -4.30 0.09
C PHE A 19 0.82 -4.35 -1.19
N VAL A 20 2.13 -4.19 -1.03
CA VAL A 20 3.04 -4.22 -2.17
C VAL A 20 4.16 -5.24 -1.94
N GLY A 21 4.46 -6.02 -2.98
CA GLY A 21 5.50 -7.01 -2.88
C GLY A 21 6.47 -6.96 -4.05
N ASP A 22 7.48 -7.83 -4.02
CA ASP A 22 8.47 -7.88 -5.08
C ASP A 22 9.11 -6.51 -5.30
N LEU A 23 9.23 -5.73 -4.23
CA LEU A 23 9.81 -4.40 -4.30
C LEU A 23 11.34 -4.48 -4.35
N SER A 24 11.91 -3.98 -5.43
CA SER A 24 13.36 -3.99 -5.60
C SER A 24 14.07 -3.43 -4.37
N PRO A 25 15.30 -3.88 -4.13
CA PRO A 25 16.10 -3.44 -2.99
C PRO A 25 16.56 -1.99 -3.13
N GLU A 26 16.74 -1.55 -4.37
CA GLU A 26 17.17 -0.18 -4.64
C GLU A 26 16.07 0.81 -4.29
N ILE A 27 14.86 0.31 -4.08
CA ILE A 27 13.72 1.15 -3.74
C ILE A 27 13.90 1.80 -2.37
N THR A 28 13.18 2.88 -2.14
CA THR A 28 13.26 3.59 -0.87
C THR A 28 11.88 3.96 -0.35
N THR A 29 11.83 4.69 0.76
CA THR A 29 10.58 5.10 1.36
C THR A 29 9.98 6.29 0.63
N GLU A 30 10.84 7.20 0.17
CA GLU A 30 10.40 8.38 -0.55
C GLU A 30 10.08 8.05 -2.00
N ASP A 31 10.56 6.90 -2.45
CA ASP A 31 10.32 6.46 -3.83
C ASP A 31 8.87 6.03 -4.01
N ILE A 32 8.38 5.21 -3.10
CA ILE A 32 7.00 4.72 -3.17
C ILE A 32 6.01 5.87 -3.07
N LYS A 33 6.28 6.80 -2.15
CA LYS A 33 5.42 7.96 -1.96
C LYS A 33 5.25 8.75 -3.26
N SER A 34 6.31 8.80 -4.05
CA SER A 34 6.29 9.52 -5.31
C SER A 34 5.94 8.59 -6.47
N ALA A 35 6.11 7.29 -6.24
CA ALA A 35 5.80 6.29 -7.26
C ALA A 35 4.32 5.94 -7.25
N PHE A 36 3.65 6.24 -6.15
CA PHE A 36 2.22 5.95 -6.02
C PHE A 36 1.41 7.24 -5.99
N ALA A 37 2.11 8.37 -5.93
CA ALA A 37 1.45 9.68 -5.90
C ALA A 37 0.56 9.87 -7.11
N PRO A 38 1.07 9.53 -8.30
CA PRO A 38 0.33 9.66 -9.56
C PRO A 38 -1.07 9.07 -9.46
N PHE A 39 -1.29 8.24 -8.45
CA PHE A 39 -2.60 7.62 -8.25
C PHE A 39 -3.48 8.48 -7.36
N GLY A 40 -2.86 9.18 -6.41
CA GLY A 40 -3.61 10.04 -5.51
C GLY A 40 -2.80 10.45 -4.31
N LYS A 41 -3.48 10.98 -3.29
CA LYS A 41 -2.81 11.42 -2.06
C LYS A 41 -2.47 10.24 -1.17
N ILE A 42 -1.24 10.19 -0.69
CA ILE A 42 -0.80 9.11 0.19
C ILE A 42 -0.70 9.58 1.63
N SER A 43 -1.56 9.03 2.48
CA SER A 43 -1.58 9.40 3.90
C SER A 43 -0.47 8.68 4.65
N ASP A 44 -0.15 7.46 4.21
CA ASP A 44 0.90 6.67 4.85
C ASP A 44 1.54 5.71 3.84
N ALA A 45 2.84 5.51 3.97
CA ALA A 45 3.57 4.62 3.09
C ALA A 45 5.01 4.43 3.55
N ARG A 46 5.45 3.18 3.60
CA ARG A 46 6.82 2.87 4.03
C ARG A 46 7.31 1.58 3.38
N VAL A 47 8.62 1.35 3.43
CA VAL A 47 9.22 0.16 2.86
C VAL A 47 9.82 -0.74 3.94
N VAL A 48 9.09 -1.79 4.31
CA VAL A 48 9.56 -2.71 5.34
C VAL A 48 10.96 -3.23 5.01
N LYS A 49 11.89 -3.02 5.93
CA LYS A 49 13.27 -3.47 5.75
C LYS A 49 13.68 -4.43 6.86
N ASP A 50 14.74 -5.19 6.60
CA ASP A 50 15.24 -6.15 7.58
C ASP A 50 15.90 -5.44 8.75
N MET A 51 16.00 -6.13 9.88
CA MET A 51 16.61 -5.56 11.07
C MET A 51 18.08 -5.98 11.18
N ALA A 52 18.46 -7.00 10.41
CA ALA A 52 19.83 -7.49 10.42
C ALA A 52 20.64 -6.84 9.30
N THR A 53 20.21 -7.07 8.07
CA THR A 53 20.91 -6.52 6.91
C THR A 53 20.48 -5.08 6.64
N GLY A 54 19.23 -4.77 6.97
CA GLY A 54 18.71 -3.43 6.76
C GLY A 54 18.36 -3.16 5.32
N LYS A 55 18.06 -4.22 4.58
CA LYS A 55 17.71 -4.10 3.17
C LYS A 55 16.21 -4.36 2.96
N SER A 56 15.62 -3.64 2.01
CA SER A 56 14.20 -3.78 1.71
C SER A 56 13.82 -5.25 1.59
N LYS A 57 13.14 -5.77 2.60
CA LYS A 57 12.72 -7.16 2.62
C LYS A 57 12.15 -7.57 1.26
N GLY A 58 11.42 -6.65 0.63
CA GLY A 58 10.83 -6.93 -0.67
C GLY A 58 9.34 -6.63 -0.72
N TYR A 59 8.84 -5.97 0.33
CA TYR A 59 7.43 -5.62 0.41
C TYR A 59 7.22 -4.39 1.28
N GLY A 60 6.14 -3.67 1.01
CA GLY A 60 5.85 -2.47 1.79
C GLY A 60 4.36 -2.22 1.91
N PHE A 61 4.00 -1.06 2.45
CA PHE A 61 2.60 -0.70 2.64
C PHE A 61 2.32 0.71 2.10
N VAL A 62 1.15 0.88 1.49
CA VAL A 62 0.77 2.17 0.93
C VAL A 62 -0.72 2.45 1.17
N SER A 63 -0.99 3.34 2.11
CA SER A 63 -2.38 3.70 2.43
C SER A 63 -2.89 4.81 1.51
N PHE A 64 -4.18 4.77 1.22
CA PHE A 64 -4.79 5.76 0.35
C PHE A 64 -6.03 6.37 1.00
N TYR A 65 -6.09 7.70 1.03
CA TYR A 65 -7.21 8.40 1.63
C TYR A 65 -8.54 7.76 1.22
N ASN A 66 -8.68 7.49 -0.08
CA ASN A 66 -9.90 6.88 -0.60
C ASN A 66 -9.61 5.48 -1.15
N LYS A 67 -10.65 4.84 -1.68
CA LYS A 67 -10.51 3.50 -2.24
C LYS A 67 -10.08 3.56 -3.70
N LEU A 68 -10.78 4.38 -4.48
CA LEU A 68 -10.48 4.54 -5.90
C LEU A 68 -8.99 4.80 -6.11
N ASP A 69 -8.51 5.94 -5.62
CA ASP A 69 -7.11 6.31 -5.75
C ASP A 69 -6.21 5.09 -5.55
N ALA A 70 -6.42 4.38 -4.45
CA ALA A 70 -5.62 3.20 -4.14
C ALA A 70 -5.78 2.13 -5.23
N GLU A 71 -7.02 1.71 -5.46
CA GLU A 71 -7.30 0.69 -6.47
C GLU A 71 -6.52 0.97 -7.74
N ASN A 72 -6.57 2.22 -8.20
CA ASN A 72 -5.87 2.61 -9.42
C ASN A 72 -4.45 2.05 -9.43
N ALA A 73 -3.72 2.26 -8.35
CA ALA A 73 -2.34 1.77 -8.23
C ALA A 73 -2.30 0.26 -8.32
N ILE A 74 -3.10 -0.40 -7.48
CA ILE A 74 -3.15 -1.86 -7.46
C ILE A 74 -3.19 -2.43 -8.88
N VAL A 75 -3.94 -1.76 -9.75
CA VAL A 75 -4.06 -2.21 -11.14
C VAL A 75 -2.82 -1.83 -11.95
N HIS A 76 -2.40 -0.58 -11.83
CA HIS A 76 -1.23 -0.08 -12.54
C HIS A 76 0.04 -0.66 -11.94
N MET A 77 0.34 -0.29 -10.71
CA MET A 77 1.53 -0.76 -10.02
C MET A 77 1.73 -2.26 -10.26
N GLY A 78 0.67 -3.03 -10.04
CA GLY A 78 0.75 -4.47 -10.23
C GLY A 78 1.58 -4.84 -11.44
N GLY A 79 2.85 -5.16 -11.22
CA GLY A 79 3.73 -5.53 -12.31
C GLY A 79 4.49 -4.35 -12.87
N GLN A 80 3.88 -3.17 -12.80
CA GLN A 80 4.51 -1.96 -13.31
C GLN A 80 6.00 -1.94 -12.97
N TRP A 81 6.78 -1.21 -13.78
CA TRP A 81 8.21 -1.11 -13.57
C TRP A 81 8.57 0.19 -12.86
N LEU A 82 8.61 0.13 -11.53
CA LEU A 82 8.94 1.31 -10.73
C LEU A 82 10.45 1.46 -10.58
N GLY A 83 11.05 0.59 -9.77
CA GLY A 83 12.49 0.66 -9.56
C GLY A 83 13.19 -0.61 -9.99
N GLY A 84 14.07 -0.49 -10.99
CA GLY A 84 14.79 -1.65 -11.48
C GLY A 84 13.87 -2.77 -11.93
N ARG A 85 13.59 -3.69 -11.01
CA ARG A 85 12.71 -4.82 -11.32
C ARG A 85 11.23 -4.41 -11.23
N GLN A 86 10.35 -5.37 -11.43
CA GLN A 86 8.92 -5.11 -11.37
C GLN A 86 8.41 -5.12 -9.93
N ILE A 87 7.13 -4.83 -9.75
CA ILE A 87 6.53 -4.81 -8.42
C ILE A 87 5.19 -5.54 -8.41
N ARG A 88 4.62 -5.70 -7.22
CA ARG A 88 3.34 -6.38 -7.07
C ARG A 88 2.42 -5.62 -6.11
N THR A 89 1.13 -5.87 -6.22
CA THR A 89 0.14 -5.21 -5.37
C THR A 89 -0.94 -6.18 -4.92
N ASN A 90 -1.57 -5.88 -3.79
CA ASN A 90 -2.63 -6.73 -3.26
C ASN A 90 -3.45 -5.98 -2.21
N TRP A 91 -4.59 -6.56 -1.83
CA TRP A 91 -5.47 -5.95 -0.84
C TRP A 91 -5.17 -6.49 0.55
N ALA A 92 -4.52 -5.67 1.38
CA ALA A 92 -4.18 -6.07 2.74
C ALA A 92 -5.43 -6.11 3.62
N THR A 93 -5.91 -7.31 3.90
CA THR A 93 -7.10 -7.48 4.73
C THR A 93 -6.99 -8.75 5.57
N ARG A 94 -7.21 -8.61 6.88
CA ARG A 94 -7.15 -9.75 7.80
C ARG A 94 -8.47 -10.50 7.82
N LYS A 95 -8.40 -11.83 7.74
CA LYS A 95 -9.59 -12.67 7.75
C LYS A 95 -9.22 -14.14 7.88
N PRO A 96 -9.90 -14.84 8.79
CA PRO A 96 -9.66 -16.27 9.04
C PRO A 96 -10.12 -17.14 7.88
N PRO A 97 -9.32 -18.16 7.55
CA PRO A 97 -9.62 -19.09 6.47
C PRO A 97 -10.81 -19.99 6.78
N ALA A 98 -11.14 -20.89 5.86
CA ALA A 98 -12.26 -21.81 6.03
C ALA A 98 -11.85 -23.24 5.67
N PRO A 99 -12.43 -24.22 6.38
CA PRO A 99 -12.14 -25.64 6.14
C PRO A 99 -12.71 -26.13 4.82
N SER A 100 -11.88 -26.81 4.04
CA SER A 100 -12.29 -27.33 2.74
C SER A 100 -11.62 -28.68 2.46
N GLY A 101 -12.22 -29.45 1.56
CA GLY A 101 -11.67 -30.75 1.21
C GLY A 101 -12.64 -31.88 1.49
N PRO A 102 -12.61 -32.91 0.64
CA PRO A 102 -13.49 -34.08 0.77
C PRO A 102 -13.13 -34.94 1.99
N SER A 103 -11.93 -34.73 2.52
CA SER A 103 -11.45 -35.50 3.67
C SER A 103 -11.63 -36.99 3.44
N SER A 104 -11.42 -37.43 2.20
CA SER A 104 -11.56 -38.83 1.86
C SER A 104 -10.19 -39.43 1.51
N GLY A 105 -9.53 -38.86 0.51
CA GLY A 105 -8.23 -39.35 0.10
C GLY A 105 -8.22 -39.83 -1.34
N GLY A 1 -20.89 7.08 11.66
CA GLY A 1 -20.34 8.37 11.32
C GLY A 1 -19.30 8.84 12.32
N SER A 2 -18.16 9.33 11.82
CA SER A 2 -17.09 9.80 12.67
C SER A 2 -16.30 10.92 11.99
N SER A 3 -16.00 11.97 12.74
CA SER A 3 -15.26 13.11 12.22
C SER A 3 -13.84 13.14 12.78
N GLY A 4 -12.89 12.63 12.01
CA GLY A 4 -11.51 12.61 12.44
C GLY A 4 -10.84 13.96 12.28
N SER A 5 -9.79 14.00 11.46
CA SER A 5 -9.04 15.24 11.23
C SER A 5 -8.75 15.95 12.55
N SER A 6 -8.17 15.21 13.49
CA SER A 6 -7.84 15.77 14.80
C SER A 6 -6.34 15.70 15.05
N GLY A 7 -5.80 16.73 15.70
CA GLY A 7 -4.39 16.77 15.99
C GLY A 7 -3.53 16.86 14.74
N GLN A 8 -2.23 16.65 14.90
CA GLN A 8 -1.31 16.71 13.77
C GLN A 8 -0.90 15.31 13.33
N LYS A 9 -1.38 14.31 14.05
CA LYS A 9 -1.07 12.92 13.74
C LYS A 9 -1.99 12.37 12.66
N LYS A 10 -1.43 12.13 11.48
CA LYS A 10 -2.21 11.61 10.36
C LYS A 10 -2.35 10.09 10.45
N ASP A 11 -2.67 9.60 11.64
CA ASP A 11 -2.84 8.17 11.87
C ASP A 11 -4.01 7.63 11.06
N THR A 12 -3.76 6.56 10.32
CA THR A 12 -4.81 5.94 9.50
C THR A 12 -5.91 5.35 10.37
N SER A 13 -7.15 5.71 10.05
CA SER A 13 -8.30 5.22 10.81
C SER A 13 -9.34 4.60 9.87
N ASN A 14 -9.69 5.34 8.82
CA ASN A 14 -10.68 4.87 7.86
C ASN A 14 -10.14 4.95 6.43
N HIS A 15 -8.84 4.66 6.29
CA HIS A 15 -8.20 4.69 4.99
C HIS A 15 -7.95 3.29 4.46
N PHE A 16 -7.85 3.16 3.14
CA PHE A 16 -7.62 1.86 2.52
C PHE A 16 -6.12 1.56 2.43
N HIS A 17 -5.73 0.41 2.98
CA HIS A 17 -4.32 0.00 2.97
C HIS A 17 -4.02 -0.88 1.76
N VAL A 18 -2.91 -0.60 1.09
CA VAL A 18 -2.50 -1.35 -0.09
C VAL A 18 -1.20 -2.10 0.17
N PHE A 19 -1.20 -3.40 -0.11
CA PHE A 19 -0.01 -4.22 0.08
C PHE A 19 0.85 -4.24 -1.19
N VAL A 20 2.14 -3.99 -1.01
CA VAL A 20 3.08 -3.98 -2.13
C VAL A 20 4.17 -5.03 -1.95
N GLY A 21 4.43 -5.79 -3.01
CA GLY A 21 5.45 -6.83 -2.96
C GLY A 21 6.49 -6.67 -4.05
N ASP A 22 7.43 -7.60 -4.09
CA ASP A 22 8.50 -7.58 -5.08
C ASP A 22 9.10 -6.17 -5.20
N LEU A 23 9.35 -5.55 -4.05
CA LEU A 23 9.91 -4.21 -4.03
C LEU A 23 11.43 -4.26 -4.24
N SER A 24 11.85 -4.03 -5.48
CA SER A 24 13.26 -4.05 -5.82
C SER A 24 14.11 -3.48 -4.69
N PRO A 25 15.38 -3.92 -4.62
CA PRO A 25 16.31 -3.47 -3.58
C PRO A 25 16.72 -2.01 -3.77
N GLU A 26 16.44 -1.47 -4.95
CA GLU A 26 16.78 -0.09 -5.25
C GLU A 26 15.64 0.85 -4.87
N ILE A 27 14.54 0.28 -4.41
CA ILE A 27 13.37 1.06 -4.02
C ILE A 27 13.59 1.71 -2.65
N THR A 28 12.86 2.79 -2.40
CA THR A 28 12.97 3.50 -1.12
C THR A 28 11.61 4.00 -0.66
N THR A 29 11.51 4.30 0.63
CA THR A 29 10.26 4.78 1.21
C THR A 29 9.76 6.03 0.48
N GLU A 30 10.70 6.84 0.01
CA GLU A 30 10.37 8.07 -0.71
C GLU A 30 9.88 7.76 -2.12
N ASP A 31 10.51 6.78 -2.76
CA ASP A 31 10.14 6.37 -4.11
C ASP A 31 8.65 6.02 -4.19
N ILE A 32 8.25 5.05 -3.37
CA ILE A 32 6.86 4.62 -3.35
C ILE A 32 5.92 5.80 -3.15
N LYS A 33 6.31 6.73 -2.30
CA LYS A 33 5.50 7.92 -2.02
C LYS A 33 5.34 8.76 -3.28
N SER A 34 6.42 8.92 -4.03
CA SER A 34 6.40 9.71 -5.26
C SER A 34 6.04 8.83 -6.46
N ALA A 35 6.04 7.52 -6.25
CA ALA A 35 5.71 6.57 -7.30
C ALA A 35 4.23 6.23 -7.31
N PHE A 36 3.58 6.40 -6.15
CA PHE A 36 2.16 6.10 -6.02
C PHE A 36 1.35 7.38 -5.97
N ALA A 37 2.04 8.52 -5.91
CA ALA A 37 1.37 9.82 -5.86
C ALA A 37 0.42 9.99 -7.04
N PRO A 38 0.89 9.65 -8.24
CA PRO A 38 0.09 9.75 -9.46
C PRO A 38 -1.31 9.14 -9.30
N PHE A 39 -1.46 8.30 -8.29
CA PHE A 39 -2.74 7.65 -8.02
C PHE A 39 -3.60 8.50 -7.09
N GLY A 40 -3.01 8.92 -5.97
CA GLY A 40 -3.72 9.72 -5.01
C GLY A 40 -2.88 10.07 -3.80
N LYS A 41 -3.35 11.04 -3.02
CA LYS A 41 -2.63 11.46 -1.82
C LYS A 41 -2.27 10.27 -0.95
N ILE A 42 -1.02 10.21 -0.52
CA ILE A 42 -0.54 9.12 0.32
C ILE A 42 -0.50 9.54 1.79
N SER A 43 -1.30 8.86 2.62
CA SER A 43 -1.36 9.17 4.04
C SER A 43 -0.28 8.40 4.80
N ASP A 44 0.06 7.21 4.31
CA ASP A 44 1.07 6.37 4.94
C ASP A 44 1.74 5.48 3.91
N ALA A 45 3.07 5.59 3.81
CA ALA A 45 3.84 4.78 2.88
C ALA A 45 5.23 4.49 3.41
N ARG A 46 5.51 3.23 3.68
CA ARG A 46 6.81 2.82 4.20
C ARG A 46 7.27 1.51 3.57
N VAL A 47 8.58 1.29 3.54
CA VAL A 47 9.14 0.07 2.97
C VAL A 47 9.78 -0.79 4.04
N VAL A 48 9.05 -1.83 4.47
CA VAL A 48 9.55 -2.74 5.49
C VAL A 48 10.92 -3.29 5.12
N LYS A 49 11.89 -3.08 6.00
CA LYS A 49 13.25 -3.55 5.77
C LYS A 49 13.66 -4.57 6.83
N ASP A 50 14.63 -5.41 6.48
CA ASP A 50 15.12 -6.44 7.41
C ASP A 50 15.64 -5.80 8.70
N MET A 51 15.55 -6.54 9.79
CA MET A 51 16.00 -6.06 11.09
C MET A 51 17.42 -6.54 11.38
N ALA A 52 18.11 -7.00 10.35
CA ALA A 52 19.47 -7.48 10.48
C ALA A 52 20.40 -6.87 9.43
N THR A 53 20.03 -7.05 8.17
CA THR A 53 20.83 -6.51 7.07
C THR A 53 20.47 -5.06 6.79
N GLY A 54 19.23 -4.68 7.09
CA GLY A 54 18.78 -3.32 6.86
C GLY A 54 18.42 -3.07 5.41
N LYS A 55 18.10 -4.13 4.69
CA LYS A 55 17.74 -4.01 3.28
C LYS A 55 16.25 -4.26 3.08
N SER A 56 15.75 -3.93 1.89
CA SER A 56 14.34 -4.12 1.58
C SER A 56 13.93 -5.57 1.76
N LYS A 57 13.00 -5.81 2.68
CA LYS A 57 12.52 -7.15 2.96
C LYS A 57 11.88 -7.77 1.72
N GLY A 58 11.14 -6.96 0.97
CA GLY A 58 10.49 -7.44 -0.24
C GLY A 58 9.00 -7.13 -0.26
N TYR A 59 8.59 -6.20 0.60
CA TYR A 59 7.19 -5.80 0.67
C TYR A 59 7.03 -4.51 1.46
N GLY A 60 5.97 -3.75 1.13
CA GLY A 60 5.72 -2.49 1.82
C GLY A 60 4.25 -2.23 2.01
N PHE A 61 3.92 -1.03 2.48
CA PHE A 61 2.54 -0.65 2.71
C PHE A 61 2.28 0.78 2.26
N VAL A 62 1.13 1.01 1.63
CA VAL A 62 0.77 2.33 1.15
C VAL A 62 -0.74 2.56 1.27
N SER A 63 -1.12 3.42 2.22
CA SER A 63 -2.53 3.73 2.44
C SER A 63 -2.99 4.86 1.52
N PHE A 64 -4.28 4.89 1.24
CA PHE A 64 -4.85 5.92 0.38
C PHE A 64 -6.09 6.56 1.03
N TYR A 65 -6.22 7.86 0.84
CA TYR A 65 -7.35 8.59 1.41
C TYR A 65 -8.67 8.06 0.87
N ASN A 66 -8.66 7.60 -0.38
CA ASN A 66 -9.86 7.07 -1.01
C ASN A 66 -9.60 5.67 -1.54
N LYS A 67 -10.68 4.93 -1.82
CA LYS A 67 -10.58 3.58 -2.33
C LYS A 67 -10.16 3.59 -3.81
N LEU A 68 -10.83 4.42 -4.60
CA LEU A 68 -10.54 4.53 -6.01
C LEU A 68 -9.05 4.77 -6.25
N ASP A 69 -8.47 5.65 -5.44
CA ASP A 69 -7.05 5.97 -5.54
C ASP A 69 -6.19 4.73 -5.32
N ALA A 70 -6.65 3.84 -4.44
CA ALA A 70 -5.93 2.61 -4.14
C ALA A 70 -6.07 1.60 -5.28
N GLU A 71 -7.29 1.44 -5.79
CA GLU A 71 -7.55 0.51 -6.87
C GLU A 71 -6.69 0.86 -8.10
N ASN A 72 -6.60 2.15 -8.41
CA ASN A 72 -5.82 2.61 -9.54
C ASN A 72 -4.40 2.06 -9.49
N ALA A 73 -3.72 2.30 -8.37
CA ALA A 73 -2.35 1.83 -8.20
C ALA A 73 -2.29 0.30 -8.23
N ILE A 74 -3.06 -0.33 -7.36
CA ILE A 74 -3.10 -1.79 -7.29
C ILE A 74 -3.10 -2.41 -8.68
N VAL A 75 -3.82 -1.77 -9.60
CA VAL A 75 -3.91 -2.24 -10.98
C VAL A 75 -2.68 -1.86 -11.78
N HIS A 76 -2.42 -0.56 -11.87
CA HIS A 76 -1.27 -0.05 -12.61
C HIS A 76 0.03 -0.60 -12.03
N MET A 77 0.33 -0.21 -10.80
CA MET A 77 1.54 -0.67 -10.12
C MET A 77 1.78 -2.15 -10.37
N GLY A 78 0.74 -2.95 -10.19
CA GLY A 78 0.85 -4.38 -10.39
C GLY A 78 1.76 -4.73 -11.56
N GLY A 79 2.97 -5.19 -11.26
CA GLY A 79 3.91 -5.55 -12.30
C GLY A 79 4.68 -4.35 -12.82
N GLN A 80 4.04 -3.18 -12.80
CA GLN A 80 4.68 -1.96 -13.29
C GLN A 80 6.15 -1.93 -12.90
N TRP A 81 6.95 -1.29 -13.75
CA TRP A 81 8.39 -1.19 -13.50
C TRP A 81 8.73 0.13 -12.82
N LEU A 82 8.80 0.10 -11.49
CA LEU A 82 9.12 1.30 -10.71
C LEU A 82 10.62 1.47 -10.57
N GLY A 83 11.24 0.59 -9.79
CA GLY A 83 12.67 0.65 -9.57
C GLY A 83 13.36 -0.66 -9.89
N GLY A 84 14.27 -0.62 -10.86
CA GLY A 84 14.99 -1.83 -11.24
C GLY A 84 14.06 -2.95 -11.68
N ARG A 85 13.73 -3.84 -10.75
CA ARG A 85 12.84 -4.96 -11.04
C ARG A 85 11.38 -4.54 -10.92
N GLN A 86 10.48 -5.42 -11.36
CA GLN A 86 9.05 -5.14 -11.30
C GLN A 86 8.56 -5.12 -9.85
N ILE A 87 7.30 -4.73 -9.66
CA ILE A 87 6.72 -4.66 -8.33
C ILE A 87 5.37 -5.38 -8.30
N ARG A 88 4.89 -5.67 -7.08
CA ARG A 88 3.62 -6.35 -6.91
C ARG A 88 2.69 -5.54 -6.00
N THR A 89 1.39 -5.77 -6.14
CA THR A 89 0.39 -5.07 -5.34
C THR A 89 -0.78 -5.97 -5.00
N ASN A 90 -1.49 -5.64 -3.93
CA ASN A 90 -2.64 -6.42 -3.49
C ASN A 90 -3.35 -5.75 -2.33
N TRP A 91 -4.50 -6.30 -1.94
CA TRP A 91 -5.27 -5.75 -0.83
C TRP A 91 -4.86 -6.39 0.50
N ALA A 92 -4.17 -5.61 1.33
CA ALA A 92 -3.72 -6.10 2.62
C ALA A 92 -4.83 -6.87 3.35
N THR A 93 -5.97 -6.22 3.54
CA THR A 93 -7.10 -6.84 4.20
C THR A 93 -8.23 -7.13 3.22
N ARG A 94 -8.81 -8.33 3.34
CA ARG A 94 -9.90 -8.74 2.46
C ARG A 94 -11.09 -9.23 3.27
N LYS A 95 -12.25 -8.62 3.03
CA LYS A 95 -13.47 -9.00 3.74
C LYS A 95 -14.41 -9.77 2.81
N PRO A 96 -14.23 -11.10 2.74
CA PRO A 96 -15.05 -11.97 1.91
C PRO A 96 -16.47 -12.10 2.44
N PRO A 97 -17.45 -11.81 1.57
CA PRO A 97 -18.88 -11.89 1.92
C PRO A 97 -19.34 -13.33 2.12
N ALA A 98 -20.49 -13.49 2.76
CA ALA A 98 -21.06 -14.81 3.02
C ALA A 98 -21.99 -15.23 1.89
N PRO A 99 -22.19 -16.55 1.75
CA PRO A 99 -23.06 -17.11 0.72
C PRO A 99 -24.54 -16.83 0.98
N SER A 100 -24.81 -16.08 2.05
CA SER A 100 -26.17 -15.74 2.42
C SER A 100 -26.67 -14.55 1.60
N GLY A 101 -27.95 -14.58 1.24
CA GLY A 101 -28.52 -13.49 0.46
C GLY A 101 -29.67 -13.96 -0.42
N PRO A 102 -30.67 -13.09 -0.62
CA PRO A 102 -31.84 -13.39 -1.44
C PRO A 102 -31.49 -13.49 -2.93
N SER A 103 -32.43 -13.98 -3.72
CA SER A 103 -32.22 -14.12 -5.15
C SER A 103 -33.48 -13.74 -5.93
N SER A 104 -33.32 -13.45 -7.21
CA SER A 104 -34.45 -13.07 -8.06
C SER A 104 -34.47 -13.89 -9.34
N GLY A 105 -35.65 -14.33 -9.74
CA GLY A 105 -35.79 -15.13 -10.94
C GLY A 105 -35.08 -16.46 -10.84
#